data_4C0E
#
_entry.id   4C0E
#
_cell.length_a   77.750
_cell.length_b   127.220
_cell.length_c   130.200
_cell.angle_alpha   90.00
_cell.angle_beta   93.07
_cell.angle_gamma   90.00
#
_symmetry.space_group_name_H-M   'P 1 21 1'
#
_entity_poly.entity_id   1
_entity_poly.type   'polypeptide(L)'
_entity_poly.pdbx_seq_one_letter_code
;NLYFQGH(MSE)LEAAHLLEQ(MSE)EYVFDEWIHLCNNPHATERAA(MSE)IFVHQLHSVQLVTNRDEFLLFLRHALDK
SVERFEQGIHSGASIAESFQAVEALVKLIIIFVKSHQDSEDKDPSAAVAF(MSE)DSILALGVLVANSHHVKRGENFNQR
VFYRFFALLLHEVGLLAGHFSKSHYEQIILNFAARLFD(MSE)RPNLLPGFACAWAGLVSHRAFLPVILGLPDEKGWAPF
TKLLEQFLGCVGELVKTFTVSSLGKE(MSE)YHAALKILIVLQHDFPIYLDKFRVQLCQSLPLHATQLVNLILAAIPPNC
NSLADPFQAGLKVDKIPD(MSE)KERPPTAFDSAGLLREAGLLDILER(MSE)LQNGPSEDGVAQINHAINKSDGESTSF
GYVPLGVNRRLIDAVVARFAEFAINRASSRSDSAIFVAGANDIKTLQ(MSE)LVTEVSPEARYYLVSS(MSE)VNELRYP
NAYTNYFSQALLDIFGHD(MSE)SDPEENLVREQIVRVLLERVLGYWPQPWGLIITILELLKNDKYLFFELPFIKATPEV
AERFTALARSAA
;
_entity_poly.pdbx_strand_id   A,B,C,D
#
# COMPACT_ATOMS: atom_id res chain seq x y z
N LEU A 9 -13.19 12.31 -12.09
CA LEU A 9 -14.50 11.69 -12.16
C LEU A 9 -15.55 12.51 -11.42
N GLU A 10 -15.58 12.39 -10.09
CA GLU A 10 -16.50 13.15 -9.27
C GLU A 10 -16.15 14.63 -9.28
N ALA A 11 -14.90 14.93 -9.64
CA ALA A 11 -14.40 16.30 -9.66
C ALA A 11 -15.13 17.15 -10.71
N ALA A 12 -15.59 16.50 -11.77
CA ALA A 12 -16.31 17.20 -12.84
C ALA A 12 -17.64 17.74 -12.33
N HIS A 13 -18.27 17.01 -11.41
CA HIS A 13 -19.53 17.42 -10.83
C HIS A 13 -19.37 18.63 -9.92
N LEU A 14 -18.27 18.66 -9.19
CA LEU A 14 -17.98 19.76 -8.26
C LEU A 14 -17.87 21.09 -9.01
N LEU A 15 -17.16 21.08 -10.14
CA LEU A 15 -16.97 22.28 -10.95
C LEU A 15 -18.30 22.77 -11.54
N GLU A 16 -19.16 21.82 -11.90
CA GLU A 16 -20.47 22.16 -12.44
C GLU A 16 -21.36 22.77 -11.37
N GLN A 17 -21.07 22.46 -10.11
CA GLN A 17 -21.81 23.03 -8.99
C GLN A 17 -21.34 24.46 -8.72
N GLU A 19 -19.98 26.46 -10.90
CA GLU A 19 -20.42 27.27 -12.03
C GLU A 19 -21.88 27.66 -11.89
N TYR A 20 -22.69 26.73 -11.41
CA TYR A 20 -24.12 26.96 -11.21
C TYR A 20 -24.38 28.04 -10.17
N VAL A 21 -23.61 28.03 -9.10
CA VAL A 21 -23.72 29.02 -8.03
C VAL A 21 -23.41 30.42 -8.54
N PHE A 22 -22.33 30.54 -9.31
CA PHE A 22 -21.91 31.82 -9.85
C PHE A 22 -22.92 32.38 -10.85
N ASP A 23 -23.56 31.49 -11.60
CA ASP A 23 -24.60 31.89 -12.55
C ASP A 23 -25.79 32.53 -11.85
N GLU A 24 -26.18 31.95 -10.72
CA GLU A 24 -27.29 32.46 -9.93
C GLU A 24 -26.96 33.83 -9.35
N TRP A 25 -25.69 34.01 -8.98
CA TRP A 25 -25.22 35.28 -8.43
C TRP A 25 -25.26 36.39 -9.47
N ILE A 26 -24.90 36.07 -10.70
CA ILE A 26 -24.94 37.04 -11.79
C ILE A 26 -26.37 37.48 -12.06
N HIS A 27 -27.28 36.52 -12.10
CA HIS A 27 -28.69 36.78 -12.38
C HIS A 27 -29.30 37.71 -11.32
N LEU A 28 -28.85 37.57 -10.08
CA LEU A 28 -29.33 38.41 -8.99
C LEU A 28 -28.84 39.84 -9.16
N CYS A 29 -27.62 39.98 -9.67
CA CYS A 29 -27.04 41.30 -9.89
C CYS A 29 -27.67 41.98 -11.10
N ASN A 30 -28.08 41.18 -12.08
CA ASN A 30 -28.70 41.70 -13.30
C ASN A 30 -30.18 42.04 -13.12
N ASN A 31 -30.84 41.31 -12.22
CA ASN A 31 -32.26 41.54 -11.96
C ASN A 31 -32.52 42.84 -11.19
N PRO A 32 -33.20 43.79 -11.85
CA PRO A 32 -33.49 45.10 -11.23
C PRO A 32 -34.64 45.01 -10.25
N HIS A 33 -35.45 43.95 -10.36
CA HIS A 33 -36.59 43.76 -9.48
C HIS A 33 -36.20 43.02 -8.20
N ALA A 34 -34.90 42.94 -7.96
CA ALA A 34 -34.39 42.26 -6.76
C ALA A 34 -34.11 43.26 -5.65
N THR A 35 -34.50 42.91 -4.43
CA THR A 35 -34.26 43.76 -3.27
C THR A 35 -32.79 43.71 -2.89
N GLU A 36 -32.31 44.73 -2.18
CA GLU A 36 -30.93 44.77 -1.72
C GLU A 36 -30.65 43.68 -0.69
N ARG A 37 -31.70 43.29 0.03
CA ARG A 37 -31.60 42.28 1.07
C ARG A 37 -31.29 40.90 0.49
N ALA A 38 -31.67 40.70 -0.77
CA ALA A 38 -31.51 39.41 -1.45
C ALA A 38 -30.05 38.99 -1.56
N ALA A 39 -29.16 39.95 -1.78
CA ALA A 39 -27.75 39.66 -1.98
C ALA A 39 -27.09 39.05 -0.76
N ILE A 41 -28.52 37.50 1.61
CA ILE A 41 -29.14 36.19 1.88
C ILE A 41 -28.39 35.13 1.08
N PHE A 42 -27.98 35.48 -0.13
CA PHE A 42 -27.26 34.57 -1.01
C PHE A 42 -25.89 34.19 -0.44
N VAL A 43 -25.19 35.15 0.14
CA VAL A 43 -23.84 34.91 0.66
C VAL A 43 -23.84 34.12 1.97
N HIS A 44 -24.85 34.34 2.80
CA HIS A 44 -24.98 33.59 4.04
C HIS A 44 -25.38 32.16 3.74
N GLN A 45 -26.09 32.00 2.63
CA GLN A 45 -26.58 30.69 2.22
C GLN A 45 -25.45 29.84 1.66
N LEU A 46 -24.41 30.50 1.17
CA LEU A 46 -23.26 29.82 0.59
C LEU A 46 -22.56 28.90 1.59
N HIS A 47 -22.64 29.25 2.87
CA HIS A 47 -21.95 28.50 3.91
C HIS A 47 -22.87 27.48 4.60
N SER A 48 -24.16 27.77 4.62
CA SER A 48 -25.12 26.95 5.34
C SER A 48 -25.52 25.68 4.58
N VAL A 49 -25.66 25.80 3.25
CA VAL A 49 -26.05 24.66 2.43
C VAL A 49 -24.82 23.87 1.99
N GLN A 50 -23.71 24.11 2.67
CA GLN A 50 -22.44 23.40 2.42
C GLN A 50 -21.93 23.57 0.99
N LEU A 51 -22.31 24.67 0.35
CA LEU A 51 -21.81 24.99 -0.98
C LEU A 51 -20.36 25.42 -0.88
N VAL A 52 -20.07 26.24 0.13
CA VAL A 52 -18.71 26.67 0.42
C VAL A 52 -18.46 26.56 1.93
N THR A 53 -17.83 25.47 2.35
CA THR A 53 -17.57 25.23 3.76
C THR A 53 -16.21 25.76 4.18
N ASN A 54 -15.18 25.38 3.43
CA ASN A 54 -13.81 25.79 3.73
C ASN A 54 -13.33 26.96 2.88
N ARG A 55 -12.20 27.53 3.26
CA ARG A 55 -11.63 28.68 2.56
C ARG A 55 -11.10 28.27 1.20
N ASP A 56 -10.62 27.03 1.09
CA ASP A 56 -10.08 26.52 -0.16
C ASP A 56 -11.19 26.32 -1.19
N GLU A 57 -12.36 25.89 -0.72
CA GLU A 57 -13.50 25.68 -1.61
C GLU A 57 -14.03 27.00 -2.13
N PHE A 58 -13.78 28.07 -1.37
CA PHE A 58 -14.16 29.42 -1.79
C PHE A 58 -13.22 29.90 -2.89
N LEU A 59 -11.92 29.70 -2.67
CA LEU A 59 -10.92 30.07 -3.67
C LEU A 59 -11.17 29.33 -4.99
N LEU A 60 -11.43 28.03 -4.88
CA LEU A 60 -11.75 27.21 -6.04
C LEU A 60 -12.96 27.74 -6.78
N PHE A 61 -13.96 28.19 -6.01
CA PHE A 61 -15.14 28.82 -6.59
C PHE A 61 -14.75 30.11 -7.31
N LEU A 62 -13.81 30.84 -6.73
CA LEU A 62 -13.35 32.09 -7.32
C LEU A 62 -12.40 31.85 -8.49
N ARG A 63 -11.76 30.69 -8.52
CA ARG A 63 -10.94 30.31 -9.67
C ARG A 63 -11.82 30.07 -10.87
N HIS A 64 -12.92 29.35 -10.66
CA HIS A 64 -13.83 29.00 -11.73
C HIS A 64 -14.63 30.21 -12.19
N ALA A 65 -14.97 31.08 -11.24
CA ALA A 65 -15.77 32.27 -11.55
C ALA A 65 -15.02 33.26 -12.44
N LEU A 66 -13.75 33.48 -12.13
CA LEU A 66 -12.91 34.39 -12.91
C LEU A 66 -12.66 33.80 -14.30
N ASP A 67 -12.63 32.48 -14.37
CA ASP A 67 -12.46 31.79 -15.65
C ASP A 67 -13.70 31.97 -16.52
N LYS A 68 -14.87 31.84 -15.90
CA LYS A 68 -16.14 32.02 -16.61
C LYS A 68 -16.33 33.46 -17.05
N SER A 69 -15.87 34.39 -16.21
CA SER A 69 -15.98 35.81 -16.51
C SER A 69 -15.27 36.16 -17.81
N VAL A 70 -14.13 35.53 -18.05
CA VAL A 70 -13.37 35.75 -19.29
C VAL A 70 -14.13 35.16 -20.47
N GLU A 71 -14.67 33.95 -20.29
CA GLU A 71 -15.44 33.29 -21.33
C GLU A 71 -16.72 34.06 -21.66
N ARG A 72 -17.33 34.64 -20.63
CA ARG A 72 -18.55 35.43 -20.81
C ARG A 72 -18.27 36.71 -21.58
N PHE A 73 -17.10 37.30 -21.33
CA PHE A 73 -16.73 38.55 -21.99
C PHE A 73 -16.50 38.34 -23.49
N GLU A 74 -15.76 37.31 -23.84
CA GLU A 74 -15.50 36.99 -25.24
C GLU A 74 -16.79 36.63 -25.97
N GLN A 75 -17.70 36.00 -25.23
CA GLN A 75 -19.01 35.66 -25.77
C GLN A 75 -19.82 36.91 -26.09
N GLY A 76 -19.81 37.86 -25.16
CA GLY A 76 -20.55 39.09 -25.32
C GLY A 76 -20.03 39.96 -26.44
N ILE A 77 -18.71 40.09 -26.52
CA ILE A 77 -18.08 40.91 -27.55
C ILE A 77 -18.31 40.35 -28.94
N HIS A 78 -18.10 39.05 -29.10
CA HIS A 78 -18.30 38.40 -30.39
C HIS A 78 -19.76 38.44 -30.84
N SER A 79 -20.67 38.48 -29.86
CA SER A 79 -22.09 38.60 -30.17
C SER A 79 -22.40 39.96 -30.77
N GLY A 80 -21.65 40.97 -30.35
CA GLY A 80 -21.84 42.32 -30.85
C GLY A 80 -22.34 43.26 -29.77
N ALA A 81 -22.53 42.72 -28.58
CA ALA A 81 -23.03 43.51 -27.44
C ALA A 81 -22.00 44.56 -27.03
N SER A 82 -22.47 45.58 -26.33
CA SER A 82 -21.59 46.65 -25.87
C SER A 82 -20.55 46.13 -24.90
N ILE A 83 -19.43 46.84 -24.81
CA ILE A 83 -18.32 46.41 -23.96
C ILE A 83 -18.68 46.49 -22.48
N ALA A 84 -19.63 47.35 -22.15
CA ALA A 84 -20.10 47.48 -20.77
C ALA A 84 -21.01 46.32 -20.41
N GLU A 85 -21.76 45.84 -21.40
CA GLU A 85 -22.67 44.72 -21.21
C GLU A 85 -21.91 43.42 -20.95
N SER A 86 -20.76 43.27 -21.60
CA SER A 86 -19.96 42.06 -21.49
C SER A 86 -19.17 42.02 -20.19
N PHE A 87 -18.90 43.19 -19.62
CA PHE A 87 -18.12 43.30 -18.39
C PHE A 87 -18.90 42.89 -17.15
N GLN A 88 -20.22 42.74 -17.30
CA GLN A 88 -21.09 42.50 -16.14
C GLN A 88 -20.77 41.21 -15.39
N ALA A 89 -20.18 40.24 -16.10
CA ALA A 89 -19.81 38.97 -15.48
C ALA A 89 -18.65 39.14 -14.50
N VAL A 90 -17.58 39.79 -14.95
CA VAL A 90 -16.43 40.02 -14.09
C VAL A 90 -16.72 41.07 -13.02
N GLU A 91 -17.61 42.00 -13.34
CA GLU A 91 -18.01 43.04 -12.40
C GLU A 91 -18.83 42.46 -11.25
N ALA A 92 -19.66 41.48 -11.56
CA ALA A 92 -20.46 40.80 -10.53
C ALA A 92 -19.56 40.00 -9.60
N LEU A 93 -18.47 39.48 -10.16
CA LEU A 93 -17.50 38.72 -9.37
C LEU A 93 -16.78 39.62 -8.37
N VAL A 94 -16.35 40.79 -8.83
CA VAL A 94 -15.66 41.75 -7.97
C VAL A 94 -16.58 42.24 -6.85
N LYS A 95 -17.85 42.44 -7.18
CA LYS A 95 -18.82 42.89 -6.18
C LYS A 95 -18.96 41.86 -5.06
N LEU A 96 -19.05 40.59 -5.42
CA LEU A 96 -19.12 39.50 -4.46
C LEU A 96 -17.86 39.45 -3.62
N ILE A 97 -16.72 39.71 -4.26
CA ILE A 97 -15.43 39.75 -3.59
C ILE A 97 -15.38 40.86 -2.54
N ILE A 98 -15.86 42.04 -2.90
CA ILE A 98 -15.86 43.19 -1.99
C ILE A 98 -16.77 42.95 -0.77
N ILE A 99 -17.84 42.19 -0.97
CA ILE A 99 -18.74 41.86 0.13
C ILE A 99 -18.01 41.13 1.26
N PHE A 100 -17.08 40.25 0.88
CA PHE A 100 -16.33 39.46 1.86
C PHE A 100 -15.22 40.26 2.55
N VAL A 101 -14.64 41.23 1.85
CA VAL A 101 -13.55 42.01 2.42
C VAL A 101 -14.09 43.05 3.42
N LYS A 102 -15.38 43.37 3.30
CA LYS A 102 -16.01 44.30 4.24
C LYS A 102 -16.65 43.56 5.41
N SER A 103 -16.64 42.23 5.34
CA SER A 103 -17.22 41.41 6.39
C SER A 103 -16.33 41.37 7.64
N HIS A 104 -15.10 41.89 7.50
CA HIS A 104 -14.17 41.95 8.62
C HIS A 104 -14.09 43.36 9.19
N SER A 113 -3.92 40.39 10.08
CA SER A 113 -5.19 40.80 9.47
C SER A 113 -5.67 39.77 8.46
N ALA A 114 -6.91 39.32 8.64
CA ALA A 114 -7.50 38.33 7.75
C ALA A 114 -7.85 38.94 6.39
N ALA A 115 -8.24 40.21 6.42
CA ALA A 115 -8.64 40.91 5.20
C ALA A 115 -7.45 41.11 4.25
N VAL A 116 -6.28 41.38 4.82
CA VAL A 116 -5.07 41.54 4.03
C VAL A 116 -4.67 40.21 3.38
N ALA A 117 -4.77 39.14 4.16
CA ALA A 117 -4.46 37.80 3.66
C ALA A 117 -5.52 37.35 2.66
N PHE A 118 -6.74 37.86 2.81
CA PHE A 118 -7.83 37.53 1.90
C PHE A 118 -7.64 38.27 0.56
N ASP A 120 -4.74 39.37 -0.62
CA ASP A 120 -3.53 38.86 -1.24
C ASP A 120 -3.80 37.56 -2.00
N SER A 121 -4.65 36.71 -1.43
CA SER A 121 -4.97 35.43 -2.04
C SER A 121 -5.74 35.61 -3.34
N ILE A 122 -6.59 36.63 -3.40
CA ILE A 122 -7.37 36.92 -4.58
C ILE A 122 -6.51 37.54 -5.68
N LEU A 123 -5.55 38.36 -5.27
CA LEU A 123 -4.59 38.94 -6.20
C LEU A 123 -3.76 37.84 -6.85
N ALA A 124 -3.23 36.94 -6.03
CA ALA A 124 -2.46 35.81 -6.50
C ALA A 124 -3.32 34.90 -7.36
N LEU A 125 -4.61 34.87 -7.05
CA LEU A 125 -5.58 34.10 -7.83
C LEU A 125 -5.71 34.65 -9.24
N GLY A 126 -5.88 35.97 -9.34
CA GLY A 126 -6.01 36.63 -10.62
C GLY A 126 -4.80 36.39 -11.50
N VAL A 127 -3.63 36.36 -10.86
CA VAL A 127 -2.38 36.10 -11.55
C VAL A 127 -2.38 34.69 -12.16
N LEU A 128 -2.84 33.73 -11.37
CA LEU A 128 -2.88 32.33 -11.81
C LEU A 128 -3.79 32.15 -13.01
N VAL A 129 -4.95 32.81 -12.98
CA VAL A 129 -5.92 32.71 -14.06
C VAL A 129 -5.43 33.44 -15.31
N ALA A 130 -4.79 34.58 -15.10
CA ALA A 130 -4.24 35.35 -16.22
C ALA A 130 -3.16 34.56 -16.93
N ASN A 131 -2.27 33.93 -16.16
CA ASN A 131 -1.23 33.08 -16.72
C ASN A 131 -1.82 31.85 -17.39
N SER A 132 -2.93 31.36 -16.86
CA SER A 132 -3.59 30.17 -17.40
C SER A 132 -4.12 30.44 -18.80
N HIS A 133 -4.79 31.57 -18.97
CA HIS A 133 -5.35 31.96 -20.26
C HIS A 133 -4.27 32.39 -21.25
N HIS A 134 -3.07 32.65 -20.72
CA HIS A 134 -1.94 33.00 -21.58
C HIS A 134 -1.19 31.75 -22.02
N VAL A 135 -1.16 30.75 -21.14
CA VAL A 135 -0.55 29.47 -21.45
C VAL A 135 -1.44 28.68 -22.41
N LYS A 136 -2.72 28.60 -22.08
CA LYS A 136 -3.69 27.88 -22.90
C LYS A 136 -3.96 28.62 -24.21
N ARG A 137 -4.02 29.94 -24.15
CA ARG A 137 -4.30 30.76 -25.32
C ARG A 137 -3.36 31.95 -25.42
N GLY A 138 -2.16 31.71 -25.95
CA GLY A 138 -1.16 32.75 -26.08
C GLY A 138 -1.57 33.88 -27.00
N GLU A 139 -1.99 33.53 -28.22
CA GLU A 139 -2.39 34.52 -29.20
C GLU A 139 -3.84 34.95 -29.01
N ASN A 140 -4.60 34.13 -28.29
CA ASN A 140 -6.01 34.42 -28.04
C ASN A 140 -6.25 35.06 -26.68
N PHE A 141 -5.19 35.63 -26.11
CA PHE A 141 -5.28 36.28 -24.80
C PHE A 141 -6.04 37.60 -24.90
N ASN A 142 -6.94 37.82 -23.95
CA ASN A 142 -7.68 39.08 -23.90
C ASN A 142 -7.34 39.87 -22.64
N GLN A 143 -6.70 41.02 -22.84
CA GLN A 143 -6.22 41.83 -21.72
C GLN A 143 -7.34 42.65 -21.09
N ARG A 144 -8.37 42.97 -21.90
CA ARG A 144 -9.45 43.85 -21.47
C ARG A 144 -10.15 43.37 -20.21
N VAL A 145 -10.53 42.11 -20.20
CA VAL A 145 -11.26 41.54 -19.06
C VAL A 145 -10.38 41.46 -17.81
N PHE A 146 -9.11 41.12 -18.00
CA PHE A 146 -8.18 41.01 -16.87
C PHE A 146 -7.78 42.38 -16.33
N TYR A 147 -7.68 43.37 -17.21
CA TYR A 147 -7.37 44.73 -16.80
C TYR A 147 -8.52 45.29 -15.97
N ARG A 148 -9.74 45.01 -16.41
CA ARG A 148 -10.95 45.47 -15.72
C ARG A 148 -11.02 44.87 -14.32
N PHE A 149 -10.57 43.63 -14.18
CA PHE A 149 -10.60 42.93 -12.91
C PHE A 149 -9.71 43.61 -11.88
N PHE A 150 -8.46 43.88 -12.26
CA PHE A 150 -7.51 44.51 -11.35
C PHE A 150 -7.79 46.00 -11.15
N ALA A 151 -8.33 46.65 -12.18
CA ALA A 151 -8.66 48.07 -12.10
C ALA A 151 -9.78 48.31 -11.10
N LEU A 152 -10.78 47.44 -11.13
CA LEU A 152 -11.91 47.55 -10.20
C LEU A 152 -11.44 47.32 -8.77
N LEU A 153 -10.61 46.30 -8.57
CA LEU A 153 -10.08 45.99 -7.25
C LEU A 153 -9.25 47.14 -6.69
N LEU A 154 -8.49 47.80 -7.56
CA LEU A 154 -7.71 48.96 -7.15
C LEU A 154 -8.63 50.09 -6.69
N HIS A 155 -9.72 50.30 -7.42
CA HIS A 155 -10.66 51.36 -7.12
C HIS A 155 -11.43 51.09 -5.83
N GLU A 156 -11.86 49.84 -5.65
CA GLU A 156 -12.65 49.48 -4.48
C GLU A 156 -11.85 49.55 -3.19
N VAL A 157 -10.60 49.10 -3.25
CA VAL A 157 -9.71 49.16 -2.08
C VAL A 157 -9.45 50.61 -1.66
N GLY A 158 -9.31 51.48 -2.66
CA GLY A 158 -9.13 52.90 -2.39
C GLY A 158 -10.32 53.51 -1.67
N LEU A 159 -11.51 52.98 -1.94
CA LEU A 159 -12.72 53.43 -1.27
C LEU A 159 -12.75 52.96 0.18
N LEU A 160 -12.16 51.79 0.43
CA LEU A 160 -12.13 51.22 1.77
C LEU A 160 -10.85 51.62 2.52
N ALA A 161 -10.26 52.73 2.13
CA ALA A 161 -9.03 53.21 2.75
C ALA A 161 -9.24 53.55 4.22
N GLY A 162 -10.40 54.12 4.53
CA GLY A 162 -10.73 54.50 5.89
C GLY A 162 -11.04 53.31 6.78
N HIS A 163 -11.48 52.21 6.16
CA HIS A 163 -11.84 51.01 6.91
C HIS A 163 -10.62 50.34 7.52
N PHE A 164 -9.64 50.00 6.67
CA PHE A 164 -8.41 49.36 7.13
C PHE A 164 -7.59 50.30 8.00
N SER A 165 -6.74 49.73 8.84
CA SER A 165 -5.81 50.52 9.63
C SER A 165 -4.71 51.06 8.71
N LYS A 166 -3.92 51.99 9.22
CA LYS A 166 -2.88 52.63 8.41
C LYS A 166 -1.80 51.62 8.00
N SER A 167 -1.56 50.62 8.83
CA SER A 167 -0.56 49.61 8.54
C SER A 167 -1.09 48.53 7.61
N HIS A 168 -2.35 48.15 7.81
CA HIS A 168 -2.97 47.11 6.99
C HIS A 168 -3.16 47.55 5.54
N TYR A 169 -3.49 48.83 5.36
CA TYR A 169 -3.70 49.36 4.02
C TYR A 169 -2.40 49.37 3.22
N GLU A 170 -1.30 49.72 3.89
CA GLU A 170 0.00 49.75 3.24
C GLU A 170 0.42 48.36 2.77
N GLN A 171 0.09 47.35 3.58
CA GLN A 171 0.40 45.97 3.23
C GLN A 171 -0.31 45.53 1.96
N ILE A 172 -1.56 45.95 1.82
CA ILE A 172 -2.36 45.63 0.63
C ILE A 172 -1.76 46.26 -0.61
N ILE A 173 -1.34 47.51 -0.48
CA ILE A 173 -0.72 48.24 -1.59
C ILE A 173 0.59 47.58 -2.00
N LEU A 174 1.43 47.25 -1.03
CA LEU A 174 2.70 46.59 -1.29
C LEU A 174 2.50 45.22 -1.93
N ASN A 175 1.51 44.48 -1.45
CA ASN A 175 1.19 43.18 -2.02
C ASN A 175 0.68 43.30 -3.44
N PHE A 176 0.01 44.41 -3.73
CA PHE A 176 -0.49 44.68 -5.06
C PHE A 176 0.68 44.91 -6.01
N ALA A 177 1.70 45.59 -5.50
CA ALA A 177 2.90 45.85 -6.29
C ALA A 177 3.68 44.56 -6.53
N ALA A 178 3.57 43.63 -5.58
CA ALA A 178 4.25 42.36 -5.69
C ALA A 178 3.59 41.48 -6.76
N ARG A 179 2.26 41.47 -6.78
CA ARG A 179 1.52 40.65 -7.72
C ARG A 179 1.60 41.19 -9.15
N LEU A 180 1.73 42.50 -9.28
CA LEU A 180 1.87 43.12 -10.60
C LEU A 180 3.20 42.71 -11.25
N PHE A 181 4.23 42.57 -10.43
CA PHE A 181 5.54 42.15 -10.91
C PHE A 181 5.51 40.70 -11.36
N ASP A 182 4.57 39.93 -10.79
CA ASP A 182 4.42 38.54 -11.17
C ASP A 182 3.78 38.41 -12.55
N ARG A 184 4.88 40.27 -15.29
CA ARG A 184 5.81 41.00 -16.15
C ARG A 184 5.51 40.76 -17.61
N PRO A 185 5.84 41.74 -18.46
CA PRO A 185 5.77 41.53 -19.91
C PRO A 185 6.78 40.48 -20.37
N ASN A 186 7.77 40.20 -19.53
CA ASN A 186 8.71 39.13 -19.80
C ASN A 186 8.09 37.75 -19.60
N LEU A 187 7.15 37.66 -18.65
CA LEU A 187 6.46 36.41 -18.36
C LEU A 187 5.08 36.38 -18.99
N LEU A 188 4.48 37.56 -19.16
CA LEU A 188 3.18 37.68 -19.81
C LEU A 188 3.22 38.79 -20.85
N PRO A 189 3.82 38.52 -22.02
CA PRO A 189 3.97 39.52 -23.08
C PRO A 189 2.63 39.92 -23.71
N GLY A 190 1.65 39.03 -23.65
CA GLY A 190 0.35 39.30 -24.22
C GLY A 190 -0.52 40.15 -23.30
N PHE A 191 0.03 40.49 -22.14
CA PHE A 191 -0.69 41.27 -21.13
C PHE A 191 0.03 42.59 -20.91
N ALA A 192 0.99 42.89 -21.77
CA ALA A 192 1.85 44.05 -21.62
C ALA A 192 1.11 45.39 -21.59
N CYS A 193 0.21 45.59 -22.54
CA CYS A 193 -0.56 46.83 -22.63
C CYS A 193 -1.39 47.08 -21.38
N ALA A 194 -2.12 46.06 -20.94
CA ALA A 194 -2.96 46.17 -19.76
C ALA A 194 -2.12 46.32 -18.50
N TRP A 195 -1.02 45.56 -18.43
CA TRP A 195 -0.12 45.65 -17.29
C TRP A 195 0.46 47.06 -17.17
N ALA A 196 0.74 47.67 -18.32
CA ALA A 196 1.22 49.04 -18.36
C ALA A 196 0.18 50.00 -17.81
N GLY A 197 -1.08 49.74 -18.13
CA GLY A 197 -2.18 50.57 -17.67
C GLY A 197 -2.44 50.42 -16.17
N LEU A 198 -2.02 49.28 -15.62
CA LEU A 198 -2.18 49.02 -14.20
C LEU A 198 -1.10 49.72 -13.37
N VAL A 199 0.11 49.81 -13.94
CA VAL A 199 1.20 50.51 -13.28
C VAL A 199 0.97 52.01 -13.31
N SER A 200 0.40 52.48 -14.40
CA SER A 200 0.13 53.91 -14.58
C SER A 200 -1.24 54.31 -14.02
N HIS A 201 -1.94 53.33 -13.44
CA HIS A 201 -3.30 53.57 -12.97
C HIS A 201 -3.38 54.57 -11.83
N ARG A 202 -4.40 55.41 -11.86
CA ARG A 202 -4.55 56.50 -10.88
C ARG A 202 -4.94 56.01 -9.49
N ALA A 203 -5.23 54.73 -9.36
CA ALA A 203 -5.61 54.16 -8.07
C ALA A 203 -4.45 53.41 -7.43
N PHE A 204 -3.36 53.24 -8.19
CA PHE A 204 -2.19 52.53 -7.70
C PHE A 204 -0.95 53.41 -7.70
N LEU A 205 -0.67 54.03 -8.84
CA LEU A 205 0.51 54.88 -9.00
C LEU A 205 0.64 56.02 -7.96
N PRO A 206 -0.43 56.79 -7.72
CA PRO A 206 -0.26 57.86 -6.73
C PRO A 206 -0.19 57.34 -5.29
N VAL A 207 -0.86 56.23 -5.01
CA VAL A 207 -0.94 55.74 -3.64
C VAL A 207 0.30 54.95 -3.20
N ILE A 208 0.98 54.32 -4.16
CA ILE A 208 2.19 53.56 -3.84
C ILE A 208 3.33 54.51 -3.48
N LEU A 209 3.40 55.64 -4.19
CA LEU A 209 4.44 56.64 -3.94
C LEU A 209 4.00 57.59 -2.83
N GLY A 210 2.71 57.53 -2.49
CA GLY A 210 2.15 58.39 -1.46
C GLY A 210 2.42 57.87 -0.06
N LEU A 211 2.82 56.60 0.03
CA LEU A 211 3.12 55.98 1.32
C LEU A 211 4.28 56.69 2.01
N PRO A 212 4.17 56.88 3.33
CA PRO A 212 5.17 57.61 4.11
C PRO A 212 6.51 56.88 4.18
N ASP A 213 7.59 57.62 4.45
CA ASP A 213 8.93 57.06 4.57
C ASP A 213 9.41 56.35 3.30
N GLU A 214 8.80 56.70 2.17
CA GLU A 214 9.19 56.15 0.87
C GLU A 214 9.16 54.62 0.83
N LYS A 215 8.17 54.03 1.49
CA LYS A 215 8.07 52.58 1.59
C LYS A 215 7.68 51.95 0.25
N GLY A 216 6.96 52.72 -0.57
CA GLY A 216 6.44 52.22 -1.82
C GLY A 216 7.31 52.53 -3.03
N TRP A 217 8.37 53.29 -2.81
CA TRP A 217 9.25 53.68 -3.90
C TRP A 217 10.05 52.48 -4.42
N ALA A 218 10.48 51.63 -3.49
CA ALA A 218 11.22 50.43 -3.86
C ALA A 218 10.39 49.39 -4.64
N PRO A 219 9.15 49.12 -4.21
CA PRO A 219 8.35 48.22 -5.05
C PRO A 219 8.00 48.83 -6.41
N PHE A 220 7.73 50.12 -6.44
CA PHE A 220 7.33 50.78 -7.68
C PHE A 220 8.48 50.86 -8.69
N THR A 221 9.69 51.13 -8.22
CA THR A 221 10.84 51.25 -9.10
C THR A 221 11.18 49.92 -9.77
N LYS A 222 10.78 48.82 -9.14
CA LYS A 222 10.98 47.49 -9.71
C LYS A 222 10.04 47.24 -10.88
N LEU A 223 8.81 47.72 -10.76
CA LEU A 223 7.82 47.59 -11.82
C LEU A 223 8.20 48.47 -13.00
N LEU A 224 8.65 49.69 -12.69
CA LEU A 224 8.98 50.67 -13.71
C LEU A 224 10.19 50.29 -14.55
N GLU A 225 11.20 49.70 -13.91
CA GLU A 225 12.41 49.28 -14.62
C GLU A 225 12.10 48.14 -15.58
N GLN A 226 11.07 47.36 -15.26
CA GLN A 226 10.60 46.30 -16.15
C GLN A 226 9.83 46.93 -17.30
N PHE A 227 9.11 48.01 -16.98
CA PHE A 227 8.29 48.69 -17.97
C PHE A 227 9.14 49.47 -18.97
N LEU A 228 10.07 50.28 -18.46
CA LEU A 228 10.96 51.07 -19.30
C LEU A 228 11.84 50.17 -20.16
N GLY A 229 12.28 49.06 -19.59
CA GLY A 229 13.10 48.09 -20.31
C GLY A 229 12.33 47.43 -21.43
N CYS A 230 11.05 47.14 -21.19
CA CYS A 230 10.19 46.54 -22.19
C CYS A 230 10.02 47.47 -23.39
N VAL A 231 9.81 48.74 -23.11
CA VAL A 231 9.66 49.74 -24.16
C VAL A 231 10.95 49.87 -24.94
N GLY A 232 12.06 49.98 -24.23
CA GLY A 232 13.38 50.15 -24.84
C GLY A 232 13.72 49.06 -25.85
N GLU A 233 13.40 47.82 -25.52
CA GLU A 233 13.66 46.70 -26.42
C GLU A 233 12.78 46.75 -27.66
N LEU A 234 11.52 47.15 -27.48
CA LEU A 234 10.60 47.33 -28.60
C LEU A 234 11.13 48.40 -29.55
N VAL A 235 11.52 49.53 -28.97
CA VAL A 235 11.99 50.68 -29.72
C VAL A 235 13.21 50.37 -30.59
N LYS A 236 14.15 49.60 -30.05
CA LYS A 236 15.39 49.27 -30.76
C LYS A 236 15.15 48.44 -32.02
N THR A 237 14.05 47.70 -32.06
CA THR A 237 13.79 46.78 -33.16
C THR A 237 12.96 47.41 -34.28
N PHE A 238 12.91 48.74 -34.31
CA PHE A 238 12.20 49.49 -35.35
C PHE A 238 10.73 49.07 -35.47
N THR A 239 10.00 49.15 -34.36
CA THR A 239 8.60 48.69 -34.36
C THR A 239 7.66 49.66 -35.07
N VAL A 240 6.67 49.10 -35.74
CA VAL A 240 5.65 49.89 -36.43
C VAL A 240 4.28 49.49 -35.89
N SER A 241 4.23 48.32 -35.25
CA SER A 241 3.00 47.76 -34.71
C SER A 241 2.34 48.68 -33.69
N SER A 242 1.05 48.45 -33.44
CA SER A 242 0.29 49.24 -32.48
C SER A 242 0.80 49.00 -31.06
N LEU A 243 1.36 47.82 -30.83
CA LEU A 243 1.91 47.46 -29.54
C LEU A 243 3.02 48.42 -29.13
N GLY A 244 3.98 48.62 -30.03
CA GLY A 244 5.11 49.49 -29.77
C GLY A 244 4.68 50.91 -29.49
N LYS A 245 3.74 51.42 -30.29
CA LYS A 245 3.25 52.78 -30.11
C LYS A 245 2.47 52.91 -28.80
N GLU A 246 1.63 51.93 -28.51
CA GLU A 246 0.87 51.93 -27.27
C GLU A 246 1.80 51.85 -26.06
N TYR A 248 5.11 52.73 -26.03
CA TYR A 248 5.98 53.89 -25.99
C TYR A 248 5.23 55.13 -25.50
N HIS A 249 3.99 55.28 -25.95
CA HIS A 249 3.16 56.41 -25.53
C HIS A 249 2.81 56.30 -24.05
N ALA A 250 2.65 55.06 -23.58
CA ALA A 250 2.40 54.83 -22.16
C ALA A 250 3.63 55.22 -21.36
N ALA A 251 4.80 55.00 -21.94
CA ALA A 251 6.07 55.35 -21.29
C ALA A 251 6.23 56.86 -21.19
N LEU A 252 5.87 57.57 -22.27
CA LEU A 252 5.93 59.03 -22.29
C LEU A 252 4.99 59.61 -21.23
N LYS A 253 3.75 59.13 -21.22
CA LYS A 253 2.73 59.65 -20.32
C LYS A 253 3.05 59.39 -18.84
N ILE A 254 3.60 58.22 -18.55
CA ILE A 254 3.91 57.87 -17.16
C ILE A 254 5.11 58.66 -16.64
N LEU A 255 6.05 59.00 -17.52
CA LEU A 255 7.22 59.76 -17.12
C LEU A 255 6.90 61.25 -16.97
N ILE A 256 5.99 61.74 -17.79
CA ILE A 256 5.51 63.11 -17.69
C ILE A 256 4.78 63.30 -16.37
N VAL A 257 3.95 62.33 -16.02
CA VAL A 257 3.23 62.34 -14.75
C VAL A 257 4.18 62.28 -13.57
N LEU A 258 5.15 61.37 -13.64
CA LEU A 258 6.11 61.19 -12.56
C LEU A 258 6.96 62.44 -12.34
N GLN A 259 7.32 63.11 -13.42
CA GLN A 259 8.15 64.31 -13.33
C GLN A 259 7.42 65.46 -12.61
N HIS A 260 6.15 65.64 -12.93
CA HIS A 260 5.37 66.74 -12.36
C HIS A 260 4.85 66.42 -10.96
N ASP A 261 4.35 65.20 -10.78
CA ASP A 261 3.69 64.82 -9.52
C ASP A 261 4.65 64.30 -8.46
N PHE A 262 5.69 63.59 -8.88
CA PHE A 262 6.67 63.03 -7.95
C PHE A 262 8.10 63.24 -8.41
N PRO A 263 8.56 64.50 -8.42
CA PRO A 263 9.90 64.82 -8.94
C PRO A 263 11.02 64.31 -8.05
N ILE A 264 10.77 64.23 -6.75
CA ILE A 264 11.78 63.77 -5.80
C ILE A 264 12.13 62.31 -6.03
N TYR A 265 11.12 61.49 -6.27
CA TYR A 265 11.33 60.08 -6.58
C TYR A 265 12.13 59.91 -7.86
N LEU A 266 11.77 60.69 -8.88
CA LEU A 266 12.43 60.61 -10.18
C LEU A 266 13.87 61.12 -10.08
N ASP A 267 14.13 61.90 -9.04
CA ASP A 267 15.47 62.44 -8.79
C ASP A 267 16.31 61.43 -8.01
N LYS A 268 15.67 60.71 -7.09
CA LYS A 268 16.37 59.79 -6.21
C LYS A 268 16.71 58.47 -6.90
N PHE A 269 15.80 57.98 -7.73
CA PHE A 269 16.01 56.71 -8.43
C PHE A 269 16.39 56.92 -9.89
N ARG A 270 16.99 58.08 -10.19
CA ARG A 270 17.33 58.43 -11.56
C ARG A 270 18.30 57.46 -12.23
N VAL A 271 19.24 56.91 -11.44
CA VAL A 271 20.26 56.03 -11.98
C VAL A 271 19.69 54.67 -12.37
N GLN A 272 18.88 54.10 -11.48
CA GLN A 272 18.27 52.79 -11.73
C GLN A 272 17.37 52.81 -12.96
N LEU A 273 16.63 53.91 -13.13
CA LEU A 273 15.68 54.03 -14.23
C LEU A 273 16.39 54.18 -15.58
N CYS A 274 17.48 54.93 -15.59
CA CYS A 274 18.25 55.14 -16.82
C CYS A 274 18.91 53.86 -17.31
N GLN A 275 19.24 52.97 -16.37
CA GLN A 275 19.86 51.69 -16.71
C GLN A 275 18.89 50.78 -17.44
N SER A 276 17.61 50.87 -17.11
CA SER A 276 16.59 50.05 -17.75
C SER A 276 16.39 50.47 -19.19
N LEU A 277 16.67 51.74 -19.48
CA LEU A 277 16.54 52.28 -20.83
C LEU A 277 17.85 52.16 -21.59
N PRO A 278 17.78 51.97 -22.92
CA PRO A 278 18.98 52.03 -23.75
C PRO A 278 19.51 53.46 -23.78
N LEU A 279 20.81 53.62 -23.93
CA LEU A 279 21.43 54.95 -23.89
C LEU A 279 20.94 55.88 -25.00
N HIS A 280 20.75 55.32 -26.19
CA HIS A 280 20.37 56.12 -27.35
C HIS A 280 18.91 56.57 -27.32
N ALA A 281 18.12 56.00 -26.41
CA ALA A 281 16.75 56.44 -26.20
C ALA A 281 16.78 57.77 -25.45
N THR A 282 17.21 58.82 -26.14
CA THR A 282 17.51 60.10 -25.51
C THR A 282 16.32 60.82 -24.86
N GLN A 283 15.17 60.78 -25.51
CA GLN A 283 14.00 61.48 -24.97
C GLN A 283 13.47 60.86 -23.69
N LEU A 284 13.38 59.53 -23.67
CA LEU A 284 12.91 58.81 -22.49
C LEU A 284 13.81 59.08 -21.30
N VAL A 285 15.12 59.05 -21.54
CA VAL A 285 16.11 59.32 -20.50
C VAL A 285 16.03 60.78 -20.05
N ASN A 286 15.82 61.67 -21.00
CA ASN A 286 15.78 63.10 -20.71
C ASN A 286 14.62 63.48 -19.79
N LEU A 287 13.52 62.73 -19.88
CA LEU A 287 12.37 62.96 -19.02
C LEU A 287 12.71 62.68 -17.56
N ILE A 288 13.66 61.78 -17.33
CA ILE A 288 14.11 61.46 -15.99
C ILE A 288 15.05 62.53 -15.47
N LEU A 289 15.92 63.02 -16.34
CA LEU A 289 16.99 63.94 -15.96
C LEU A 289 16.51 65.39 -15.81
N ALA A 290 15.55 65.78 -16.64
CA ALA A 290 15.06 67.17 -16.64
C ALA A 290 14.17 67.48 -15.44
N ALA A 291 13.87 66.46 -14.64
CA ALA A 291 13.03 66.63 -13.46
C ALA A 291 13.70 67.51 -12.42
N ILE A 292 12.94 68.43 -11.84
CA ILE A 292 13.46 69.34 -10.82
C ILE A 292 12.66 69.26 -9.52
N PRO A 293 13.34 69.36 -8.38
CA PRO A 293 12.68 69.35 -7.08
C PRO A 293 11.87 70.63 -6.84
N PRO A 294 10.75 70.52 -6.10
CA PRO A 294 9.84 71.64 -5.83
C PRO A 294 10.52 72.79 -5.07
N ASN A 295 11.35 72.45 -4.09
CA ASN A 295 12.01 73.46 -3.26
C ASN A 295 13.00 74.33 -4.05
N CYS A 296 13.57 73.77 -5.10
CA CYS A 296 14.60 74.47 -5.87
C CYS A 296 14.03 75.61 -6.72
N ASN A 297 14.52 76.81 -6.48
CA ASN A 297 14.15 77.98 -7.28
C ASN A 297 15.39 78.60 -7.90
N SER A 298 16.52 77.92 -7.75
CA SER A 298 17.80 78.43 -8.23
C SER A 298 18.00 78.23 -9.73
N LEU A 299 16.96 77.75 -10.41
CA LEU A 299 17.03 77.51 -11.84
C LEU A 299 17.03 78.82 -12.61
N ALA A 300 18.20 79.25 -13.05
CA ALA A 300 18.35 80.50 -13.79
C ALA A 300 18.68 80.25 -15.25
N ASP A 301 18.28 81.20 -16.10
CA ASP A 301 18.53 81.10 -17.54
C ASP A 301 20.03 81.11 -17.81
N PRO A 302 20.54 80.06 -18.48
CA PRO A 302 21.95 79.94 -18.84
C PRO A 302 22.42 81.06 -19.77
N PHE A 303 21.51 81.57 -20.59
CA PHE A 303 21.87 82.56 -21.60
C PHE A 303 21.95 83.99 -21.04
N GLN A 304 21.26 84.22 -19.92
CA GLN A 304 21.09 85.58 -19.39
C GLN A 304 22.42 86.25 -19.03
N ALA A 305 22.50 87.53 -19.36
CA ALA A 305 23.62 88.42 -18.99
C ALA A 305 24.99 87.77 -18.95
N GLY A 306 25.69 87.95 -17.83
CA GLY A 306 26.95 87.26 -17.58
C GLY A 306 26.78 86.38 -16.35
N LEU A 307 25.98 85.32 -16.50
CA LEU A 307 25.66 84.43 -15.40
C LEU A 307 26.90 83.72 -14.83
N LYS A 308 27.06 83.81 -13.51
CA LYS A 308 28.17 83.15 -12.84
C LYS A 308 27.67 82.04 -11.92
N VAL A 309 27.87 80.80 -12.36
CA VAL A 309 27.40 79.61 -11.66
C VAL A 309 28.01 79.46 -10.27
N ASP A 310 29.27 79.86 -10.14
CA ASP A 310 30.01 79.73 -8.88
C ASP A 310 29.30 80.43 -7.71
N LYS A 311 28.50 81.45 -8.04
CA LYS A 311 27.80 82.22 -7.01
C LYS A 311 26.37 81.73 -6.85
N ILE A 312 26.21 80.42 -6.61
CA ILE A 312 24.89 79.82 -6.45
C ILE A 312 24.83 78.93 -5.21
N PRO A 313 23.83 79.15 -4.35
CA PRO A 313 23.67 78.43 -3.09
C PRO A 313 23.46 76.92 -3.23
N ASP A 314 22.52 76.51 -4.09
CA ASP A 314 22.17 75.11 -4.24
C ASP A 314 23.25 74.28 -4.94
N LYS A 316 26.10 73.64 -3.91
CA LYS A 316 26.87 72.89 -2.93
C LYS A 316 26.02 71.83 -2.23
N GLU A 317 24.71 71.87 -2.48
CA GLU A 317 23.80 70.91 -1.87
C GLU A 317 23.85 69.55 -2.55
N ARG A 318 23.81 68.48 -1.75
CA ARG A 318 23.87 67.12 -2.26
C ARG A 318 22.48 66.56 -2.54
N PRO A 319 22.22 66.19 -3.80
CA PRO A 319 20.94 65.59 -4.18
C PRO A 319 20.80 64.19 -3.61
N PRO A 320 19.56 63.76 -3.32
CA PRO A 320 19.31 62.44 -2.76
C PRO A 320 19.57 61.33 -3.78
N THR A 321 20.03 60.18 -3.33
CA THR A 321 20.27 59.05 -4.22
C THR A 321 19.89 57.72 -3.57
N ALA A 322 19.15 56.90 -4.31
CA ALA A 322 18.76 55.59 -3.84
C ALA A 322 19.74 54.55 -4.38
N PHE A 323 20.67 55.01 -5.20
CA PHE A 323 21.68 54.15 -5.81
C PHE A 323 22.69 53.72 -4.75
N ASP A 324 23.04 52.43 -4.76
CA ASP A 324 24.03 51.90 -3.84
C ASP A 324 25.36 51.69 -4.58
N SER A 325 26.03 52.80 -4.88
CA SER A 325 27.30 52.75 -5.60
C SER A 325 28.40 52.11 -4.77
N ALA A 326 28.47 52.49 -3.50
CA ALA A 326 29.49 51.97 -2.59
C ALA A 326 29.32 50.48 -2.35
N GLY A 327 28.08 50.04 -2.21
CA GLY A 327 27.79 48.64 -1.95
C GLY A 327 27.99 47.75 -3.16
N LEU A 328 27.73 48.30 -4.35
CA LEU A 328 27.87 47.54 -5.59
C LEU A 328 29.34 47.26 -5.88
N LEU A 329 30.21 48.21 -5.54
CA LEU A 329 31.64 48.04 -5.72
C LEU A 329 32.20 47.05 -4.70
N ARG A 330 31.68 47.12 -3.48
CA ARG A 330 32.11 46.20 -2.42
C ARG A 330 31.72 44.76 -2.75
N GLU A 331 30.52 44.60 -3.30
CA GLU A 331 30.06 43.29 -3.73
C GLU A 331 30.91 42.77 -4.87
N ALA A 332 31.38 43.69 -5.71
CA ALA A 332 32.27 43.34 -6.81
C ALA A 332 33.71 43.23 -6.32
N GLY A 333 33.94 43.67 -5.09
CA GLY A 333 35.25 43.58 -4.48
C GLY A 333 36.27 44.52 -5.09
N LEU A 334 35.80 45.68 -5.54
CA LEU A 334 36.66 46.65 -6.19
C LEU A 334 36.61 47.99 -5.46
N LEU A 335 35.79 48.05 -4.41
CA LEU A 335 35.63 49.27 -3.63
C LEU A 335 36.92 49.69 -2.93
N ASP A 336 37.63 48.72 -2.37
CA ASP A 336 38.84 48.98 -1.59
C ASP A 336 39.94 49.63 -2.43
N ILE A 337 40.16 49.12 -3.64
CA ILE A 337 41.23 49.63 -4.49
C ILE A 337 40.92 51.01 -5.05
N LEU A 338 39.64 51.30 -5.28
CA LEU A 338 39.25 52.61 -5.81
C LEU A 338 39.51 53.70 -4.78
N GLU A 339 39.10 53.46 -3.54
CA GLU A 339 39.35 54.41 -2.46
C GLU A 339 40.84 54.60 -2.23
N ARG A 340 41.61 53.53 -2.41
CA ARG A 340 43.06 53.60 -2.26
C ARG A 340 43.67 54.45 -3.37
N LEU A 342 41.96 56.92 -4.89
CA LEU A 342 41.47 58.28 -4.68
C LEU A 342 42.33 59.01 -3.65
N GLN A 343 43.05 58.24 -2.84
CA GLN A 343 43.92 58.80 -1.81
C GLN A 343 45.37 58.89 -2.28
N ASN A 344 45.86 57.83 -2.92
CA ASN A 344 47.25 57.75 -3.33
C ASN A 344 47.50 58.19 -4.77
N GLY A 345 46.45 58.68 -5.43
CA GLY A 345 46.56 59.09 -6.81
C GLY A 345 46.36 57.92 -7.76
N PRO A 346 46.34 58.20 -9.07
CA PRO A 346 46.12 57.16 -10.08
C PRO A 346 47.26 56.15 -10.16
N SER A 347 46.91 54.87 -10.22
CA SER A 347 47.89 53.79 -10.35
C SER A 347 47.62 52.98 -11.60
N GLU A 348 48.68 52.60 -12.31
CA GLU A 348 48.56 51.86 -13.56
C GLU A 348 47.88 50.51 -13.36
N ASP A 349 48.32 49.78 -12.34
CA ASP A 349 47.76 48.47 -12.01
C ASP A 349 46.31 48.60 -11.56
N GLY A 350 46.01 49.71 -10.89
CA GLY A 350 44.67 49.96 -10.39
C GLY A 350 43.65 50.16 -11.49
N VAL A 351 43.95 51.07 -12.41
CA VAL A 351 43.07 51.36 -13.53
C VAL A 351 42.84 50.11 -14.37
N ALA A 352 43.91 49.34 -14.58
CA ALA A 352 43.83 48.12 -15.36
C ALA A 352 42.93 47.08 -14.72
N GLN A 353 42.91 47.05 -13.39
CA GLN A 353 42.10 46.09 -12.66
C GLN A 353 40.63 46.51 -12.65
N ILE A 354 40.39 47.81 -12.65
CA ILE A 354 39.04 48.35 -12.74
C ILE A 354 38.50 48.14 -14.15
N ASN A 355 39.34 48.43 -15.14
CA ASN A 355 38.96 48.30 -16.55
C ASN A 355 38.53 46.88 -16.92
N HIS A 356 39.26 45.89 -16.40
CA HIS A 356 38.95 44.49 -16.67
C HIS A 356 37.60 44.10 -16.08
N ALA A 357 37.32 44.61 -14.89
CA ALA A 357 36.04 44.36 -14.23
C ALA A 357 34.92 45.06 -15.00
N ILE A 358 35.25 46.19 -15.60
CA ILE A 358 34.30 46.94 -16.41
C ILE A 358 33.96 46.19 -17.70
N ASN A 359 34.99 45.71 -18.39
CA ASN A 359 34.81 44.97 -19.63
C ASN A 359 34.23 43.57 -19.44
N LYS A 360 34.31 43.06 -18.20
CA LYS A 360 33.72 41.77 -17.88
C LYS A 360 32.22 41.92 -17.68
N SER A 361 31.45 41.14 -18.44
CA SER A 361 30.00 41.19 -18.36
C SER A 361 29.40 39.79 -18.18
N THR A 366 37.09 34.23 -17.77
CA THR A 366 38.18 34.27 -18.73
C THR A 366 38.66 32.88 -19.10
N SER A 367 38.81 32.64 -20.40
CA SER A 367 39.28 31.35 -20.89
C SER A 367 40.01 31.49 -22.22
N PHE A 368 40.42 30.37 -22.80
CA PHE A 368 41.15 30.38 -24.06
C PHE A 368 40.26 30.78 -25.23
N GLY A 369 40.75 31.72 -26.04
CA GLY A 369 40.01 32.20 -27.19
C GLY A 369 38.74 32.92 -26.81
N TYR A 370 38.80 33.68 -25.71
CA TYR A 370 37.63 34.39 -25.20
C TYR A 370 37.86 35.90 -25.16
N VAL A 371 37.04 36.65 -25.89
CA VAL A 371 37.10 38.10 -25.86
C VAL A 371 35.76 38.68 -25.40
N PRO A 372 35.82 39.77 -24.62
CA PRO A 372 34.58 40.43 -24.16
C PRO A 372 34.03 41.40 -25.20
N LEU A 373 32.72 41.41 -25.37
CA LEU A 373 32.07 42.34 -26.29
C LEU A 373 31.12 43.26 -25.54
N GLY A 374 30.58 42.78 -24.42
CA GLY A 374 29.66 43.56 -23.62
C GLY A 374 30.38 44.29 -22.50
N VAL A 375 29.78 45.40 -22.05
CA VAL A 375 30.35 46.21 -20.99
C VAL A 375 29.38 46.32 -19.81
N ASN A 376 29.89 46.13 -18.60
CA ASN A 376 29.07 46.26 -17.39
C ASN A 376 28.70 47.72 -17.13
N ARG A 377 27.44 48.05 -17.35
CA ARG A 377 26.96 49.43 -17.18
C ARG A 377 26.96 49.84 -15.71
N ARG A 378 26.35 49.01 -14.87
CA ARG A 378 26.13 49.34 -13.46
C ARG A 378 27.42 49.55 -12.69
N LEU A 379 28.45 48.78 -13.01
CA LEU A 379 29.73 48.91 -12.35
C LEU A 379 30.36 50.26 -12.68
N ILE A 380 30.18 50.70 -13.92
CA ILE A 380 30.68 52.01 -14.34
C ILE A 380 29.92 53.12 -13.61
N ASP A 381 28.61 52.98 -13.54
CA ASP A 381 27.78 53.96 -12.84
C ASP A 381 28.16 54.06 -11.36
N ALA A 382 28.63 52.95 -10.80
CA ALA A 382 29.06 52.92 -9.41
C ALA A 382 30.35 53.71 -9.23
N VAL A 383 31.33 53.45 -10.10
CA VAL A 383 32.63 54.11 -10.03
C VAL A 383 32.49 55.62 -10.17
N VAL A 384 31.74 56.05 -11.19
CA VAL A 384 31.52 57.47 -11.46
C VAL A 384 30.94 58.20 -10.26
N ALA A 385 29.98 57.55 -9.58
CA ALA A 385 29.29 58.15 -8.45
C ALA A 385 30.19 58.38 -7.24
N ARG A 386 31.26 57.57 -7.12
CA ARG A 386 32.16 57.67 -5.99
C ARG A 386 33.09 58.87 -6.07
N PHE A 387 33.37 59.32 -7.30
CA PHE A 387 34.23 60.48 -7.51
C PHE A 387 33.59 61.75 -6.97
N ALA A 388 32.27 61.80 -6.99
CA ALA A 388 31.54 62.96 -6.49
C ALA A 388 31.46 62.95 -4.97
N GLU A 389 31.25 61.76 -4.40
CA GLU A 389 31.13 61.61 -2.96
C GLU A 389 32.40 61.99 -2.23
N PHE A 390 33.55 61.66 -2.82
CA PHE A 390 34.84 61.99 -2.23
C PHE A 390 35.10 63.49 -2.30
N ALA A 391 34.45 64.15 -3.25
CA ALA A 391 34.57 65.60 -3.41
C ALA A 391 33.73 66.32 -2.36
N ILE A 392 32.65 65.67 -1.93
CA ILE A 392 31.78 66.25 -0.90
C ILE A 392 32.47 66.28 0.45
N ASN A 393 33.13 65.17 0.80
CA ASN A 393 33.89 65.09 2.05
C ASN A 393 35.04 66.09 2.11
N ARG A 394 35.64 66.35 0.95
CA ARG A 394 36.73 67.31 0.84
C ARG A 394 36.23 68.72 1.13
N ALA A 395 35.10 69.07 0.54
CA ALA A 395 34.53 70.41 0.69
C ALA A 395 34.18 70.72 2.14
N SER A 396 33.70 69.72 2.87
CA SER A 396 33.34 69.89 4.27
C SER A 396 34.57 70.11 5.14
N SER A 397 35.67 69.48 4.76
CA SER A 397 36.92 69.58 5.52
C SER A 397 37.67 70.87 5.21
N ARG A 398 37.66 71.26 3.94
CA ARG A 398 38.38 72.46 3.51
C ARG A 398 37.69 73.75 3.98
N SER A 399 38.48 74.77 4.26
CA SER A 399 37.95 76.07 4.67
C SER A 399 37.38 76.80 3.45
N ASP A 400 37.90 76.47 2.28
CA ASP A 400 37.44 77.05 1.03
C ASP A 400 36.05 76.52 0.69
N SER A 401 35.73 75.34 1.22
CA SER A 401 34.44 74.69 1.02
C SER A 401 34.12 74.46 -0.46
N ALA A 402 35.16 74.30 -1.27
CA ALA A 402 34.98 74.04 -2.69
C ALA A 402 34.85 72.54 -2.96
N ILE A 403 33.87 72.17 -3.77
CA ILE A 403 33.63 70.78 -4.08
C ILE A 403 34.68 70.24 -5.04
N PHE A 404 35.03 71.04 -6.05
CA PHE A 404 35.97 70.63 -7.07
C PHE A 404 37.36 71.23 -6.86
N VAL A 405 38.38 70.39 -6.97
CA VAL A 405 39.77 70.84 -6.89
C VAL A 405 40.55 70.30 -8.09
N ALA A 406 41.20 71.20 -8.81
CA ALA A 406 41.89 70.86 -10.05
C ALA A 406 43.16 70.03 -9.82
N GLY A 407 43.77 70.19 -8.66
CA GLY A 407 45.04 69.53 -8.38
C GLY A 407 44.92 68.31 -7.49
N ALA A 408 43.70 67.88 -7.23
CA ALA A 408 43.45 66.72 -6.37
C ALA A 408 43.86 65.42 -7.03
N ASN A 409 43.93 64.35 -6.24
CA ASN A 409 44.31 63.04 -6.75
C ASN A 409 43.18 62.36 -7.52
N ASP A 410 41.94 62.62 -7.09
CA ASP A 410 40.78 61.98 -7.70
C ASP A 410 40.52 62.45 -9.13
N ILE A 411 40.75 63.74 -9.37
CA ILE A 411 40.55 64.29 -10.70
C ILE A 411 41.63 63.77 -11.67
N LYS A 412 42.80 63.45 -11.11
CA LYS A 412 43.86 62.82 -11.89
C LYS A 412 43.60 61.33 -12.01
N THR A 413 42.94 60.77 -10.99
CA THR A 413 42.52 59.37 -11.02
C THR A 413 41.48 59.17 -12.10
N LEU A 414 40.54 60.11 -12.18
CA LEU A 414 39.50 60.06 -13.21
C LEU A 414 40.10 60.34 -14.58
N GLN A 415 41.11 61.20 -14.62
CA GLN A 415 41.79 61.55 -15.86
C GLN A 415 42.43 60.33 -16.51
N LEU A 417 41.76 57.26 -15.79
CA LEU A 417 40.73 56.25 -15.98
C LEU A 417 40.11 56.33 -17.37
N VAL A 418 39.75 57.53 -17.80
CA VAL A 418 39.12 57.73 -19.10
C VAL A 418 40.07 57.38 -20.24
N THR A 419 41.37 57.61 -20.02
CA THR A 419 42.36 57.39 -21.07
C THR A 419 42.64 55.91 -21.34
N GLU A 420 42.86 55.14 -20.28
CA GLU A 420 43.25 53.74 -20.42
C GLU A 420 42.07 52.78 -20.62
N VAL A 421 40.86 53.29 -20.47
CA VAL A 421 39.66 52.47 -20.59
C VAL A 421 39.23 52.27 -22.05
N SER A 422 38.76 51.06 -22.36
CA SER A 422 38.25 50.72 -23.68
C SER A 422 37.32 51.77 -24.28
N PRO A 423 37.44 52.01 -25.59
CA PRO A 423 36.66 53.03 -26.31
C PRO A 423 35.16 52.89 -26.13
N GLU A 424 34.64 51.66 -26.22
CA GLU A 424 33.22 51.42 -25.98
C GLU A 424 32.91 51.62 -24.51
N ALA A 425 33.83 51.22 -23.66
CA ALA A 425 33.64 51.32 -22.21
C ALA A 425 33.73 52.76 -21.72
N ARG A 426 34.51 53.59 -22.41
CA ARG A 426 34.64 54.98 -22.03
C ARG A 426 33.41 55.77 -22.47
N TYR A 427 32.69 55.25 -23.44
CA TYR A 427 31.46 55.87 -23.90
C TYR A 427 30.41 55.85 -22.80
N TYR A 428 30.32 54.72 -22.11
CA TYR A 428 29.42 54.60 -20.96
C TYR A 428 29.96 55.39 -19.78
N LEU A 429 31.28 55.54 -19.73
CA LEU A 429 31.93 56.27 -18.64
C LEU A 429 31.61 57.76 -18.72
N VAL A 430 31.65 58.30 -19.93
CA VAL A 430 31.36 59.72 -20.14
C VAL A 430 29.85 59.98 -20.08
N SER A 431 29.07 59.06 -20.64
CA SER A 431 27.61 59.17 -20.62
C SER A 431 27.07 59.21 -19.19
N SER A 432 27.78 58.56 -18.27
CA SER A 432 27.39 58.56 -16.87
C SER A 432 27.55 59.94 -16.25
N VAL A 434 27.61 62.86 -17.83
CA VAL A 434 26.67 63.80 -18.45
C VAL A 434 25.27 63.61 -17.85
N ASN A 435 24.94 62.37 -17.50
CA ASN A 435 23.66 62.07 -16.88
C ASN A 435 23.52 62.68 -15.49
N GLU A 436 24.64 63.03 -14.87
CA GLU A 436 24.63 63.55 -13.52
C GLU A 436 24.45 65.06 -13.47
N LEU A 437 24.86 65.74 -14.54
CA LEU A 437 24.66 67.19 -14.61
C LEU A 437 23.26 67.57 -15.07
N ARG A 438 22.41 67.92 -14.12
CA ARG A 438 21.00 68.23 -14.38
C ARG A 438 20.64 69.60 -13.81
N TYR A 439 19.86 69.59 -12.73
CA TYR A 439 19.51 70.83 -12.05
C TYR A 439 20.64 71.22 -11.09
N PRO A 440 20.70 72.50 -10.69
CA PRO A 440 21.76 72.98 -9.80
C PRO A 440 21.93 72.15 -8.51
N ASN A 441 22.96 71.31 -8.50
CA ASN A 441 23.32 70.56 -7.30
C ASN A 441 24.82 70.22 -7.29
N ALA A 442 25.27 69.55 -6.24
CA ALA A 442 26.68 69.21 -6.08
C ALA A 442 27.15 68.26 -7.19
N TYR A 443 26.29 67.31 -7.56
CA TYR A 443 26.61 66.36 -8.62
C TYR A 443 26.74 67.05 -9.97
N THR A 444 25.82 67.96 -10.26
CA THR A 444 25.88 68.74 -11.49
C THR A 444 27.11 69.63 -11.47
N ASN A 445 27.40 70.19 -10.30
CA ASN A 445 28.55 71.08 -10.14
C ASN A 445 29.88 70.36 -10.34
N TYR A 446 30.05 69.22 -9.67
CA TYR A 446 31.30 68.48 -9.74
C TYR A 446 31.62 67.99 -11.15
N PHE A 447 30.65 67.34 -11.79
CA PHE A 447 30.88 66.76 -13.11
C PHE A 447 30.92 67.80 -14.23
N SER A 448 30.41 68.99 -13.96
CA SER A 448 30.53 70.08 -14.92
C SER A 448 31.97 70.57 -14.95
N GLN A 449 32.57 70.67 -13.77
CA GLN A 449 33.97 71.08 -13.64
C GLN A 449 34.90 69.97 -14.09
N ALA A 450 34.53 68.73 -13.79
CA ALA A 450 35.37 67.57 -14.08
C ALA A 450 35.42 67.24 -15.57
N LEU A 451 34.29 67.35 -16.25
CA LEU A 451 34.21 67.03 -17.67
C LEU A 451 35.03 68.02 -18.51
N LEU A 452 35.11 69.25 -18.02
CA LEU A 452 35.88 70.28 -18.72
C LEU A 452 37.38 70.12 -18.43
N ASP A 453 37.71 69.62 -17.25
CA ASP A 453 39.09 69.43 -16.85
C ASP A 453 39.73 68.29 -17.67
N ILE A 454 38.93 67.28 -17.98
CA ILE A 454 39.40 66.16 -18.80
C ILE A 454 39.57 66.63 -20.24
N PHE A 455 38.64 67.46 -20.70
CA PHE A 455 38.67 67.99 -22.06
C PHE A 455 39.87 68.91 -22.26
N GLY A 456 40.24 69.62 -21.20
CA GLY A 456 41.33 70.58 -21.26
C GLY A 456 42.70 69.98 -20.98
N HIS A 457 42.72 68.75 -20.47
CA HIS A 457 43.97 68.08 -20.14
C HIS A 457 44.73 67.59 -21.39
N ASP A 458 45.98 68.01 -21.50
CA ASP A 458 46.85 67.67 -22.64
C ASP A 458 46.18 67.82 -24.00
N SER A 460 47.30 69.35 -26.52
CA SER A 460 48.29 69.21 -27.58
C SER A 460 48.45 67.75 -27.99
N ASP A 461 48.34 66.86 -27.00
CA ASP A 461 48.49 65.42 -27.24
C ASP A 461 47.40 64.89 -28.16
N PRO A 462 47.76 64.03 -29.12
CA PRO A 462 46.81 63.48 -30.10
C PRO A 462 45.83 62.47 -29.49
N GLU A 463 46.31 61.64 -28.58
CA GLU A 463 45.46 60.61 -27.96
C GLU A 463 44.34 61.21 -27.11
N GLU A 464 44.61 62.35 -26.48
CA GLU A 464 43.66 63.05 -25.63
C GLU A 464 42.62 63.74 -26.51
N ASN A 465 43.06 64.13 -27.69
CA ASN A 465 42.18 64.75 -28.68
C ASN A 465 41.08 63.79 -29.08
N LEU A 466 41.42 62.50 -29.17
CA LEU A 466 40.45 61.48 -29.54
C LEU A 466 39.40 61.30 -28.46
N VAL A 467 39.83 61.44 -27.21
CA VAL A 467 38.92 61.38 -26.07
C VAL A 467 37.99 62.58 -26.09
N ARG A 468 38.53 63.73 -26.50
CA ARG A 468 37.75 64.95 -26.63
C ARG A 468 36.67 64.79 -27.69
N GLU A 469 36.95 63.95 -28.67
CA GLU A 469 35.98 63.64 -29.72
C GLU A 469 34.85 62.77 -29.17
N GLN A 470 35.18 61.90 -28.23
CA GLN A 470 34.19 61.02 -27.62
C GLN A 470 33.26 61.80 -26.70
N ILE A 471 33.80 62.82 -26.05
CA ILE A 471 33.02 63.64 -25.14
C ILE A 471 32.00 64.50 -25.88
N VAL A 472 32.45 65.15 -26.95
CA VAL A 472 31.57 66.02 -27.74
C VAL A 472 30.50 65.20 -28.47
N ARG A 473 30.86 63.98 -28.87
CA ARG A 473 29.94 63.12 -29.60
C ARG A 473 28.76 62.72 -28.71
N VAL A 474 29.02 62.60 -27.41
CA VAL A 474 27.98 62.29 -26.43
C VAL A 474 27.13 63.52 -26.14
N LEU A 475 27.78 64.66 -25.97
CA LEU A 475 27.10 65.91 -25.70
C LEU A 475 26.19 66.33 -26.87
N LEU A 476 26.70 66.16 -28.08
CA LEU A 476 25.97 66.54 -29.28
C LEU A 476 24.69 65.74 -29.46
N GLU A 477 24.72 64.47 -29.07
CA GLU A 477 23.57 63.59 -29.21
C GLU A 477 22.42 64.02 -28.28
N ARG A 478 22.77 64.61 -27.14
CA ARG A 478 21.77 65.01 -26.15
C ARG A 478 21.06 66.30 -26.54
N VAL A 479 21.76 67.19 -27.25
CA VAL A 479 21.23 68.49 -27.60
C VAL A 479 20.66 68.50 -29.03
N LEU A 480 20.95 67.44 -29.78
CA LEU A 480 20.46 67.34 -31.16
C LEU A 480 18.93 67.29 -31.20
N GLY A 481 18.34 66.60 -30.22
CA GLY A 481 16.90 66.44 -30.17
C GLY A 481 16.16 67.70 -29.81
N TYR A 482 14.94 67.83 -30.33
CA TYR A 482 14.11 69.01 -30.07
C TYR A 482 13.23 68.82 -28.85
N TRP A 483 13.81 69.03 -27.68
CA TRP A 483 13.11 68.90 -26.41
C TRP A 483 13.86 69.65 -25.31
N PRO A 484 13.17 70.05 -24.23
CA PRO A 484 13.81 70.72 -23.10
C PRO A 484 15.01 69.94 -22.56
N GLN A 485 16.14 70.61 -22.46
CA GLN A 485 17.37 70.00 -22.02
C GLN A 485 17.59 70.23 -20.52
N PRO A 486 18.40 69.37 -19.87
CA PRO A 486 18.78 69.60 -18.48
C PRO A 486 19.54 70.92 -18.34
N TRP A 487 19.47 71.52 -17.15
CA TRP A 487 20.15 72.80 -16.91
C TRP A 487 21.66 72.67 -17.02
N GLY A 488 22.21 71.67 -16.33
CA GLY A 488 23.64 71.45 -16.32
C GLY A 488 24.22 71.12 -17.67
N LEU A 489 23.39 70.58 -18.55
CA LEU A 489 23.81 70.24 -19.90
C LEU A 489 24.17 71.47 -20.72
N ILE A 490 23.28 72.45 -20.70
CA ILE A 490 23.49 73.70 -21.42
C ILE A 490 24.64 74.50 -20.81
N ILE A 491 24.66 74.57 -19.48
CA ILE A 491 25.70 75.30 -18.74
C ILE A 491 27.10 74.81 -19.10
N THR A 492 27.28 73.49 -19.08
CA THR A 492 28.59 72.90 -19.34
C THR A 492 29.06 73.17 -20.77
N ILE A 493 28.15 73.01 -21.74
CA ILE A 493 28.49 73.19 -23.14
C ILE A 493 28.80 74.66 -23.46
N LEU A 494 28.04 75.58 -22.88
CA LEU A 494 28.28 77.01 -23.10
C LEU A 494 29.66 77.43 -22.60
N GLU A 495 30.08 76.86 -21.48
CA GLU A 495 31.41 77.13 -20.94
C GLU A 495 32.47 76.50 -21.85
N LEU A 496 32.15 75.36 -22.43
CA LEU A 496 33.02 74.70 -23.39
C LEU A 496 33.12 75.53 -24.67
N LEU A 497 32.08 76.32 -24.92
CA LEU A 497 32.04 77.18 -26.10
C LEU A 497 32.69 78.54 -25.83
N LYS A 498 32.33 79.15 -24.71
CA LYS A 498 32.77 80.50 -24.38
C LYS A 498 34.28 80.60 -24.18
N ASN A 499 34.87 79.56 -23.60
CA ASN A 499 36.31 79.57 -23.31
C ASN A 499 37.16 79.48 -24.57
N ASP A 500 38.18 80.33 -24.64
CA ASP A 500 39.01 80.45 -25.82
C ASP A 500 39.96 79.28 -26.01
N LYS A 501 40.55 78.82 -24.91
CA LYS A 501 41.56 77.77 -24.96
C LYS A 501 40.97 76.41 -25.34
N TYR A 502 39.69 76.20 -25.05
CA TYR A 502 39.02 74.94 -25.37
C TYR A 502 38.96 74.71 -26.88
N LEU A 503 38.89 75.81 -27.63
CA LEU A 503 38.85 75.79 -29.10
C LEU A 503 37.95 74.70 -29.71
N PHE A 504 36.75 74.57 -29.16
CA PHE A 504 35.78 73.58 -29.60
C PHE A 504 35.50 73.62 -31.09
N PHE A 505 35.54 74.83 -31.66
CA PHE A 505 35.24 75.02 -33.07
C PHE A 505 36.25 74.33 -33.99
N GLU A 506 37.51 74.26 -33.54
CA GLU A 506 38.56 73.64 -34.34
C GLU A 506 39.00 72.28 -33.80
N LEU A 507 38.04 71.56 -33.23
CA LEU A 507 38.27 70.16 -32.84
C LEU A 507 37.90 69.32 -34.06
N PRO A 508 38.78 68.37 -34.42
CA PRO A 508 38.59 67.51 -35.61
C PRO A 508 37.22 66.82 -35.67
N PHE A 509 36.54 66.71 -34.53
CA PHE A 509 35.18 66.18 -34.50
C PHE A 509 34.21 67.24 -35.01
N ILE A 510 34.40 68.47 -34.57
CA ILE A 510 33.56 69.59 -35.02
C ILE A 510 33.84 69.91 -36.48
N LYS A 511 35.03 69.52 -36.95
CA LYS A 511 35.42 69.75 -38.33
C LYS A 511 34.85 68.65 -39.22
N ALA A 512 34.49 67.53 -38.60
CA ALA A 512 34.02 66.35 -39.34
C ALA A 512 32.56 66.47 -39.78
N THR A 513 31.69 66.87 -38.86
CA THR A 513 30.26 66.94 -39.15
C THR A 513 29.78 68.36 -39.42
N PRO A 514 29.24 68.60 -40.62
CA PRO A 514 28.70 69.91 -41.01
C PRO A 514 27.32 70.18 -40.40
N GLU A 515 26.47 69.15 -40.34
CA GLU A 515 25.12 69.30 -39.82
C GLU A 515 25.13 69.50 -38.30
N VAL A 516 26.05 68.81 -37.62
CA VAL A 516 26.19 68.94 -36.18
C VAL A 516 26.77 70.31 -35.84
N ALA A 517 27.62 70.83 -36.72
CA ALA A 517 28.21 72.15 -36.55
C ALA A 517 27.14 73.23 -36.71
N GLU A 518 26.22 73.01 -37.63
CA GLU A 518 25.11 73.93 -37.87
C GLU A 518 24.25 74.06 -36.60
N ARG A 519 23.91 72.92 -36.02
CA ARG A 519 23.12 72.88 -34.80
C ARG A 519 23.88 73.51 -33.63
N PHE A 520 25.17 73.21 -33.56
CA PHE A 520 26.02 73.74 -32.50
C PHE A 520 26.23 75.25 -32.63
N THR A 521 26.36 75.73 -33.86
CA THR A 521 26.59 77.14 -34.12
C THR A 521 25.36 77.96 -33.70
N ALA A 522 24.18 77.38 -33.90
CA ALA A 522 22.93 78.02 -33.50
C ALA A 522 22.88 78.20 -31.99
N LEU A 523 23.44 77.23 -31.27
CA LEU A 523 23.55 77.29 -29.82
C LEU A 523 24.61 78.31 -29.42
N ALA A 524 25.66 78.42 -30.24
CA ALA A 524 26.74 79.35 -29.96
C ALA A 524 26.32 80.79 -30.23
N ARG A 525 25.36 80.97 -31.14
CA ARG A 525 24.85 82.30 -31.47
C ARG A 525 23.74 82.71 -30.51
N SER A 526 23.16 81.73 -29.85
CA SER A 526 22.17 82.00 -28.79
C SER A 526 22.90 82.16 -27.46
N ALA A 527 24.17 81.78 -27.45
CA ALA A 527 25.01 81.90 -26.26
C ALA A 527 25.34 83.36 -25.96
N ALA A 528 24.38 84.07 -25.39
CA ALA A 528 24.56 85.48 -25.07
C ALA A 528 25.57 85.67 -23.95
N LEU B 9 0.65 41.42 -30.90
CA LEU B 9 1.17 40.57 -31.97
C LEU B 9 2.63 40.14 -31.76
N GLU B 10 3.47 41.08 -31.33
CA GLU B 10 4.90 40.82 -31.22
C GLU B 10 5.24 39.79 -30.15
N ALA B 11 4.23 39.36 -29.41
CA ALA B 11 4.39 38.29 -28.43
C ALA B 11 4.26 36.93 -29.10
N ALA B 12 3.43 36.89 -30.15
CA ALA B 12 3.20 35.64 -30.89
C ALA B 12 4.46 35.15 -31.58
N HIS B 13 5.22 36.08 -32.17
CA HIS B 13 6.48 35.76 -32.81
C HIS B 13 7.52 35.28 -31.79
N LEU B 14 7.41 35.82 -30.57
CA LEU B 14 8.31 35.43 -29.49
C LEU B 14 8.07 33.99 -29.05
N LEU B 15 6.80 33.64 -28.88
CA LEU B 15 6.43 32.30 -28.43
C LEU B 15 6.73 31.24 -29.50
N GLU B 16 6.60 31.62 -30.77
CA GLU B 16 6.90 30.71 -31.86
C GLU B 16 8.38 30.36 -31.91
N GLN B 17 9.21 31.27 -31.41
CA GLN B 17 10.64 31.02 -31.32
C GLN B 17 10.93 30.04 -30.19
N GLU B 19 8.88 27.73 -29.03
CA GLU B 19 8.43 26.40 -29.45
C GLU B 19 9.40 25.78 -30.44
N TYR B 20 9.96 26.61 -31.32
CA TYR B 20 10.93 26.14 -32.31
C TYR B 20 12.19 25.58 -31.66
N VAL B 21 12.70 26.28 -30.65
CA VAL B 21 13.89 25.85 -29.93
C VAL B 21 13.67 24.52 -29.22
N PHE B 22 12.48 24.37 -28.63
CA PHE B 22 12.14 23.13 -27.92
C PHE B 22 11.99 21.96 -28.90
N ASP B 23 11.56 22.26 -30.13
CA ASP B 23 11.44 21.24 -31.16
C ASP B 23 12.82 20.72 -31.55
N GLU B 24 13.79 21.62 -31.62
CA GLU B 24 15.16 21.25 -31.99
C GLU B 24 15.81 20.42 -30.89
N TRP B 25 15.39 20.66 -29.65
CA TRP B 25 15.94 19.93 -28.50
C TRP B 25 15.41 18.51 -28.44
N ILE B 26 14.11 18.34 -28.70
CA ILE B 26 13.50 17.02 -28.73
C ILE B 26 14.09 16.20 -29.86
N HIS B 27 14.27 16.83 -31.02
CA HIS B 27 14.83 16.17 -32.19
C HIS B 27 16.25 15.68 -31.92
N LEU B 28 16.97 16.41 -31.07
CA LEU B 28 18.33 16.05 -30.71
C LEU B 28 18.35 14.87 -29.74
N CYS B 29 17.48 14.91 -28.74
CA CYS B 29 17.44 13.86 -27.72
C CYS B 29 16.92 12.53 -28.28
N ASN B 30 15.98 12.61 -29.21
CA ASN B 30 15.41 11.42 -29.82
C ASN B 30 16.36 10.76 -30.83
N ASN B 31 17.26 11.57 -31.38
CA ASN B 31 18.22 11.08 -32.37
C ASN B 31 19.35 10.28 -31.75
N PRO B 32 19.53 9.03 -32.20
CA PRO B 32 20.56 8.13 -31.68
C PRO B 32 21.94 8.41 -32.29
N HIS B 33 21.98 8.97 -33.48
CA HIS B 33 23.23 9.27 -34.16
C HIS B 33 23.89 10.54 -33.61
N ALA B 34 23.17 11.24 -32.74
CA ALA B 34 23.69 12.47 -32.15
C ALA B 34 24.78 12.16 -31.12
N THR B 35 25.91 12.84 -31.25
CA THR B 35 27.01 12.67 -30.32
C THR B 35 26.68 13.27 -28.96
N GLU B 36 27.52 13.00 -27.97
CA GLU B 36 27.31 13.53 -26.63
C GLU B 36 27.75 14.99 -26.56
N ARG B 37 28.45 15.42 -27.61
CA ARG B 37 28.92 16.80 -27.71
C ARG B 37 27.79 17.73 -28.16
N ALA B 38 26.82 17.16 -28.86
CA ALA B 38 25.74 17.93 -29.47
C ALA B 38 24.88 18.65 -28.43
N ALA B 39 24.59 17.97 -27.33
CA ALA B 39 23.71 18.50 -26.29
C ALA B 39 24.24 19.79 -25.68
N ILE B 41 26.44 21.80 -26.88
CA ILE B 41 26.53 22.84 -27.89
C ILE B 41 25.20 23.57 -28.01
N PHE B 42 24.11 22.80 -27.99
CA PHE B 42 22.76 23.35 -28.04
C PHE B 42 22.50 24.27 -26.86
N VAL B 43 22.96 23.87 -25.68
CA VAL B 43 22.78 24.65 -24.47
C VAL B 43 23.51 26.00 -24.55
N HIS B 44 24.78 25.95 -24.92
CA HIS B 44 25.59 27.15 -25.03
C HIS B 44 25.10 28.09 -26.12
N GLN B 45 24.51 27.51 -27.16
CA GLN B 45 23.98 28.30 -28.27
C GLN B 45 22.80 29.16 -27.85
N LEU B 46 21.97 28.63 -26.94
CA LEU B 46 20.80 29.36 -26.44
C LEU B 46 21.18 30.68 -25.81
N HIS B 47 22.43 30.79 -25.36
CA HIS B 47 22.92 31.98 -24.70
C HIS B 47 23.59 32.96 -25.68
N SER B 48 24.20 32.40 -26.73
CA SER B 48 24.98 33.20 -27.67
C SER B 48 24.13 33.85 -28.77
N VAL B 49 23.12 33.13 -29.25
CA VAL B 49 22.26 33.64 -30.30
C VAL B 49 21.16 34.53 -29.70
N GLN B 50 21.33 34.84 -28.41
CA GLN B 50 20.40 35.71 -27.68
C GLN B 50 18.98 35.15 -27.65
N LEU B 51 18.86 33.84 -27.80
CA LEU B 51 17.56 33.17 -27.71
C LEU B 51 17.09 33.17 -26.27
N VAL B 52 18.02 32.94 -25.35
CA VAL B 52 17.74 32.99 -23.92
C VAL B 52 18.85 33.77 -23.21
N THR B 53 18.60 35.06 -22.96
CA THR B 53 19.60 35.92 -22.34
C THR B 53 19.37 36.07 -20.83
N ASN B 54 18.11 36.16 -20.44
CA ASN B 54 17.77 36.35 -19.03
C ASN B 54 17.07 35.16 -18.41
N ARG B 55 16.97 35.14 -17.09
CA ARG B 55 16.32 34.05 -16.38
C ARG B 55 14.81 34.05 -16.63
N ASP B 56 14.24 35.25 -16.80
CA ASP B 56 12.82 35.38 -17.11
C ASP B 56 12.50 34.80 -18.47
N GLU B 57 13.41 35.02 -19.42
CA GLU B 57 13.25 34.51 -20.77
C GLU B 57 13.41 32.99 -20.78
N PHE B 58 14.17 32.48 -19.83
CA PHE B 58 14.36 31.03 -19.70
C PHE B 58 13.13 30.40 -19.08
N LEU B 59 12.57 31.06 -18.07
CA LEU B 59 11.36 30.60 -17.43
C LEU B 59 10.19 30.59 -18.41
N LEU B 60 10.17 31.58 -19.29
CA LEU B 60 9.13 31.66 -20.33
C LEU B 60 9.29 30.51 -21.32
N PHE B 61 10.53 30.14 -21.60
CA PHE B 61 10.82 29.02 -22.48
C PHE B 61 10.34 27.71 -21.86
N LEU B 62 10.65 27.52 -20.59
CA LEU B 62 10.27 26.30 -19.87
C LEU B 62 8.76 26.23 -19.66
N ARG B 63 8.14 27.39 -19.47
CA ARG B 63 6.69 27.47 -19.28
C ARG B 63 5.97 27.03 -20.55
N HIS B 64 6.50 27.45 -21.70
CA HIS B 64 5.89 27.13 -22.98
C HIS B 64 6.23 25.70 -23.39
N ALA B 65 7.39 25.22 -22.94
CA ALA B 65 7.83 23.86 -23.25
C ALA B 65 7.02 22.83 -22.47
N LEU B 66 6.73 23.14 -21.21
CA LEU B 66 5.94 22.26 -20.36
C LEU B 66 4.51 22.18 -20.88
N ASP B 67 4.06 23.26 -21.53
CA ASP B 67 2.73 23.29 -22.13
C ASP B 67 2.70 22.43 -23.39
N LYS B 68 3.77 22.50 -24.16
CA LYS B 68 3.87 21.73 -25.41
C LYS B 68 4.03 20.24 -25.12
N SER B 69 4.71 19.91 -24.03
CA SER B 69 4.92 18.53 -23.63
C SER B 69 3.60 17.82 -23.39
N VAL B 70 2.63 18.56 -22.86
CA VAL B 70 1.29 18.02 -22.63
C VAL B 70 0.57 17.82 -23.96
N GLU B 71 0.72 18.79 -24.87
CA GLU B 71 0.12 18.70 -26.18
C GLU B 71 0.69 17.55 -27.00
N ARG B 72 2.01 17.40 -26.94
CA ARG B 72 2.70 16.33 -27.67
C ARG B 72 2.29 14.96 -27.15
N PHE B 73 2.04 14.88 -25.85
CA PHE B 73 1.63 13.63 -25.23
C PHE B 73 0.22 13.24 -25.69
N GLU B 74 -0.69 14.20 -25.71
CA GLU B 74 -2.05 13.95 -26.13
C GLU B 74 -2.14 13.63 -27.61
N GLN B 75 -1.22 14.19 -28.40
CA GLN B 75 -1.15 13.90 -29.82
C GLN B 75 -0.60 12.48 -30.05
N GLY B 76 0.32 12.06 -29.18
CA GLY B 76 0.90 10.74 -29.27
C GLY B 76 -0.10 9.65 -28.94
N ILE B 77 -0.84 9.85 -27.85
CA ILE B 77 -1.86 8.89 -27.43
C ILE B 77 -2.97 8.80 -28.46
N HIS B 78 -3.36 9.95 -29.01
CA HIS B 78 -4.42 10.01 -30.01
C HIS B 78 -3.99 9.31 -31.29
N SER B 79 -2.69 9.29 -31.55
CA SER B 79 -2.15 8.62 -32.73
C SER B 79 -2.06 7.11 -32.51
N GLY B 80 -2.19 6.69 -31.26
CA GLY B 80 -2.17 5.28 -30.91
C GLY B 80 -0.79 4.79 -30.50
N ALA B 81 0.18 5.70 -30.47
CA ALA B 81 1.54 5.35 -30.09
C ALA B 81 1.62 4.91 -28.63
N SER B 82 2.72 4.27 -28.27
CA SER B 82 2.90 3.78 -26.90
C SER B 82 3.01 4.94 -25.92
N ILE B 83 2.62 4.67 -24.67
CA ILE B 83 2.61 5.70 -23.64
C ILE B 83 4.03 6.14 -23.27
N ALA B 84 5.00 5.26 -23.51
CA ALA B 84 6.40 5.58 -23.23
C ALA B 84 6.98 6.48 -24.31
N GLU B 85 6.50 6.32 -25.54
CA GLU B 85 6.96 7.12 -26.67
C GLU B 85 6.36 8.52 -26.64
N SER B 86 5.20 8.65 -26.01
CA SER B 86 4.52 9.94 -25.90
C SER B 86 5.08 10.75 -24.74
N PHE B 87 5.79 10.08 -23.85
CA PHE B 87 6.39 10.73 -22.69
C PHE B 87 7.73 11.40 -23.04
N GLN B 88 8.26 11.08 -24.22
CA GLN B 88 9.59 11.56 -24.60
C GLN B 88 9.67 13.08 -24.71
N ALA B 89 8.53 13.72 -24.92
CA ALA B 89 8.48 15.18 -25.03
C ALA B 89 8.79 15.83 -23.68
N VAL B 90 8.12 15.36 -22.63
CA VAL B 90 8.33 15.91 -21.30
C VAL B 90 9.65 15.43 -20.70
N GLU B 91 10.06 14.23 -21.08
CA GLU B 91 11.34 13.68 -20.61
C GLU B 91 12.50 14.49 -21.16
N ALA B 92 12.36 14.96 -22.38
CA ALA B 92 13.38 15.80 -23.01
C ALA B 92 13.47 17.14 -22.27
N LEU B 93 12.32 17.63 -21.83
CA LEU B 93 12.27 18.88 -21.07
C LEU B 93 13.00 18.75 -19.75
N VAL B 94 12.77 17.62 -19.05
CA VAL B 94 13.41 17.36 -17.77
C VAL B 94 14.93 17.22 -17.94
N LYS B 95 15.33 16.55 -19.01
CA LYS B 95 16.75 16.36 -19.29
C LYS B 95 17.49 17.69 -19.43
N LEU B 96 16.88 18.62 -20.15
CA LEU B 96 17.44 19.96 -20.33
C LEU B 96 17.49 20.70 -18.99
N ILE B 97 16.45 20.52 -18.18
CA ILE B 97 16.36 21.13 -16.86
C ILE B 97 17.51 20.69 -15.96
N ILE B 98 17.82 19.40 -15.98
CA ILE B 98 18.87 18.84 -15.15
C ILE B 98 20.26 19.31 -15.57
N ILE B 99 20.42 19.60 -16.86
CA ILE B 99 21.70 20.11 -17.37
C ILE B 99 22.07 21.43 -16.69
N PHE B 100 21.08 22.29 -16.50
CA PHE B 100 21.31 23.60 -15.91
C PHE B 100 21.62 23.57 -14.41
N VAL B 101 20.94 22.69 -13.68
CA VAL B 101 21.13 22.62 -12.23
C VAL B 101 22.50 22.07 -11.85
N LYS B 102 23.07 21.23 -12.72
CA LYS B 102 24.40 20.68 -12.48
C LYS B 102 25.50 21.68 -12.87
N SER B 103 25.12 22.74 -13.58
CA SER B 103 26.06 23.76 -14.00
C SER B 103 26.31 24.78 -12.90
N SER B 113 22.26 30.12 -2.48
CA SER B 113 22.55 29.14 -3.52
C SER B 113 21.66 29.37 -4.75
N ALA B 114 22.29 29.44 -5.91
CA ALA B 114 21.56 29.67 -7.16
C ALA B 114 20.77 28.45 -7.59
N ALA B 115 21.34 27.27 -7.37
CA ALA B 115 20.70 26.02 -7.77
C ALA B 115 19.43 25.75 -6.97
N VAL B 116 19.43 26.15 -5.70
CA VAL B 116 18.27 25.99 -4.84
C VAL B 116 17.14 26.90 -5.33
N ALA B 117 17.49 28.14 -5.66
CA ALA B 117 16.51 29.11 -6.17
C ALA B 117 16.05 28.74 -7.58
N PHE B 118 16.92 28.09 -8.34
CA PHE B 118 16.59 27.67 -9.70
C PHE B 118 15.60 26.50 -9.70
N ASP B 120 13.57 25.84 -7.34
CA ASP B 120 12.34 26.34 -6.75
C ASP B 120 11.42 26.95 -7.82
N SER B 121 12.00 27.77 -8.68
CA SER B 121 11.23 28.45 -9.72
C SER B 121 10.65 27.47 -10.74
N ILE B 122 11.36 26.37 -10.99
CA ILE B 122 10.90 25.37 -11.94
C ILE B 122 9.70 24.61 -11.38
N LEU B 123 9.77 24.24 -10.10
CA LEU B 123 8.64 23.61 -9.44
C LEU B 123 7.46 24.57 -9.42
N ALA B 124 7.75 25.84 -9.17
CA ALA B 124 6.72 26.87 -9.14
C ALA B 124 6.01 27.01 -10.49
N LEU B 125 6.77 26.98 -11.57
CA LEU B 125 6.18 27.08 -12.91
C LEU B 125 5.44 25.78 -13.23
N GLY B 126 5.91 24.68 -12.68
CA GLY B 126 5.25 23.40 -12.84
C GLY B 126 3.87 23.45 -12.21
N VAL B 127 3.81 24.01 -11.01
CA VAL B 127 2.54 24.23 -10.32
C VAL B 127 1.68 25.20 -11.12
N LEU B 128 2.31 26.21 -11.68
CA LEU B 128 1.61 27.22 -12.47
C LEU B 128 0.97 26.62 -13.72
N VAL B 129 1.72 25.79 -14.44
CA VAL B 129 1.22 25.15 -15.65
C VAL B 129 0.18 24.09 -15.30
N ALA B 130 0.39 23.37 -14.21
CA ALA B 130 -0.54 22.34 -13.76
C ALA B 130 -1.91 22.96 -13.44
N ASN B 131 -1.88 24.07 -12.72
CA ASN B 131 -3.11 24.81 -12.41
C ASN B 131 -3.75 25.37 -13.66
N SER B 132 -2.92 25.80 -14.62
CA SER B 132 -3.41 26.37 -15.86
C SER B 132 -4.19 25.35 -16.69
N HIS B 133 -3.64 24.14 -16.79
CA HIS B 133 -4.26 23.09 -17.57
C HIS B 133 -5.47 22.49 -16.86
N HIS B 134 -5.53 22.65 -15.54
CA HIS B 134 -6.69 22.17 -14.79
C HIS B 134 -7.87 23.12 -15.00
N VAL B 135 -7.56 24.37 -15.30
CA VAL B 135 -8.58 25.37 -15.57
C VAL B 135 -9.01 25.30 -17.03
N LYS B 136 -8.04 25.16 -17.93
CA LYS B 136 -8.31 25.12 -19.36
C LYS B 136 -8.98 23.83 -19.81
N ARG B 137 -8.44 22.69 -19.40
CA ARG B 137 -8.96 21.39 -19.80
C ARG B 137 -10.11 20.94 -18.91
N GLY B 138 -9.97 21.17 -17.60
CA GLY B 138 -11.00 20.78 -16.65
C GLY B 138 -11.15 19.27 -16.53
N GLU B 139 -12.04 18.71 -17.33
CA GLU B 139 -12.27 17.27 -17.33
C GLU B 139 -11.25 16.56 -18.22
N ASN B 140 -10.68 17.31 -19.16
CA ASN B 140 -9.67 16.77 -20.07
C ASN B 140 -8.26 16.90 -19.49
N PHE B 141 -8.18 17.12 -18.18
CA PHE B 141 -6.89 17.25 -17.50
C PHE B 141 -6.11 15.95 -17.56
N ASN B 142 -4.81 16.05 -17.77
CA ASN B 142 -3.96 14.86 -17.88
C ASN B 142 -3.01 14.73 -16.70
N GLN B 143 -3.29 13.78 -15.81
CA GLN B 143 -2.48 13.58 -14.62
C GLN B 143 -1.12 12.97 -14.95
N ARG B 144 -1.10 12.06 -15.92
CA ARG B 144 0.10 11.29 -16.24
C ARG B 144 1.30 12.17 -16.60
N VAL B 145 1.12 13.03 -17.58
CA VAL B 145 2.21 13.90 -18.06
C VAL B 145 2.74 14.81 -16.96
N PHE B 146 1.84 15.34 -16.14
CA PHE B 146 2.24 16.20 -15.03
C PHE B 146 2.87 15.41 -13.89
N TYR B 147 2.35 14.21 -13.64
CA TYR B 147 2.94 13.32 -12.65
C TYR B 147 4.34 12.90 -13.10
N ARG B 148 4.44 12.59 -14.39
CA ARG B 148 5.71 12.17 -14.99
C ARG B 148 6.76 13.27 -14.82
N PHE B 149 6.33 14.52 -14.96
CA PHE B 149 7.21 15.68 -14.84
C PHE B 149 7.80 15.79 -13.45
N PHE B 150 6.93 15.77 -12.44
CA PHE B 150 7.39 15.89 -11.05
C PHE B 150 8.13 14.65 -10.58
N ALA B 151 7.73 13.48 -11.08
CA ALA B 151 8.36 12.22 -10.67
C ALA B 151 9.81 12.15 -11.10
N LEU B 152 10.09 12.55 -12.34
CA LEU B 152 11.45 12.53 -12.86
C LEU B 152 12.34 13.52 -12.13
N LEU B 153 11.76 14.65 -11.75
CA LEU B 153 12.50 15.67 -11.01
C LEU B 153 12.87 15.17 -9.62
N LEU B 154 11.94 14.48 -8.96
CA LEU B 154 12.22 13.88 -7.66
C LEU B 154 13.35 12.87 -7.77
N HIS B 155 13.26 12.00 -8.77
CA HIS B 155 14.25 10.96 -8.97
C HIS B 155 15.64 11.52 -9.30
N GLU B 156 15.66 12.62 -10.04
CA GLU B 156 16.92 13.21 -10.48
C GLU B 156 17.61 14.00 -9.38
N VAL B 157 16.82 14.67 -8.54
CA VAL B 157 17.37 15.42 -7.41
C VAL B 157 18.04 14.48 -6.42
N GLY B 158 17.43 13.30 -6.22
CA GLY B 158 18.00 12.29 -5.35
C GLY B 158 19.35 11.81 -5.84
N LEU B 159 19.51 11.76 -7.17
CA LEU B 159 20.78 11.35 -7.77
C LEU B 159 21.86 12.40 -7.54
N LEU B 160 21.45 13.65 -7.40
CA LEU B 160 22.38 14.75 -7.18
C LEU B 160 22.46 15.13 -5.71
N ALA B 161 22.23 14.16 -4.84
CA ALA B 161 22.27 14.40 -3.39
C ALA B 161 23.68 14.76 -2.93
N GLY B 162 24.68 14.11 -3.50
CA GLY B 162 26.06 14.36 -3.14
C GLY B 162 26.58 15.67 -3.72
N HIS B 163 25.89 16.18 -4.72
CA HIS B 163 26.29 17.44 -5.36
C HIS B 163 26.03 18.63 -4.45
N PHE B 164 24.83 18.70 -3.90
CA PHE B 164 24.45 19.81 -3.03
C PHE B 164 25.02 19.64 -1.62
N SER B 165 25.09 20.73 -0.88
CA SER B 165 25.54 20.68 0.51
C SER B 165 24.40 20.16 1.40
N LYS B 166 24.67 20.04 2.69
CA LYS B 166 23.68 19.51 3.62
C LYS B 166 22.48 20.46 3.74
N SER B 167 22.77 21.74 3.95
CA SER B 167 21.72 22.73 4.16
C SER B 167 20.94 23.04 2.88
N HIS B 168 21.65 23.10 1.75
CA HIS B 168 21.02 23.42 0.47
C HIS B 168 20.09 22.31 -0.02
N TYR B 169 20.49 21.06 0.19
CA TYR B 169 19.69 19.92 -0.23
C TYR B 169 18.39 19.83 0.57
N GLU B 170 18.45 20.25 1.83
CA GLU B 170 17.27 20.25 2.68
C GLU B 170 16.25 21.28 2.22
N GLN B 171 16.73 22.45 1.81
CA GLN B 171 15.87 23.53 1.33
C GLN B 171 15.10 23.11 0.08
N ILE B 172 15.76 22.37 -0.80
CA ILE B 172 15.13 21.88 -2.02
C ILE B 172 13.99 20.92 -1.69
N ILE B 173 14.23 20.03 -0.73
CA ILE B 173 13.22 19.08 -0.31
C ILE B 173 12.05 19.80 0.38
N LEU B 174 12.37 20.75 1.25
CA LEU B 174 11.35 21.54 1.94
C LEU B 174 10.51 22.34 0.95
N ASN B 175 11.16 22.91 -0.06
CA ASN B 175 10.46 23.65 -1.09
C ASN B 175 9.58 22.74 -1.95
N PHE B 176 9.98 21.48 -2.08
CA PHE B 176 9.21 20.50 -2.81
C PHE B 176 7.90 20.22 -2.06
N ALA B 177 7.99 20.18 -0.74
CA ALA B 177 6.83 19.95 0.10
C ALA B 177 5.90 21.15 0.09
N ALA B 178 6.48 22.34 -0.06
CA ALA B 178 5.71 23.57 -0.13
C ALA B 178 4.95 23.66 -1.45
N ARG B 179 5.61 23.24 -2.52
CA ARG B 179 5.00 23.30 -3.85
C ARG B 179 3.97 22.20 -4.08
N LEU B 180 4.09 21.11 -3.34
CA LEU B 180 3.10 20.03 -3.41
C LEU B 180 1.79 20.45 -2.75
N PHE B 181 1.91 21.25 -1.68
CA PHE B 181 0.75 21.75 -0.97
C PHE B 181 -0.03 22.75 -1.83
N ASP B 182 0.65 23.35 -2.79
CA ASP B 182 0.02 24.29 -3.70
C ASP B 182 -0.87 23.55 -4.70
N ARG B 184 -3.03 21.00 -3.91
CA ARG B 184 -3.97 20.22 -3.09
C ARG B 184 -5.09 19.64 -3.95
N PRO B 185 -5.67 18.52 -3.50
CA PRO B 185 -6.86 17.99 -4.17
C PRO B 185 -8.05 18.93 -3.98
N ASN B 186 -7.94 19.86 -3.04
CA ASN B 186 -8.98 20.87 -2.82
C ASN B 186 -8.94 21.95 -3.89
N LEU B 187 -7.74 22.23 -4.40
CA LEU B 187 -7.56 23.22 -5.44
C LEU B 187 -7.48 22.56 -6.82
N LEU B 188 -6.93 21.35 -6.84
CA LEU B 188 -6.85 20.57 -8.07
C LEU B 188 -7.36 19.15 -7.84
N PRO B 189 -8.69 18.98 -7.83
CA PRO B 189 -9.31 17.67 -7.60
C PRO B 189 -9.04 16.72 -8.76
N GLY B 190 -8.80 17.26 -9.94
CA GLY B 190 -8.53 16.44 -11.11
C GLY B 190 -7.11 15.90 -11.13
N PHE B 191 -6.33 16.29 -10.12
CA PHE B 191 -4.94 15.88 -10.02
C PHE B 191 -4.71 15.12 -8.72
N ALA B 192 -5.82 14.73 -8.08
CA ALA B 192 -5.78 14.10 -6.76
C ALA B 192 -4.98 12.80 -6.71
N CYS B 193 -5.29 11.87 -7.60
CA CYS B 193 -4.66 10.55 -7.59
C CYS B 193 -3.15 10.63 -7.85
N ALA B 194 -2.75 11.48 -8.78
CA ALA B 194 -1.34 11.65 -9.11
C ALA B 194 -0.61 12.37 -7.98
N TRP B 195 -1.25 13.38 -7.40
CA TRP B 195 -0.69 14.12 -6.28
C TRP B 195 -0.46 13.20 -5.09
N ALA B 196 -1.36 12.25 -4.91
CA ALA B 196 -1.24 11.26 -3.84
C ALA B 196 0.00 10.39 -4.05
N GLY B 197 0.29 10.08 -5.32
CA GLY B 197 1.45 9.29 -5.66
C GLY B 197 2.75 10.04 -5.43
N LEU B 198 2.70 11.36 -5.60
CA LEU B 198 3.88 12.20 -5.38
C LEU B 198 4.22 12.29 -3.89
N VAL B 199 3.19 12.34 -3.06
CA VAL B 199 3.38 12.37 -1.61
C VAL B 199 3.93 11.04 -1.11
N SER B 200 3.43 9.95 -1.70
CA SER B 200 3.84 8.62 -1.30
C SER B 200 5.08 8.13 -2.07
N HIS B 201 5.65 9.03 -2.87
CA HIS B 201 6.77 8.67 -3.74
C HIS B 201 8.02 8.30 -2.95
N ARG B 202 8.80 7.37 -3.50
CA ARG B 202 9.98 6.85 -2.81
C ARG B 202 11.14 7.84 -2.79
N ALA B 203 11.03 8.89 -3.59
CA ALA B 203 12.10 9.89 -3.67
C ALA B 203 11.81 11.11 -2.81
N PHE B 204 10.60 11.17 -2.26
CA PHE B 204 10.21 12.31 -1.43
C PHE B 204 9.86 11.90 -0.01
N LEU B 205 8.96 10.93 0.13
CA LEU B 205 8.49 10.48 1.44
C LEU B 205 9.60 10.04 2.41
N PRO B 206 10.55 9.20 1.95
CA PRO B 206 11.60 8.82 2.91
C PRO B 206 12.60 9.94 3.20
N VAL B 207 12.78 10.86 2.24
CA VAL B 207 13.81 11.89 2.39
C VAL B 207 13.34 13.11 3.18
N ILE B 208 12.03 13.36 3.17
CA ILE B 208 11.48 14.49 3.91
C ILE B 208 11.42 14.18 5.41
N LEU B 209 11.21 12.91 5.74
CA LEU B 209 11.14 12.48 7.13
C LEU B 209 12.53 12.09 7.63
N GLY B 210 13.45 11.90 6.70
CA GLY B 210 14.81 11.52 7.03
C GLY B 210 15.66 12.71 7.44
N LEU B 211 15.17 13.92 7.16
CA LEU B 211 15.88 15.14 7.52
C LEU B 211 16.07 15.24 9.03
N PRO B 212 17.26 15.69 9.45
CA PRO B 212 17.63 15.75 10.87
C PRO B 212 16.77 16.74 11.66
N ASP B 213 16.70 16.53 12.97
CA ASP B 213 15.95 17.39 13.88
C ASP B 213 14.48 17.52 13.52
N GLU B 214 13.96 16.51 12.81
CA GLU B 214 12.55 16.47 12.41
C GLU B 214 12.13 17.73 11.66
N LYS B 215 13.05 18.29 10.88
CA LYS B 215 12.80 19.54 10.17
C LYS B 215 11.76 19.37 9.06
N GLY B 216 11.60 18.14 8.58
CA GLY B 216 10.68 17.87 7.48
C GLY B 216 9.36 17.27 7.93
N TRP B 217 9.22 17.01 9.23
CA TRP B 217 8.00 16.40 9.75
C TRP B 217 6.83 17.37 9.69
N ALA B 218 7.08 18.62 10.08
CA ALA B 218 6.05 19.66 10.03
C ALA B 218 5.55 19.97 8.60
N PRO B 219 6.47 20.08 7.62
CA PRO B 219 5.95 20.25 6.26
C PRO B 219 5.20 19.02 5.75
N PHE B 220 5.68 17.83 6.08
CA PHE B 220 5.07 16.60 5.57
C PHE B 220 3.69 16.35 6.17
N THR B 221 3.54 16.64 7.46
CA THR B 221 2.26 16.42 8.13
C THR B 221 1.19 17.35 7.59
N LYS B 222 1.61 18.45 6.96
CA LYS B 222 0.68 19.38 6.33
C LYS B 222 0.08 18.75 5.07
N LEU B 223 0.88 17.96 4.36
CA LEU B 223 0.43 17.30 3.14
C LEU B 223 -0.48 16.12 3.45
N LEU B 224 -0.16 15.40 4.52
CA LEU B 224 -0.91 14.20 4.88
C LEU B 224 -2.32 14.55 5.39
N GLU B 225 -2.45 15.70 6.01
CA GLU B 225 -3.75 16.19 6.47
C GLU B 225 -4.70 16.38 5.31
N GLN B 226 -4.16 16.78 4.17
CA GLN B 226 -4.95 16.95 2.95
C GLN B 226 -5.28 15.60 2.34
N PHE B 227 -4.33 14.68 2.44
CA PHE B 227 -4.49 13.33 1.92
C PHE B 227 -5.60 12.60 2.69
N LEU B 228 -5.42 12.52 4.01
CA LEU B 228 -6.37 11.80 4.87
C LEU B 228 -7.75 12.43 4.85
N GLY B 229 -7.79 13.76 4.70
CA GLY B 229 -9.04 14.47 4.64
C GLY B 229 -9.79 14.23 3.34
N CYS B 230 -9.04 14.14 2.24
CA CYS B 230 -9.62 13.91 0.93
C CYS B 230 -10.28 12.53 0.85
N VAL B 231 -9.54 11.52 1.25
CA VAL B 231 -10.06 10.15 1.23
C VAL B 231 -11.15 9.97 2.27
N GLY B 232 -11.07 10.74 3.35
CA GLY B 232 -12.05 10.66 4.43
C GLY B 232 -13.40 11.14 3.96
N GLU B 233 -13.41 12.21 3.17
CA GLU B 233 -14.64 12.75 2.63
C GLU B 233 -15.15 11.84 1.52
N LEU B 234 -14.24 11.12 0.88
CA LEU B 234 -14.60 10.18 -0.17
C LEU B 234 -15.33 8.97 0.39
N VAL B 235 -14.83 8.42 1.49
CA VAL B 235 -15.42 7.24 2.09
C VAL B 235 -16.65 7.59 2.93
N LYS B 236 -16.75 8.84 3.35
CA LYS B 236 -17.92 9.32 4.07
C LYS B 236 -19.11 9.27 3.12
N THR B 237 -18.85 9.57 1.85
CA THR B 237 -19.82 9.36 0.79
C THR B 237 -19.72 7.89 0.37
N PHE B 238 -20.83 7.32 -0.08
CA PHE B 238 -20.84 5.91 -0.45
C PHE B 238 -20.30 5.72 -1.86
N THR B 239 -19.02 6.02 -2.04
CA THR B 239 -18.39 5.98 -3.36
C THR B 239 -18.14 4.57 -3.88
N VAL B 240 -18.27 4.39 -5.18
CA VAL B 240 -18.03 3.10 -5.83
C VAL B 240 -17.11 3.29 -7.02
N SER B 241 -16.65 4.52 -7.21
CA SER B 241 -15.81 4.86 -8.37
C SER B 241 -14.40 4.35 -8.22
N SER B 242 -13.65 4.36 -9.33
CA SER B 242 -12.28 3.90 -9.34
C SER B 242 -11.35 4.89 -8.65
N LEU B 243 -11.72 6.17 -8.68
CA LEU B 243 -10.93 7.21 -8.03
C LEU B 243 -10.91 7.00 -6.52
N GLY B 244 -12.08 6.75 -5.95
CA GLY B 244 -12.20 6.51 -4.52
C GLY B 244 -11.39 5.31 -4.07
N LYS B 245 -11.39 4.26 -4.88
CA LYS B 245 -10.60 3.07 -4.58
C LYS B 245 -9.10 3.36 -4.68
N GLU B 246 -8.72 4.12 -5.70
CA GLU B 246 -7.33 4.51 -5.88
C GLU B 246 -6.84 5.34 -4.71
N TYR B 248 -8.28 5.54 -1.52
CA TYR B 248 -8.35 4.84 -0.24
C TYR B 248 -7.25 3.80 -0.09
N HIS B 249 -6.95 3.10 -1.17
CA HIS B 249 -5.88 2.11 -1.16
C HIS B 249 -4.53 2.78 -0.95
N ALA B 250 -4.34 3.95 -1.59
CA ALA B 250 -3.13 4.72 -1.40
C ALA B 250 -3.02 5.20 0.05
N ALA B 251 -4.18 5.51 0.64
CA ALA B 251 -4.23 5.94 2.03
C ALA B 251 -3.81 4.80 2.96
N LEU B 252 -4.23 3.58 2.63
CA LEU B 252 -3.85 2.41 3.41
C LEU B 252 -2.36 2.13 3.28
N LYS B 253 -1.87 2.13 2.05
CA LYS B 253 -0.47 1.79 1.78
C LYS B 253 0.51 2.79 2.38
N ILE B 254 0.16 4.08 2.34
CA ILE B 254 1.06 5.11 2.86
C ILE B 254 1.15 5.07 4.39
N LEU B 255 0.06 4.66 5.04
CA LEU B 255 0.04 4.57 6.50
C LEU B 255 0.79 3.34 6.99
N ILE B 256 0.73 2.26 6.20
CA ILE B 256 1.44 1.04 6.53
C ILE B 256 2.95 1.26 6.54
N VAL B 257 3.45 1.96 5.53
CA VAL B 257 4.89 2.25 5.47
C VAL B 257 5.26 3.31 6.50
N LEU B 258 4.31 4.16 6.86
CA LEU B 258 4.54 5.16 7.89
C LEU B 258 4.63 4.51 9.27
N GLN B 259 3.80 3.51 9.49
CA GLN B 259 3.80 2.79 10.75
C GLN B 259 5.08 1.97 10.94
N HIS B 260 5.60 1.44 9.84
CA HIS B 260 6.78 0.59 9.88
C HIS B 260 8.09 1.36 9.76
N ASP B 261 8.19 2.23 8.77
CA ASP B 261 9.43 2.94 8.48
C ASP B 261 9.63 4.19 9.35
N PHE B 262 8.54 4.81 9.76
CA PHE B 262 8.63 6.02 10.59
C PHE B 262 7.61 6.03 11.73
N PRO B 263 7.76 5.12 12.70
CA PRO B 263 6.78 4.99 13.78
C PRO B 263 6.80 6.18 14.74
N ILE B 264 7.97 6.78 14.94
CA ILE B 264 8.11 7.90 15.86
C ILE B 264 7.33 9.12 15.38
N TYR B 265 7.37 9.36 14.06
CA TYR B 265 6.61 10.45 13.47
C TYR B 265 5.11 10.23 13.63
N LEU B 266 4.68 9.00 13.37
CA LEU B 266 3.27 8.65 13.44
C LEU B 266 2.77 8.71 14.89
N ASP B 267 3.70 8.58 15.83
CA ASP B 267 3.39 8.65 17.26
C ASP B 267 3.29 10.10 17.72
N LYS B 268 4.15 10.95 17.18
CA LYS B 268 4.23 12.34 17.60
C LYS B 268 3.09 13.19 17.03
N PHE B 269 2.78 12.99 15.76
CA PHE B 269 1.73 13.76 15.09
C PHE B 269 0.42 12.98 15.02
N ARG B 270 0.18 12.12 16.00
CA ARG B 270 -1.01 11.26 16.00
C ARG B 270 -2.31 12.06 16.11
N VAL B 271 -2.27 13.13 16.88
CA VAL B 271 -3.46 13.92 17.15
C VAL B 271 -3.94 14.66 15.91
N GLN B 272 -3.02 15.35 15.23
CA GLN B 272 -3.34 16.11 14.04
C GLN B 272 -3.86 15.21 12.91
N LEU B 273 -3.23 14.05 12.75
CA LEU B 273 -3.59 13.13 11.68
C LEU B 273 -4.98 12.54 11.89
N CYS B 274 -5.32 12.24 13.14
CA CYS B 274 -6.63 11.70 13.47
C CYS B 274 -7.73 12.72 13.21
N GLN B 275 -7.40 14.00 13.38
CA GLN B 275 -8.35 15.08 13.16
C GLN B 275 -8.73 15.24 11.69
N SER B 276 -7.82 14.85 10.81
CA SER B 276 -8.08 14.93 9.37
C SER B 276 -9.13 13.90 8.96
N LEU B 277 -9.16 12.79 9.68
CA LEU B 277 -10.07 11.70 9.37
C LEU B 277 -11.39 11.86 10.12
N PRO B 278 -12.49 11.37 9.54
CA PRO B 278 -13.74 11.27 10.27
C PRO B 278 -13.62 10.21 11.36
N LEU B 279 -14.34 10.36 12.45
CA LEU B 279 -14.23 9.45 13.58
C LEU B 279 -14.63 8.01 13.24
N HIS B 280 -15.61 7.87 12.35
CA HIS B 280 -16.14 6.55 12.02
C HIS B 280 -15.24 5.74 11.07
N ALA B 281 -14.25 6.42 10.48
CA ALA B 281 -13.28 5.73 9.64
C ALA B 281 -12.26 5.01 10.51
N THR B 282 -12.70 3.93 11.16
CA THR B 282 -11.93 3.27 12.21
C THR B 282 -10.58 2.70 11.77
N GLN B 283 -10.55 2.04 10.62
CA GLN B 283 -9.33 1.39 10.15
C GLN B 283 -8.21 2.39 9.84
N LEU B 284 -8.55 3.48 9.16
CA LEU B 284 -7.58 4.51 8.85
C LEU B 284 -7.03 5.14 10.13
N VAL B 285 -7.90 5.31 11.11
CA VAL B 285 -7.50 5.84 12.40
C VAL B 285 -6.64 4.82 13.15
N ASN B 286 -7.05 3.56 13.09
CA ASN B 286 -6.37 2.49 13.82
C ASN B 286 -4.93 2.27 13.36
N LEU B 287 -4.67 2.51 12.07
CA LEU B 287 -3.31 2.36 11.53
C LEU B 287 -2.34 3.37 12.13
N ILE B 288 -2.87 4.46 12.63
CA ILE B 288 -2.07 5.50 13.26
C ILE B 288 -1.88 5.20 14.74
N LEU B 289 -2.95 4.75 15.39
CA LEU B 289 -2.95 4.53 16.83
C LEU B 289 -2.20 3.26 17.23
N ALA B 290 -2.26 2.24 16.39
CA ALA B 290 -1.61 0.96 16.70
C ALA B 290 -0.11 0.99 16.41
N ALA B 291 0.39 2.16 16.00
CA ALA B 291 1.80 2.32 15.72
C ALA B 291 2.63 2.22 17.00
N ILE B 292 3.66 1.39 16.97
CA ILE B 292 4.53 1.21 18.13
C ILE B 292 5.94 1.69 17.85
N PRO B 293 6.57 2.33 18.85
CA PRO B 293 7.95 2.80 18.72
C PRO B 293 8.97 1.67 18.87
N PRO B 294 10.12 1.80 18.23
CA PRO B 294 11.18 0.79 18.29
C PRO B 294 11.83 0.72 19.68
N ASN B 295 11.73 1.83 20.43
CA ASN B 295 12.32 1.89 21.77
C ASN B 295 11.62 0.96 22.75
N CYS B 296 10.30 0.92 22.68
CA CYS B 296 9.49 -0.01 23.47
C CYS B 296 9.97 -1.45 23.25
N ASN B 297 10.44 -2.08 24.33
CA ASN B 297 11.05 -3.40 24.25
C ASN B 297 10.13 -4.53 23.80
N SER B 298 9.00 -4.69 24.47
CA SER B 298 8.10 -5.80 24.17
C SER B 298 6.63 -5.52 24.53
N LEU B 299 5.74 -6.24 23.88
CA LEU B 299 4.31 -6.17 24.20
C LEU B 299 3.84 -7.48 24.82
N ALA B 300 3.49 -7.43 26.10
CA ALA B 300 2.92 -8.59 26.76
C ALA B 300 1.43 -8.64 26.48
N ASP B 301 0.99 -9.69 25.78
CA ASP B 301 -0.41 -9.83 25.39
C ASP B 301 -1.36 -9.76 26.58
N PRO B 302 -2.51 -9.09 26.41
CA PRO B 302 -3.50 -8.88 27.47
C PRO B 302 -4.07 -10.19 28.01
N PHE B 303 -4.09 -11.23 27.18
CA PHE B 303 -4.66 -12.52 27.57
C PHE B 303 -3.59 -13.44 28.14
N GLN B 304 -2.74 -12.90 29.01
CA GLN B 304 -1.60 -13.64 29.53
C GLN B 304 -1.68 -13.87 31.04
N ALA B 305 -2.03 -15.10 31.43
CA ALA B 305 -2.05 -15.53 32.82
C ALA B 305 -2.80 -14.56 33.74
N GLY B 306 -2.06 -13.97 34.68
CA GLY B 306 -2.61 -12.97 35.58
C GLY B 306 -1.69 -11.76 35.62
N LEU B 307 -1.37 -11.24 34.44
CA LEU B 307 -0.43 -10.13 34.30
C LEU B 307 -0.93 -8.84 34.94
N LYS B 308 -0.05 -8.16 35.67
CA LYS B 308 -0.34 -6.85 36.24
C LYS B 308 0.39 -5.78 35.46
N VAL B 309 -0.35 -4.79 34.96
CA VAL B 309 0.21 -3.75 34.12
C VAL B 309 1.01 -2.73 34.93
N ASP B 310 0.91 -2.82 36.25
CA ASP B 310 1.61 -1.89 37.15
C ASP B 310 3.12 -2.15 37.12
N LYS B 311 3.49 -3.38 36.85
CA LYS B 311 4.90 -3.79 36.86
C LYS B 311 5.68 -3.24 35.67
N ILE B 312 4.96 -2.79 34.64
CA ILE B 312 5.59 -2.27 33.43
C ILE B 312 6.20 -0.89 33.67
N PRO B 313 7.51 -0.75 33.42
CA PRO B 313 8.24 0.50 33.65
C PRO B 313 7.91 1.57 32.61
N ASP B 314 7.46 1.15 31.44
CA ASP B 314 7.14 2.08 30.37
C ASP B 314 5.80 2.77 30.59
N LYS B 316 5.09 4.68 32.94
CA LYS B 316 5.31 6.00 33.52
C LYS B 316 6.05 6.92 32.55
N GLU B 317 6.46 6.37 31.41
CA GLU B 317 7.18 7.14 30.40
C GLU B 317 6.22 7.99 29.56
N ARG B 318 6.58 9.26 29.38
CA ARG B 318 5.76 10.19 28.61
C ARG B 318 6.07 10.12 27.13
N PRO B 319 5.02 9.98 26.30
CA PRO B 319 5.14 9.96 24.83
C PRO B 319 5.32 11.37 24.28
N PRO B 320 6.01 11.49 23.13
CA PRO B 320 6.18 12.79 22.48
C PRO B 320 4.92 13.21 21.70
N THR B 321 4.56 14.48 21.80
CA THR B 321 3.40 14.99 21.07
C THR B 321 3.71 16.31 20.38
N ALA B 322 3.30 16.43 19.12
CA ALA B 322 3.52 17.66 18.36
C ALA B 322 2.31 18.56 18.46
N PHE B 323 1.21 18.01 18.97
CA PHE B 323 -0.02 18.77 19.15
C PHE B 323 0.12 19.77 20.30
N ASP B 324 0.01 21.04 19.98
CA ASP B 324 0.15 22.10 20.97
C ASP B 324 -1.17 22.32 21.72
N SER B 325 -1.39 21.55 22.78
CA SER B 325 -2.64 21.62 23.54
C SER B 325 -2.70 22.88 24.41
N ALA B 326 -1.56 23.28 24.96
CA ALA B 326 -1.50 24.46 25.81
C ALA B 326 -1.75 25.73 25.00
N GLY B 327 -1.40 25.69 23.72
CA GLY B 327 -1.57 26.83 22.85
C GLY B 327 -3.01 27.07 22.48
N LEU B 328 -3.69 26.03 22.00
CA LEU B 328 -5.08 26.14 21.55
C LEU B 328 -6.02 26.64 22.63
N LEU B 329 -5.81 26.20 23.86
CA LEU B 329 -6.62 26.65 24.98
C LEU B 329 -6.30 28.07 25.39
N ARG B 330 -5.07 28.49 25.14
CA ARG B 330 -4.66 29.86 25.45
C ARG B 330 -5.32 30.84 24.49
N GLU B 331 -5.42 30.44 23.22
CA GLU B 331 -6.07 31.27 22.21
C GLU B 331 -7.56 31.36 22.47
N ALA B 332 -8.12 30.30 23.05
CA ALA B 332 -9.53 30.28 23.42
C ALA B 332 -9.72 30.90 24.79
N GLY B 333 -8.62 31.08 25.51
CA GLY B 333 -8.67 31.66 26.84
C GLY B 333 -9.14 30.69 27.89
N LEU B 334 -9.10 29.40 27.58
CA LEU B 334 -9.56 28.36 28.49
C LEU B 334 -8.42 27.77 29.31
N LEU B 335 -7.19 28.12 28.95
CA LEU B 335 -6.01 27.60 29.64
C LEU B 335 -5.98 28.05 31.09
N ASP B 336 -6.26 29.34 31.32
CA ASP B 336 -6.26 29.89 32.67
C ASP B 336 -7.41 29.33 33.51
N ILE B 337 -8.52 29.02 32.85
CA ILE B 337 -9.69 28.49 33.53
C ILE B 337 -9.50 27.02 33.90
N LEU B 338 -9.05 26.23 32.92
CA LEU B 338 -8.88 24.80 33.12
C LEU B 338 -7.78 24.49 34.12
N GLU B 339 -6.62 25.12 33.96
CA GLU B 339 -5.48 24.90 34.85
C GLU B 339 -5.84 25.29 36.29
N ARG B 340 -6.73 26.26 36.43
CA ARG B 340 -7.20 26.66 37.75
C ARG B 340 -8.04 25.54 38.37
N LEU B 342 -7.93 22.43 37.72
CA LEU B 342 -7.12 21.24 37.95
C LEU B 342 -6.44 21.29 39.32
N GLN B 343 -6.19 22.49 39.81
CA GLN B 343 -5.48 22.66 41.07
C GLN B 343 -6.40 22.79 42.28
N ASN B 344 -7.44 23.61 42.17
CA ASN B 344 -8.32 23.87 43.30
C ASN B 344 -9.60 23.03 43.30
N GLY B 345 -9.84 22.31 42.21
CA GLY B 345 -11.03 21.49 42.09
C GLY B 345 -12.00 22.03 41.05
N PRO B 346 -12.99 21.20 40.68
CA PRO B 346 -13.98 21.58 39.67
C PRO B 346 -14.98 22.61 40.17
N SER B 347 -15.38 23.53 39.30
CA SER B 347 -16.39 24.53 39.63
C SER B 347 -17.50 24.50 38.59
N GLU B 348 -18.72 24.78 39.03
CA GLU B 348 -19.88 24.73 38.14
C GLU B 348 -19.80 25.76 37.02
N ASP B 349 -19.20 26.90 37.32
CA ASP B 349 -19.08 27.98 36.34
C ASP B 349 -18.00 27.69 35.29
N GLY B 350 -16.92 27.06 35.73
CA GLY B 350 -15.81 26.76 34.85
C GLY B 350 -16.13 25.71 33.80
N VAL B 351 -16.77 24.63 34.23
CA VAL B 351 -17.14 23.54 33.33
C VAL B 351 -18.18 24.00 32.31
N ALA B 352 -19.05 24.91 32.73
CA ALA B 352 -20.09 25.44 31.85
C ALA B 352 -19.53 26.42 30.83
N GLN B 353 -18.38 27.01 31.15
CA GLN B 353 -17.75 27.98 30.26
C GLN B 353 -16.92 27.27 29.19
N ILE B 354 -16.35 26.13 29.56
CA ILE B 354 -15.63 25.30 28.60
C ILE B 354 -16.63 24.69 27.62
N ASN B 355 -17.75 24.22 28.15
CA ASN B 355 -18.81 23.62 27.35
C ASN B 355 -19.31 24.59 26.27
N HIS B 356 -19.44 25.86 26.64
CA HIS B 356 -19.89 26.89 25.71
C HIS B 356 -18.89 27.06 24.56
N ALA B 357 -17.61 26.97 24.88
CA ALA B 357 -16.55 27.10 23.87
C ALA B 357 -16.44 25.84 23.02
N ILE B 358 -16.77 24.70 23.62
CA ILE B 358 -16.75 23.42 22.92
C ILE B 358 -17.83 23.37 21.84
N ASN B 359 -19.01 23.89 22.17
CA ASN B 359 -20.14 23.90 21.24
C ASN B 359 -19.99 24.92 20.11
N LYS B 360 -19.09 25.89 20.30
CA LYS B 360 -18.82 26.89 19.28
C LYS B 360 -18.28 26.26 18.00
N SER B 361 -18.69 26.79 16.86
CA SER B 361 -18.26 26.27 15.57
C SER B 361 -16.78 26.58 15.31
N SER B 367 -27.09 36.40 17.51
CA SER B 367 -27.11 35.19 18.33
C SER B 367 -28.54 34.74 18.63
N PHE B 368 -29.51 35.55 18.21
CA PHE B 368 -30.92 35.23 18.43
C PHE B 368 -31.37 34.09 17.53
N GLY B 369 -32.02 33.09 18.13
CA GLY B 369 -32.51 31.94 17.39
C GLY B 369 -31.39 31.14 16.77
N TYR B 370 -30.32 30.93 17.52
CA TYR B 370 -29.17 30.19 17.03
C TYR B 370 -28.95 28.89 17.80
N VAL B 371 -29.06 27.78 17.08
CA VAL B 371 -28.81 26.47 17.67
C VAL B 371 -27.46 25.94 17.21
N PRO B 372 -26.66 25.41 18.16
CA PRO B 372 -25.32 24.90 17.86
C PRO B 372 -25.35 23.64 16.99
N LEU B 373 -24.98 23.79 15.72
CA LEU B 373 -24.94 22.66 14.79
C LEU B 373 -23.49 22.28 14.48
N GLY B 374 -22.92 21.42 15.31
CA GLY B 374 -21.53 21.01 15.16
C GLY B 374 -20.74 21.27 16.42
N VAL B 375 -19.64 20.54 16.58
CA VAL B 375 -18.81 20.65 17.78
C VAL B 375 -17.36 20.97 17.40
N ASN B 376 -16.68 21.73 18.26
CA ASN B 376 -15.28 22.04 18.05
C ASN B 376 -14.38 20.86 18.41
N ARG B 377 -14.03 20.07 17.40
CA ARG B 377 -13.29 18.83 17.60
C ARG B 377 -11.91 19.04 18.20
N ARG B 378 -11.18 20.01 17.66
CA ARG B 378 -9.80 20.23 18.06
C ARG B 378 -9.66 20.80 19.47
N LEU B 379 -10.63 21.61 19.88
CA LEU B 379 -10.62 22.20 21.22
C LEU B 379 -10.80 21.13 22.28
N ILE B 380 -11.61 20.12 21.96
CA ILE B 380 -11.84 19.00 22.86
C ILE B 380 -10.56 18.21 23.07
N ASP B 381 -9.84 17.95 21.97
CA ASP B 381 -8.57 17.25 22.03
C ASP B 381 -7.57 18.02 22.91
N ALA B 382 -7.66 19.34 22.87
CA ALA B 382 -6.77 20.18 23.66
C ALA B 382 -7.04 20.04 25.16
N VAL B 383 -8.31 20.07 25.54
CA VAL B 383 -8.70 19.94 26.94
C VAL B 383 -8.29 18.59 27.50
N VAL B 384 -8.60 17.54 26.74
CA VAL B 384 -8.29 16.17 27.14
C VAL B 384 -6.80 15.98 27.41
N ALA B 385 -5.97 16.55 26.56
CA ALA B 385 -4.52 16.41 26.68
C ALA B 385 -3.97 17.05 27.95
N ARG B 386 -4.60 18.14 28.39
CA ARG B 386 -4.13 18.86 29.57
C ARG B 386 -4.41 18.10 30.86
N PHE B 387 -5.45 17.27 30.86
CA PHE B 387 -5.76 16.44 32.01
C PHE B 387 -4.65 15.41 32.24
N ALA B 388 -4.05 14.94 31.15
CA ALA B 388 -2.95 14.00 31.23
C ALA B 388 -1.66 14.70 31.63
N GLU B 389 -1.37 15.80 30.96
CA GLU B 389 -0.16 16.58 31.21
C GLU B 389 -0.03 17.01 32.67
N PHE B 390 -1.16 17.34 33.29
CA PHE B 390 -1.17 17.75 34.68
C PHE B 390 -0.81 16.58 35.60
N ALA B 391 -1.19 15.37 35.20
CA ALA B 391 -0.92 14.18 35.99
C ALA B 391 0.54 13.76 35.91
N ILE B 392 1.17 13.98 34.75
CA ILE B 392 2.56 13.61 34.55
C ILE B 392 3.47 14.52 35.36
N ASN B 393 3.19 15.81 35.32
CA ASN B 393 3.97 16.79 36.07
C ASN B 393 3.77 16.63 37.57
N ARG B 394 2.64 16.03 37.95
CA ARG B 394 2.29 15.84 39.35
C ARG B 394 2.94 14.57 39.91
N ALA B 395 3.32 13.66 39.02
CA ALA B 395 3.88 12.37 39.41
C ALA B 395 5.24 12.48 40.09
N SER B 396 6.01 13.50 39.71
CA SER B 396 7.36 13.69 40.24
C SER B 396 7.34 14.09 41.71
N SER B 397 6.28 14.79 42.13
CA SER B 397 6.17 15.28 43.50
C SER B 397 5.83 14.16 44.48
N ARG B 398 4.86 13.32 44.12
CA ARG B 398 4.42 12.23 44.99
C ARG B 398 5.50 11.16 45.16
N SER B 399 5.48 10.50 46.31
CA SER B 399 6.46 9.47 46.63
C SER B 399 6.21 8.19 45.84
N ASP B 400 4.94 7.88 45.62
CA ASP B 400 4.58 6.67 44.87
C ASP B 400 4.88 6.81 43.38
N SER B 401 5.06 8.05 42.94
CA SER B 401 5.34 8.37 41.54
C SER B 401 4.25 7.84 40.61
N ALA B 402 3.02 7.78 41.12
CA ALA B 402 1.90 7.27 40.34
C ALA B 402 1.32 8.36 39.45
N ILE B 403 0.94 7.98 38.23
CA ILE B 403 0.38 8.92 37.27
C ILE B 403 -1.05 9.31 37.64
N PHE B 404 -1.87 8.30 37.91
CA PHE B 404 -3.28 8.52 38.21
C PHE B 404 -3.58 8.52 39.71
N VAL B 405 -4.26 9.56 40.17
CA VAL B 405 -4.72 9.62 41.56
C VAL B 405 -6.25 9.56 41.58
N ALA B 406 -6.78 8.65 42.40
CA ALA B 406 -8.21 8.38 42.41
C ALA B 406 -9.05 9.51 43.00
N GLY B 407 -8.53 10.15 44.04
CA GLY B 407 -9.28 11.19 44.74
C GLY B 407 -8.80 12.60 44.44
N ALA B 408 -8.01 12.76 43.38
CA ALA B 408 -7.47 14.06 43.03
C ALA B 408 -8.54 14.99 42.46
N ASN B 409 -8.18 16.25 42.26
CA ASN B 409 -9.11 17.25 41.74
C ASN B 409 -9.25 17.18 40.22
N ASP B 410 -8.22 16.66 39.55
CA ASP B 410 -8.23 16.58 38.09
C ASP B 410 -9.25 15.57 37.59
N ILE B 411 -9.35 14.43 38.28
CA ILE B 411 -10.30 13.39 37.90
C ILE B 411 -11.73 13.82 38.23
N LYS B 412 -11.88 14.63 39.27
CA LYS B 412 -13.18 15.16 39.66
C LYS B 412 -13.62 16.24 38.68
N THR B 413 -12.65 16.92 38.09
CA THR B 413 -12.92 17.94 37.09
C THR B 413 -13.38 17.28 35.79
N LEU B 414 -12.70 16.19 35.43
CA LEU B 414 -13.05 15.45 34.22
C LEU B 414 -14.39 14.71 34.39
N GLN B 415 -14.66 14.29 35.62
CA GLN B 415 -15.91 13.60 35.94
C GLN B 415 -17.11 14.52 35.73
N LEU B 417 -17.07 17.14 33.95
CA LEU B 417 -17.04 17.60 32.57
C LEU B 417 -17.87 16.71 31.64
N VAL B 418 -17.66 15.41 31.74
CA VAL B 418 -18.31 14.45 30.83
C VAL B 418 -19.83 14.39 31.02
N THR B 419 -20.31 14.79 32.19
CA THR B 419 -21.74 14.69 32.48
C THR B 419 -22.51 15.97 32.17
N GLU B 420 -21.79 17.09 32.11
CA GLU B 420 -22.42 18.38 31.82
C GLU B 420 -22.25 18.78 30.35
N VAL B 421 -21.49 17.96 29.61
CA VAL B 421 -21.20 18.23 28.21
C VAL B 421 -22.25 17.61 27.29
N SER B 422 -22.58 18.32 26.21
CA SER B 422 -23.53 17.86 25.19
C SER B 422 -23.29 16.41 24.76
N PRO B 423 -24.38 15.65 24.54
CA PRO B 423 -24.32 14.23 24.18
C PRO B 423 -23.45 13.96 22.96
N GLU B 424 -23.59 14.78 21.91
CA GLU B 424 -22.74 14.64 20.74
C GLU B 424 -21.31 15.02 21.09
N ALA B 425 -21.17 16.07 21.90
CA ALA B 425 -19.85 16.54 22.31
C ALA B 425 -19.19 15.59 23.30
N ARG B 426 -20.00 14.86 24.05
CA ARG B 426 -19.47 13.87 24.99
C ARG B 426 -18.89 12.69 24.22
N TYR B 427 -19.49 12.39 23.07
CA TYR B 427 -19.00 11.32 22.20
C TYR B 427 -17.60 11.62 21.71
N TYR B 428 -17.36 12.87 21.33
CA TYR B 428 -16.03 13.30 20.92
C TYR B 428 -15.09 13.33 22.12
N LEU B 429 -15.62 13.76 23.27
CA LEU B 429 -14.84 13.88 24.49
C LEU B 429 -14.30 12.53 24.94
N VAL B 430 -15.15 11.51 24.88
CA VAL B 430 -14.73 10.16 25.27
C VAL B 430 -13.86 9.53 24.17
N SER B 431 -14.08 9.94 22.93
CA SER B 431 -13.30 9.42 21.81
C SER B 431 -11.84 9.84 21.88
N SER B 432 -11.60 11.05 22.39
CA SER B 432 -10.24 11.56 22.55
C SER B 432 -9.49 10.74 23.59
N VAL B 434 -10.09 7.55 24.32
CA VAL B 434 -9.85 6.22 23.78
C VAL B 434 -8.68 6.22 22.79
N ASN B 435 -8.55 7.31 22.05
CA ASN B 435 -7.44 7.48 21.10
C ASN B 435 -6.07 7.45 21.76
N GLU B 436 -6.01 7.75 23.05
CA GLU B 436 -4.73 7.79 23.74
C GLU B 436 -4.39 6.44 24.37
N LEU B 437 -5.32 5.50 24.28
CA LEU B 437 -5.10 4.14 24.75
C LEU B 437 -4.33 3.33 23.73
N ARG B 438 -3.00 3.41 23.79
CA ARG B 438 -2.15 2.79 22.77
C ARG B 438 -1.11 1.87 23.42
N TYR B 439 0.12 1.91 22.91
CA TYR B 439 1.20 1.14 23.48
C TYR B 439 1.50 1.66 24.89
N PRO B 440 2.10 0.82 25.75
CA PRO B 440 2.42 1.20 27.13
C PRO B 440 3.17 2.53 27.27
N ASN B 441 2.43 3.58 27.62
CA ASN B 441 3.01 4.89 27.91
C ASN B 441 2.18 5.61 28.96
N ALA B 442 2.63 6.78 29.40
CA ALA B 442 1.95 7.51 30.46
C ALA B 442 0.53 7.92 30.08
N TYR B 443 0.32 8.20 28.80
CA TYR B 443 -1.00 8.60 28.31
C TYR B 443 -2.01 7.45 28.35
N THR B 444 -1.57 6.28 27.90
CA THR B 444 -2.41 5.08 27.95
C THR B 444 -2.73 4.73 29.40
N ASN B 445 -1.72 4.86 30.27
CA ASN B 445 -1.89 4.58 31.69
C ASN B 445 -2.97 5.44 32.33
N TYR B 446 -2.83 6.75 32.18
CA TYR B 446 -3.75 7.70 32.81
C TYR B 446 -5.18 7.56 32.29
N PHE B 447 -5.35 7.54 30.98
CA PHE B 447 -6.68 7.48 30.38
C PHE B 447 -7.35 6.12 30.51
N SER B 448 -6.56 5.08 30.81
CA SER B 448 -7.14 3.78 31.09
C SER B 448 -7.77 3.81 32.47
N GLN B 449 -7.05 4.40 33.42
CA GLN B 449 -7.53 4.53 34.79
C GLN B 449 -8.70 5.51 34.86
N ALA B 450 -8.58 6.62 34.14
CA ALA B 450 -9.58 7.68 34.16
C ALA B 450 -10.91 7.21 33.56
N LEU B 451 -10.84 6.49 32.44
CA LEU B 451 -12.03 6.01 31.76
C LEU B 451 -12.80 5.03 32.62
N LEU B 452 -12.09 4.24 33.40
CA LEU B 452 -12.71 3.27 34.30
C LEU B 452 -13.27 3.95 35.54
N ASP B 453 -12.61 5.02 35.98
CA ASP B 453 -13.04 5.75 37.16
C ASP B 453 -14.35 6.49 36.89
N ILE B 454 -14.51 6.98 35.66
CA ILE B 454 -15.73 7.65 35.24
C ILE B 454 -16.86 6.64 35.13
N PHE B 455 -16.54 5.48 34.56
CA PHE B 455 -17.51 4.40 34.41
C PHE B 455 -17.97 3.88 35.77
N GLY B 456 -17.03 3.84 36.72
CA GLY B 456 -17.31 3.31 38.04
C GLY B 456 -17.99 4.30 38.97
N HIS B 457 -18.04 5.55 38.57
CA HIS B 457 -18.65 6.59 39.39
C HIS B 457 -20.17 6.57 39.31
N ASP B 458 -20.81 6.60 40.48
CA ASP B 458 -22.27 6.63 40.58
C ASP B 458 -22.95 5.46 39.86
N SER B 460 -25.12 3.54 41.19
CA SER B 460 -26.51 3.52 41.65
C SER B 460 -27.34 4.59 40.93
N ASP B 461 -26.69 5.64 40.46
CA ASP B 461 -27.37 6.73 39.80
C ASP B 461 -27.81 6.33 38.38
N PRO B 462 -29.10 6.55 38.07
CA PRO B 462 -29.68 6.18 36.77
C PRO B 462 -29.33 7.16 35.66
N GLU B 463 -29.03 8.41 36.01
CA GLU B 463 -28.72 9.42 35.02
C GLU B 463 -27.29 9.26 34.48
N GLU B 464 -26.43 8.65 35.28
CA GLU B 464 -25.05 8.39 34.87
C GLU B 464 -24.94 7.13 34.03
N ASN B 465 -26.06 6.42 33.86
CA ASN B 465 -26.07 5.18 33.11
C ASN B 465 -25.87 5.40 31.61
N LEU B 466 -26.47 6.48 31.10
CA LEU B 466 -26.35 6.80 29.67
C LEU B 466 -24.92 7.21 29.31
N VAL B 467 -24.22 7.81 30.28
CA VAL B 467 -22.82 8.15 30.09
C VAL B 467 -21.98 6.89 29.98
N ARG B 468 -22.26 5.93 30.86
CA ARG B 468 -21.61 4.62 30.82
C ARG B 468 -21.90 3.91 29.51
N GLU B 469 -23.14 4.04 29.05
CA GLU B 469 -23.57 3.43 27.79
C GLU B 469 -22.84 4.06 26.61
N GLN B 470 -22.48 5.33 26.76
CA GLN B 470 -21.79 6.04 25.69
C GLN B 470 -20.29 5.75 25.71
N ILE B 471 -19.75 5.48 26.89
CA ILE B 471 -18.34 5.10 27.03
C ILE B 471 -18.09 3.75 26.36
N VAL B 472 -19.03 2.84 26.53
CA VAL B 472 -18.89 1.49 25.98
C VAL B 472 -19.25 1.46 24.50
N ARG B 473 -20.03 2.43 24.04
CA ARG B 473 -20.46 2.46 22.65
C ARG B 473 -19.29 2.81 21.72
N VAL B 474 -18.50 3.79 22.12
CA VAL B 474 -17.32 4.19 21.36
C VAL B 474 -16.22 3.14 21.50
N LEU B 475 -16.25 2.40 22.61
CA LEU B 475 -15.26 1.37 22.87
C LEU B 475 -15.49 0.16 21.98
N LEU B 476 -16.75 -0.21 21.80
CA LEU B 476 -17.11 -1.37 20.98
C LEU B 476 -16.82 -1.14 19.50
N GLU B 477 -17.05 0.09 19.04
CA GLU B 477 -16.90 0.43 17.63
C GLU B 477 -15.51 0.09 17.11
N ARG B 478 -14.52 0.14 17.98
CA ARG B 478 -13.13 -0.05 17.58
C ARG B 478 -12.70 -1.51 17.67
N VAL B 479 -13.41 -2.30 18.47
CA VAL B 479 -13.04 -3.69 18.69
C VAL B 479 -13.83 -4.62 17.76
N LEU B 480 -14.99 -4.16 17.32
CA LEU B 480 -15.84 -4.94 16.42
C LEU B 480 -15.14 -5.25 15.10
N GLY B 481 -14.26 -4.35 14.67
CA GLY B 481 -13.52 -4.53 13.43
C GLY B 481 -12.50 -5.65 13.50
N TYR B 482 -12.39 -6.39 12.39
CA TYR B 482 -11.43 -7.49 12.30
C TYR B 482 -10.05 -7.00 11.85
N TRP B 483 -9.32 -6.39 12.77
CA TRP B 483 -7.99 -5.87 12.49
C TRP B 483 -7.21 -5.76 13.80
N PRO B 484 -5.86 -5.74 13.72
CA PRO B 484 -5.02 -5.58 14.92
C PRO B 484 -5.42 -4.37 15.75
N GLN B 485 -5.51 -4.55 17.06
CA GLN B 485 -5.99 -3.51 17.96
C GLN B 485 -4.84 -2.89 18.74
N PRO B 486 -5.02 -1.63 19.19
CA PRO B 486 -4.06 -1.01 20.11
C PRO B 486 -3.94 -1.80 21.39
N TRP B 487 -2.77 -1.76 22.02
CA TRP B 487 -2.53 -2.54 23.23
C TRP B 487 -3.39 -2.10 24.40
N GLY B 488 -3.39 -0.80 24.68
CA GLY B 488 -4.12 -0.26 25.81
C GLY B 488 -5.62 -0.39 25.69
N LEU B 489 -6.13 -0.40 24.46
CA LEU B 489 -7.56 -0.50 24.22
C LEU B 489 -8.13 -1.83 24.71
N ILE B 490 -7.37 -2.91 24.49
CA ILE B 490 -7.80 -4.24 24.93
C ILE B 490 -7.60 -4.42 26.43
N ILE B 491 -6.51 -3.84 26.95
CA ILE B 491 -6.20 -3.91 28.38
C ILE B 491 -7.31 -3.29 29.22
N THR B 492 -7.74 -2.10 28.83
CA THR B 492 -8.74 -1.36 29.60
C THR B 492 -10.14 -1.97 29.52
N ILE B 493 -10.39 -2.75 28.46
CA ILE B 493 -11.70 -3.38 28.30
C ILE B 493 -11.81 -4.64 29.14
N LEU B 494 -10.74 -5.42 29.18
CA LEU B 494 -10.71 -6.62 30.02
C LEU B 494 -10.90 -6.25 31.49
N GLU B 495 -10.31 -5.14 31.90
CA GLU B 495 -10.46 -4.64 33.26
C GLU B 495 -11.89 -4.14 33.49
N LEU B 496 -12.51 -3.67 32.41
CA LEU B 496 -13.89 -3.22 32.47
C LEU B 496 -14.84 -4.41 32.61
N LEU B 497 -14.37 -5.58 32.22
CA LEU B 497 -15.16 -6.80 32.32
C LEU B 497 -14.85 -7.57 33.60
N LYS B 498 -13.58 -7.57 33.99
CA LYS B 498 -13.11 -8.37 35.12
C LYS B 498 -13.73 -7.96 36.45
N ASN B 499 -13.72 -6.67 36.74
CA ASN B 499 -14.23 -6.18 38.03
C ASN B 499 -15.76 -6.26 38.11
N ASP B 500 -16.25 -6.67 39.28
CA ASP B 500 -17.68 -6.84 39.49
C ASP B 500 -18.42 -5.53 39.73
N LYS B 501 -17.71 -4.54 40.27
CA LYS B 501 -18.32 -3.24 40.57
C LYS B 501 -18.76 -2.52 39.30
N TYR B 502 -18.08 -2.82 38.19
CA TYR B 502 -18.45 -2.26 36.90
C TYR B 502 -19.68 -2.96 36.34
N LEU B 503 -19.80 -4.26 36.61
CA LEU B 503 -20.93 -5.10 36.18
C LEU B 503 -21.41 -4.76 34.78
N PHE B 504 -20.48 -4.87 33.83
CA PHE B 504 -20.75 -4.50 32.45
C PHE B 504 -21.89 -5.32 31.87
N PHE B 505 -21.98 -6.58 32.24
CA PHE B 505 -23.02 -7.44 31.69
C PHE B 505 -24.40 -7.00 32.18
N GLU B 506 -24.43 -6.40 33.37
CA GLU B 506 -25.66 -5.87 33.92
C GLU B 506 -26.05 -4.53 33.29
N LEU B 507 -25.16 -3.93 32.48
CA LEU B 507 -25.52 -2.76 31.70
C LEU B 507 -26.61 -3.19 30.71
N PRO B 508 -27.68 -2.37 30.56
CA PRO B 508 -28.91 -2.66 29.81
C PRO B 508 -28.77 -3.49 28.52
N PHE B 509 -27.58 -3.58 27.94
CA PHE B 509 -27.38 -4.24 26.64
C PHE B 509 -28.36 -3.68 25.61
N ILE B 510 -28.57 -2.37 25.61
CA ILE B 510 -29.58 -1.76 24.74
C ILE B 510 -29.26 -1.93 23.26
N LYS B 511 -27.99 -1.74 22.89
CA LYS B 511 -27.57 -1.88 21.50
C LYS B 511 -27.03 -3.28 21.19
N ALA B 512 -27.06 -4.17 22.17
CA ALA B 512 -26.52 -5.51 22.00
C ALA B 512 -27.35 -6.31 21.01
N THR B 513 -26.68 -6.88 20.01
CA THR B 513 -27.33 -7.59 18.92
C THR B 513 -26.32 -8.67 18.50
N PRO B 514 -26.78 -9.73 17.81
CA PRO B 514 -25.95 -10.91 17.50
C PRO B 514 -24.53 -10.58 17.03
N GLU B 515 -24.39 -9.70 16.06
CA GLU B 515 -23.08 -9.31 15.55
C GLU B 515 -22.25 -8.61 16.63
N VAL B 516 -22.90 -7.73 17.40
CA VAL B 516 -22.24 -7.06 18.52
C VAL B 516 -21.99 -8.03 19.68
N ALA B 517 -22.99 -8.85 19.99
CA ALA B 517 -22.89 -9.82 21.09
C ALA B 517 -21.79 -10.86 20.87
N GLU B 518 -21.76 -11.48 19.69
CA GLU B 518 -20.80 -12.55 19.41
C GLU B 518 -19.34 -12.12 19.51
N ARG B 519 -19.04 -10.94 18.97
CA ARG B 519 -17.68 -10.45 18.96
C ARG B 519 -17.23 -10.15 20.37
N PHE B 520 -18.18 -9.73 21.22
CA PHE B 520 -17.83 -9.25 22.54
C PHE B 520 -17.81 -10.35 23.58
N THR B 521 -18.66 -11.35 23.38
CA THR B 521 -18.67 -12.52 24.23
C THR B 521 -17.39 -13.31 24.01
N ALA B 522 -16.87 -13.26 22.78
CA ALA B 522 -15.62 -13.96 22.47
C ALA B 522 -14.43 -13.27 23.13
N LEU B 523 -14.49 -11.93 23.19
CA LEU B 523 -13.44 -11.14 23.82
C LEU B 523 -13.41 -11.37 25.33
N ALA B 524 -14.60 -11.48 25.92
CA ALA B 524 -14.71 -11.68 27.37
C ALA B 524 -14.14 -13.04 27.78
N ARG B 525 -14.50 -14.07 27.02
CA ARG B 525 -14.02 -15.42 27.29
C ARG B 525 -12.53 -15.56 27.01
N SER B 526 -12.03 -14.76 26.08
CA SER B 526 -10.61 -14.78 25.73
C SER B 526 -9.79 -13.98 26.75
N ASN C 1 43.49 -21.90 -7.33
CA ASN C 1 42.59 -22.10 -6.19
C ASN C 1 42.09 -23.55 -6.10
N LEU C 2 41.40 -23.85 -5.00
CA LEU C 2 40.86 -25.19 -4.75
C LEU C 2 41.93 -26.27 -4.85
N TYR C 3 42.74 -26.38 -3.79
CA TYR C 3 43.84 -27.34 -3.76
C TYR C 3 43.83 -28.17 -2.48
N PHE C 4 43.50 -29.45 -2.61
CA PHE C 4 43.55 -30.37 -1.48
C PHE C 4 44.98 -30.80 -1.21
N GLN C 5 45.39 -30.76 0.06
CA GLN C 5 46.76 -31.09 0.42
C GLN C 5 46.85 -31.58 1.87
N GLY C 6 47.66 -32.60 2.09
CA GLY C 6 47.90 -33.10 3.44
C GLY C 6 46.72 -33.83 4.03
N HIS C 7 46.29 -33.39 5.22
CA HIS C 7 45.19 -34.02 5.93
C HIS C 7 43.88 -33.95 5.14
N LEU C 9 43.59 -33.95 1.97
CA LEU C 9 43.70 -34.80 0.79
C LEU C 9 43.61 -36.29 1.16
N GLU C 10 44.32 -36.67 2.22
CA GLU C 10 44.51 -38.08 2.55
C GLU C 10 43.51 -38.63 3.56
N ALA C 11 43.47 -38.01 4.75
CA ALA C 11 42.71 -38.57 5.87
C ALA C 11 41.28 -38.04 5.98
N ALA C 12 41.02 -36.87 5.41
CA ALA C 12 39.73 -36.21 5.53
C ALA C 12 38.59 -37.01 4.90
N HIS C 13 37.46 -37.07 5.60
CA HIS C 13 36.28 -37.77 5.10
C HIS C 13 35.52 -36.91 4.10
N LEU C 14 34.58 -37.52 3.39
CA LEU C 14 33.81 -36.84 2.35
C LEU C 14 33.06 -35.62 2.86
N LEU C 15 32.44 -35.75 4.02
CA LEU C 15 31.65 -34.67 4.60
C LEU C 15 32.51 -33.43 4.90
N GLU C 16 33.66 -33.66 5.53
CA GLU C 16 34.59 -32.59 5.87
C GLU C 16 35.14 -31.94 4.60
N GLN C 17 35.32 -32.75 3.55
CA GLN C 17 35.83 -32.25 2.27
C GLN C 17 34.83 -31.33 1.60
N GLU C 19 32.62 -29.55 3.15
CA GLU C 19 32.60 -28.35 3.98
C GLU C 19 33.75 -27.42 3.60
N TYR C 20 34.90 -28.02 3.31
CA TYR C 20 36.08 -27.25 2.91
C TYR C 20 35.89 -26.58 1.56
N VAL C 21 35.19 -27.25 0.66
CA VAL C 21 34.93 -26.70 -0.68
C VAL C 21 34.06 -25.45 -0.60
N PHE C 22 32.99 -25.53 0.20
CA PHE C 22 32.06 -24.41 0.35
C PHE C 22 32.73 -23.20 0.98
N ASP C 23 33.60 -23.43 1.95
CA ASP C 23 34.33 -22.36 2.61
C ASP C 23 35.26 -21.65 1.64
N GLU C 24 35.87 -22.42 0.75
CA GLU C 24 36.75 -21.85 -0.27
C GLU C 24 35.95 -21.08 -1.32
N TRP C 25 34.72 -21.53 -1.55
CA TRP C 25 33.82 -20.85 -2.48
C TRP C 25 33.39 -19.51 -1.91
N ILE C 26 33.22 -19.45 -0.60
CA ILE C 26 32.86 -18.22 0.09
C ILE C 26 33.99 -17.19 -0.02
N HIS C 27 35.21 -17.64 0.20
CA HIS C 27 36.38 -16.77 0.09
C HIS C 27 36.53 -16.23 -1.32
N LEU C 28 36.16 -17.03 -2.32
CA LEU C 28 36.25 -16.63 -3.71
C LEU C 28 35.22 -15.54 -4.02
N CYS C 29 34.02 -15.71 -3.51
CA CYS C 29 32.95 -14.75 -3.75
C CYS C 29 33.08 -13.51 -2.88
N ASN C 30 33.85 -13.63 -1.80
CA ASN C 30 34.10 -12.48 -0.93
C ASN C 30 34.94 -11.43 -1.63
N ASN C 31 35.99 -11.88 -2.30
CA ASN C 31 36.85 -11.00 -3.08
C ASN C 31 36.19 -10.60 -4.40
N PRO C 32 35.88 -9.30 -4.55
CA PRO C 32 35.23 -8.79 -5.76
C PRO C 32 36.20 -8.73 -6.94
N HIS C 33 37.48 -8.93 -6.67
CA HIS C 33 38.51 -8.87 -7.70
C HIS C 33 38.62 -10.21 -8.43
N ALA C 34 37.81 -11.17 -8.03
CA ALA C 34 37.75 -12.46 -8.71
C ALA C 34 36.76 -12.39 -9.88
N THR C 35 37.26 -12.64 -11.08
CA THR C 35 36.44 -12.54 -12.29
C THR C 35 35.39 -13.64 -12.37
N GLU C 36 34.45 -13.48 -13.29
CA GLU C 36 33.43 -14.49 -13.53
C GLU C 36 34.06 -15.73 -14.15
N ARG C 37 35.10 -15.52 -14.95
CA ARG C 37 35.84 -16.63 -15.54
C ARG C 37 36.61 -17.38 -14.46
N ALA C 38 37.05 -16.65 -13.45
CA ALA C 38 37.77 -17.24 -12.33
C ALA C 38 36.85 -18.18 -11.54
N ALA C 39 35.57 -17.83 -11.48
CA ALA C 39 34.57 -18.66 -10.82
C ALA C 39 34.36 -19.94 -11.61
N ILE C 41 36.68 -21.40 -13.34
CA ILE C 41 37.87 -22.20 -13.09
C ILE C 41 37.70 -23.01 -11.81
N PHE C 42 37.13 -22.38 -10.79
CA PHE C 42 36.90 -23.01 -9.50
C PHE C 42 35.96 -24.20 -9.62
N VAL C 43 34.81 -23.98 -10.24
CA VAL C 43 33.78 -25.02 -10.37
C VAL C 43 34.22 -26.13 -11.33
N HIS C 44 35.16 -25.82 -12.22
CA HIS C 44 35.71 -26.82 -13.12
C HIS C 44 36.68 -27.73 -12.37
N GLN C 45 37.48 -27.12 -11.50
CA GLN C 45 38.41 -27.88 -10.66
C GLN C 45 37.63 -28.79 -9.70
N LEU C 46 36.48 -28.31 -9.25
CA LEU C 46 35.62 -29.08 -8.37
C LEU C 46 35.05 -30.32 -9.08
N HIS C 47 34.82 -30.17 -10.39
CA HIS C 47 34.28 -31.27 -11.18
C HIS C 47 35.30 -32.39 -11.38
N SER C 48 36.57 -32.01 -11.58
CA SER C 48 37.62 -32.99 -11.82
C SER C 48 37.91 -33.83 -10.59
N VAL C 49 37.92 -33.18 -9.42
CA VAL C 49 38.14 -33.87 -8.15
C VAL C 49 37.05 -34.92 -7.91
N GLN C 50 35.87 -34.64 -8.45
CA GLN C 50 34.73 -35.56 -8.41
C GLN C 50 34.20 -35.83 -7.00
N LEU C 51 34.08 -34.77 -6.20
CA LEU C 51 33.44 -34.89 -4.90
C LEU C 51 31.93 -34.83 -5.09
N VAL C 52 31.52 -34.10 -6.12
CA VAL C 52 30.10 -33.97 -6.46
C VAL C 52 29.90 -34.29 -7.94
N THR C 53 29.52 -35.54 -8.22
CA THR C 53 29.32 -35.98 -9.60
C THR C 53 27.89 -36.45 -9.84
N ASN C 54 27.12 -36.56 -8.77
CA ASN C 54 25.73 -36.99 -8.87
C ASN C 54 24.79 -36.00 -8.18
N ARG C 55 23.52 -36.04 -8.57
CA ARG C 55 22.52 -35.15 -8.00
C ARG C 55 22.32 -35.41 -6.51
N ASP C 56 22.51 -36.67 -6.10
CA ASP C 56 22.35 -37.04 -4.70
C ASP C 56 23.46 -36.45 -3.83
N GLU C 57 24.67 -36.42 -4.37
CA GLU C 57 25.82 -35.90 -3.64
C GLU C 57 25.74 -34.37 -3.50
N PHE C 58 25.16 -33.73 -4.51
CA PHE C 58 25.02 -32.28 -4.49
C PHE C 58 23.98 -31.84 -3.46
N LEU C 59 22.90 -32.61 -3.36
CA LEU C 59 21.87 -32.34 -2.38
C LEU C 59 22.40 -32.56 -0.98
N LEU C 60 23.36 -33.47 -0.85
CA LEU C 60 24.01 -33.74 0.42
C LEU C 60 25.00 -32.63 0.74
N PHE C 61 25.59 -32.06 -0.30
CA PHE C 61 26.54 -30.96 -0.15
C PHE C 61 25.80 -29.65 0.15
N LEU C 62 24.68 -29.44 -0.54
CA LEU C 62 23.87 -28.24 -0.36
C LEU C 62 23.26 -28.21 1.03
N ARG C 63 22.97 -29.38 1.56
CA ARG C 63 22.40 -29.51 2.91
C ARG C 63 23.28 -28.83 3.95
N HIS C 64 24.55 -29.22 3.99
CA HIS C 64 25.50 -28.65 4.95
C HIS C 64 25.82 -27.19 4.61
N ALA C 65 25.74 -26.86 3.33
CA ALA C 65 25.99 -25.49 2.88
C ALA C 65 24.94 -24.55 3.43
N LEU C 66 23.71 -25.05 3.58
CA LEU C 66 22.63 -24.27 4.16
C LEU C 66 22.84 -24.09 5.66
N ASP C 67 23.22 -25.16 6.34
CA ASP C 67 23.49 -25.12 7.77
C ASP C 67 24.61 -24.12 8.08
N LYS C 68 25.66 -24.16 7.28
CA LYS C 68 26.80 -23.26 7.47
C LYS C 68 26.44 -21.81 7.18
N SER C 69 25.55 -21.59 6.22
CA SER C 69 25.11 -20.25 5.88
C SER C 69 24.35 -19.63 7.05
N VAL C 70 23.62 -20.47 7.78
CA VAL C 70 22.89 -20.02 8.96
C VAL C 70 23.86 -19.67 10.08
N GLU C 71 24.80 -20.56 10.35
CA GLU C 71 25.80 -20.33 11.39
C GLU C 71 26.65 -19.10 11.10
N ARG C 72 27.01 -18.92 9.83
CA ARG C 72 27.85 -17.80 9.42
C ARG C 72 27.13 -16.47 9.57
N PHE C 73 25.81 -16.50 9.41
CA PHE C 73 24.99 -15.30 9.55
C PHE C 73 24.86 -14.90 11.02
N GLU C 74 24.48 -15.87 11.85
CA GLU C 74 24.29 -15.63 13.28
C GLU C 74 25.59 -15.23 13.96
N GLN C 75 26.69 -15.80 13.51
CA GLN C 75 28.01 -15.46 14.05
C GLN C 75 28.40 -14.05 13.61
N GLY C 76 27.96 -13.68 12.41
CA GLY C 76 28.24 -12.35 11.88
C GLY C 76 27.53 -11.27 12.66
N ILE C 77 26.36 -11.60 13.21
CA ILE C 77 25.60 -10.66 14.01
C ILE C 77 26.27 -10.41 15.36
N HIS C 78 26.67 -11.49 16.03
CA HIS C 78 27.34 -11.39 17.32
C HIS C 78 28.71 -10.72 17.21
N SER C 79 29.32 -10.83 16.03
CA SER C 79 30.61 -10.20 15.78
C SER C 79 30.46 -8.70 15.56
N GLY C 80 29.25 -8.27 15.21
CA GLY C 80 28.98 -6.86 14.99
C GLY C 80 28.96 -6.49 13.53
N ALA C 81 29.15 -7.48 12.66
CA ALA C 81 29.13 -7.24 11.22
C ALA C 81 27.76 -6.82 10.74
N SER C 82 27.71 -6.20 9.57
CA SER C 82 26.46 -5.70 9.01
C SER C 82 25.52 -6.84 8.61
N ILE C 83 24.24 -6.52 8.48
CA ILE C 83 23.23 -7.50 8.05
C ILE C 83 23.55 -8.01 6.65
N ALA C 84 23.94 -7.09 5.77
CA ALA C 84 24.24 -7.44 4.38
C ALA C 84 25.54 -8.22 4.27
N GLU C 85 26.49 -7.93 5.16
CA GLU C 85 27.77 -8.62 5.16
C GLU C 85 27.64 -10.05 5.67
N SER C 86 26.70 -10.25 6.59
CA SER C 86 26.46 -11.57 7.16
C SER C 86 25.67 -12.46 6.21
N PHE C 87 25.03 -11.84 5.22
CA PHE C 87 24.24 -12.55 4.23
C PHE C 87 25.13 -13.14 3.13
N GLN C 88 26.41 -12.81 3.18
CA GLN C 88 27.37 -13.23 2.15
C GLN C 88 27.42 -14.75 1.98
N ALA C 89 27.33 -15.47 3.10
CA ALA C 89 27.41 -16.92 3.09
C ALA C 89 26.30 -17.57 2.26
N VAL C 90 25.06 -17.18 2.52
CA VAL C 90 23.93 -17.74 1.80
C VAL C 90 23.86 -17.21 0.37
N GLU C 91 24.37 -16.01 0.15
CA GLU C 91 24.43 -15.43 -1.19
C GLU C 91 25.42 -16.19 -2.06
N ALA C 92 26.54 -16.58 -1.46
CA ALA C 92 27.57 -17.33 -2.16
C ALA C 92 27.03 -18.69 -2.61
N LEU C 93 26.24 -19.31 -1.73
CA LEU C 93 25.63 -20.60 -2.04
C LEU C 93 24.66 -20.50 -3.20
N VAL C 94 23.86 -19.44 -3.20
CA VAL C 94 22.89 -19.20 -4.26
C VAL C 94 23.55 -19.07 -5.62
N LYS C 95 24.63 -18.31 -5.69
CA LYS C 95 25.36 -18.14 -6.94
C LYS C 95 25.91 -19.47 -7.45
N LEU C 96 26.42 -20.28 -6.52
CA LEU C 96 26.95 -21.60 -6.87
C LEU C 96 25.85 -22.51 -7.39
N ILE C 97 24.65 -22.37 -6.83
CA ILE C 97 23.50 -23.16 -7.25
C ILE C 97 23.12 -22.85 -8.69
N ILE C 98 23.16 -21.58 -9.05
CA ILE C 98 22.77 -21.14 -10.39
C ILE C 98 23.75 -21.62 -11.45
N ILE C 99 25.02 -21.70 -11.08
CA ILE C 99 26.05 -22.19 -12.00
C ILE C 99 25.81 -23.64 -12.38
N PHE C 100 25.29 -24.42 -11.43
CA PHE C 100 25.03 -25.84 -11.67
C PHE C 100 23.77 -26.09 -12.49
N VAL C 101 22.74 -25.26 -12.30
CA VAL C 101 21.51 -25.42 -13.05
C VAL C 101 21.69 -24.90 -14.48
N LYS C 102 22.61 -23.95 -14.65
CA LYS C 102 22.87 -23.35 -15.95
C LYS C 102 23.66 -24.31 -16.84
N SER C 103 24.35 -25.25 -16.21
CA SER C 103 25.22 -26.18 -16.92
C SER C 103 24.46 -27.37 -17.51
N HIS C 104 23.26 -27.62 -16.99
CA HIS C 104 22.46 -28.75 -17.47
C HIS C 104 22.03 -28.58 -18.93
N GLN C 105 21.69 -29.70 -19.56
CA GLN C 105 21.25 -29.69 -20.95
C GLN C 105 19.74 -29.53 -21.04
N ASP C 106 19.28 -28.90 -22.12
CA ASP C 106 17.86 -28.66 -22.30
C ASP C 106 17.34 -29.34 -23.57
N SER C 107 16.12 -29.86 -23.52
CA SER C 107 15.55 -30.58 -24.65
C SER C 107 14.04 -30.37 -24.78
N GLU C 108 13.66 -29.50 -25.73
CA GLU C 108 12.25 -29.26 -26.01
C GLU C 108 12.08 -28.65 -27.41
N PRO C 112 11.44 -33.01 -21.90
CA PRO C 112 11.95 -33.53 -20.64
C PRO C 112 13.32 -32.95 -20.28
N SER C 113 13.32 -31.92 -19.44
CA SER C 113 14.57 -31.27 -19.04
C SER C 113 15.05 -31.77 -17.68
N ALA C 114 16.35 -32.03 -17.57
CA ALA C 114 16.93 -32.45 -16.31
C ALA C 114 17.13 -31.25 -15.39
N ALA C 115 17.27 -30.07 -15.99
CA ALA C 115 17.49 -28.84 -15.23
C ALA C 115 16.26 -28.46 -14.41
N VAL C 116 15.09 -28.68 -14.98
CA VAL C 116 13.83 -28.41 -14.29
C VAL C 116 13.69 -29.33 -13.09
N ALA C 117 14.04 -30.60 -13.27
CA ALA C 117 13.99 -31.57 -12.20
C ALA C 117 15.08 -31.30 -11.17
N PHE C 118 16.18 -30.71 -11.62
CA PHE C 118 17.30 -30.38 -10.75
C PHE C 118 16.96 -29.20 -9.83
N ASP C 120 14.00 -28.32 -8.97
CA ASP C 120 12.90 -28.75 -8.11
C ASP C 120 13.42 -29.45 -6.86
N SER C 121 14.40 -30.33 -7.06
CA SER C 121 14.99 -31.08 -5.95
C SER C 121 15.75 -30.15 -5.00
N ILE C 122 16.25 -29.04 -5.52
CA ILE C 122 16.93 -28.06 -4.71
C ILE C 122 15.94 -27.32 -3.80
N LEU C 123 14.81 -26.91 -4.39
CA LEU C 123 13.75 -26.29 -3.63
C LEU C 123 13.18 -27.24 -2.59
N ALA C 124 13.04 -28.50 -2.99
CA ALA C 124 12.53 -29.54 -2.10
C ALA C 124 13.50 -29.77 -0.94
N LEU C 125 14.77 -29.56 -1.22
CA LEU C 125 15.81 -29.71 -0.20
C LEU C 125 15.74 -28.55 0.80
N GLY C 126 15.62 -27.34 0.28
CA GLY C 126 15.51 -26.15 1.10
C GLY C 126 14.32 -26.22 2.04
N VAL C 127 13.21 -26.74 1.53
CA VAL C 127 12.00 -26.94 2.32
C VAL C 127 12.27 -27.91 3.47
N LEU C 128 12.95 -29.01 3.17
CA LEU C 128 13.27 -30.03 4.15
C LEU C 128 14.19 -29.48 5.25
N VAL C 129 15.14 -28.64 4.85
CA VAL C 129 16.08 -28.05 5.79
C VAL C 129 15.39 -26.99 6.65
N ALA C 130 14.59 -26.15 6.01
CA ALA C 130 13.85 -25.09 6.71
C ALA C 130 12.89 -25.70 7.72
N ASN C 131 12.20 -26.76 7.31
CA ASN C 131 11.26 -27.45 8.19
C ASN C 131 12.01 -28.15 9.32
N SER C 132 13.27 -28.51 9.07
CA SER C 132 14.10 -29.15 10.07
C SER C 132 14.57 -28.14 11.12
N HIS C 133 15.02 -26.98 10.65
CA HIS C 133 15.48 -25.91 11.54
C HIS C 133 14.35 -25.39 12.42
N HIS C 134 13.12 -25.45 11.91
CA HIS C 134 11.96 -24.95 12.66
C HIS C 134 11.60 -25.87 13.82
N VAL C 135 11.81 -27.17 13.64
CA VAL C 135 11.51 -28.15 14.68
C VAL C 135 12.63 -28.19 15.72
N LYS C 136 13.87 -28.18 15.24
CA LYS C 136 15.05 -28.25 16.10
C LYS C 136 15.23 -26.97 16.91
N ARG C 137 14.70 -25.86 16.40
CA ARG C 137 14.88 -24.57 17.05
C ARG C 137 13.56 -23.85 17.33
N GLY C 138 13.29 -23.65 18.62
CA GLY C 138 12.15 -22.84 19.04
C GLY C 138 12.65 -21.47 19.48
N GLU C 139 12.10 -20.43 18.85
CA GLU C 139 12.51 -19.05 19.10
C GLU C 139 13.97 -18.79 18.67
N ASN C 140 14.58 -19.78 18.03
CA ASN C 140 15.94 -19.65 17.52
C ASN C 140 15.96 -19.80 16.01
N PHE C 141 14.79 -20.06 15.43
CA PHE C 141 14.65 -20.22 13.99
C PHE C 141 15.00 -18.92 13.27
N ASN C 142 15.90 -19.03 12.29
CA ASN C 142 16.35 -17.87 11.54
C ASN C 142 15.57 -17.71 10.23
N GLN C 143 14.49 -16.93 10.29
CA GLN C 143 13.63 -16.74 9.12
C GLN C 143 14.32 -15.89 8.06
N ARG C 144 15.24 -15.03 8.49
CA ARG C 144 15.92 -14.11 7.59
C ARG C 144 16.76 -14.81 6.53
N VAL C 145 17.70 -15.65 6.97
CA VAL C 145 18.61 -16.33 6.07
C VAL C 145 17.87 -17.28 5.12
N PHE C 146 16.84 -17.94 5.63
CA PHE C 146 16.04 -18.83 4.80
C PHE C 146 15.22 -18.06 3.77
N TYR C 147 14.70 -16.90 4.18
CA TYR C 147 13.97 -16.04 3.26
C TYR C 147 14.91 -15.53 2.17
N ARG C 148 16.09 -15.09 2.59
CA ARG C 148 17.09 -14.59 1.66
C ARG C 148 17.48 -15.66 0.64
N PHE C 149 17.48 -16.90 1.09
CA PHE C 149 17.80 -18.05 0.23
C PHE C 149 16.78 -18.19 -0.89
N PHE C 150 15.50 -18.29 -0.54
CA PHE C 150 14.44 -18.49 -1.52
C PHE C 150 14.18 -17.24 -2.36
N ALA C 151 14.35 -16.07 -1.77
CA ALA C 151 14.13 -14.81 -2.47
C ALA C 151 15.13 -14.62 -3.61
N LEU C 152 16.39 -14.90 -3.33
CA LEU C 152 17.45 -14.79 -4.33
C LEU C 152 17.26 -15.82 -5.44
N LEU C 153 16.71 -16.97 -5.08
CA LEU C 153 16.40 -18.01 -6.07
C LEU C 153 15.27 -17.56 -6.98
N LEU C 154 14.27 -16.91 -6.40
CA LEU C 154 13.15 -16.37 -7.16
C LEU C 154 13.64 -15.33 -8.17
N HIS C 155 14.52 -14.46 -7.71
CA HIS C 155 15.06 -13.39 -8.56
C HIS C 155 15.89 -13.94 -9.70
N GLU C 156 16.70 -14.96 -9.41
CA GLU C 156 17.60 -15.53 -10.41
C GLU C 156 16.86 -16.37 -11.44
N VAL C 157 15.76 -17.01 -11.01
CA VAL C 157 14.93 -17.80 -11.92
C VAL C 157 14.35 -16.91 -13.02
N GLY C 158 13.87 -15.74 -12.63
CA GLY C 158 13.34 -14.77 -13.58
C GLY C 158 14.40 -14.32 -14.57
N LEU C 159 15.65 -14.28 -14.11
CA LEU C 159 16.77 -13.93 -14.98
C LEU C 159 17.04 -15.05 -15.98
N LEU C 160 16.69 -16.27 -15.60
CA LEU C 160 16.90 -17.44 -16.46
C LEU C 160 15.67 -17.76 -17.29
N ALA C 161 14.88 -16.73 -17.58
CA ALA C 161 13.66 -16.90 -18.36
C ALA C 161 13.98 -17.14 -19.83
N GLY C 162 15.07 -16.55 -20.30
CA GLY C 162 15.47 -16.69 -21.69
C GLY C 162 16.22 -17.99 -21.95
N HIS C 163 16.86 -18.52 -20.91
CA HIS C 163 17.63 -19.76 -21.03
C HIS C 163 16.73 -20.96 -21.28
N PHE C 164 15.66 -21.07 -20.49
CA PHE C 164 14.74 -22.19 -20.61
C PHE C 164 13.64 -21.93 -21.63
N SER C 165 13.08 -23.00 -22.18
CA SER C 165 11.99 -22.89 -23.13
C SER C 165 10.71 -22.49 -22.42
N LYS C 166 9.65 -22.28 -23.19
CA LYS C 166 8.36 -21.86 -22.63
C LYS C 166 7.79 -22.91 -21.68
N SER C 167 7.81 -24.16 -22.10
CA SER C 167 7.26 -25.25 -21.30
C SER C 167 8.05 -25.49 -20.02
N HIS C 168 9.35 -25.25 -20.08
CA HIS C 168 10.23 -25.50 -18.95
C HIS C 168 10.18 -24.38 -17.90
N TYR C 169 10.15 -23.14 -18.36
CA TYR C 169 10.10 -22.00 -17.46
C TYR C 169 8.80 -21.99 -16.66
N GLU C 170 7.72 -22.43 -17.30
CA GLU C 170 6.43 -22.54 -16.63
C GLU C 170 6.49 -23.58 -15.52
N GLN C 171 7.15 -24.70 -15.82
CA GLN C 171 7.29 -25.78 -14.85
C GLN C 171 8.05 -25.36 -13.61
N ILE C 172 9.15 -24.62 -13.81
CA ILE C 172 9.98 -24.13 -12.72
C ILE C 172 9.15 -23.26 -11.77
N ILE C 173 8.33 -22.38 -12.35
CA ILE C 173 7.48 -21.50 -11.57
C ILE C 173 6.40 -22.27 -10.82
N LEU C 174 5.72 -23.18 -11.54
CA LEU C 174 4.68 -24.00 -10.94
C LEU C 174 5.22 -24.86 -9.81
N ASN C 175 6.40 -25.44 -10.03
CA ASN C 175 7.08 -26.23 -9.00
C ASN C 175 7.45 -25.37 -7.80
N PHE C 176 7.89 -24.16 -8.07
CA PHE C 176 8.26 -23.22 -7.01
C PHE C 176 7.02 -22.89 -6.17
N ALA C 177 5.87 -22.82 -6.82
CA ALA C 177 4.61 -22.57 -6.14
C ALA C 177 4.23 -23.76 -5.27
N ALA C 178 4.47 -24.97 -5.78
CA ALA C 178 4.17 -26.19 -5.06
C ALA C 178 5.06 -26.34 -3.83
N ARG C 179 6.35 -26.06 -4.00
CA ARG C 179 7.31 -26.17 -2.90
C ARG C 179 7.06 -25.09 -1.86
N LEU C 180 6.50 -23.96 -2.29
CA LEU C 180 6.22 -22.85 -1.40
C LEU C 180 5.05 -23.19 -0.48
N PHE C 181 4.18 -24.09 -0.95
CA PHE C 181 3.03 -24.53 -0.17
C PHE C 181 3.47 -25.47 0.95
N ASP C 182 4.62 -26.12 0.76
CA ASP C 182 5.14 -27.04 1.77
C ASP C 182 5.71 -26.30 2.98
N ARG C 184 3.94 -23.77 4.62
CA ARG C 184 2.78 -23.03 5.11
C ARG C 184 3.04 -22.44 6.49
N PRO C 185 2.31 -21.37 6.84
CA PRO C 185 2.35 -20.84 8.20
C PRO C 185 1.76 -21.84 9.20
N ASN C 186 1.02 -22.82 8.69
CA ASN C 186 0.48 -23.90 9.52
C ASN C 186 1.57 -24.88 9.91
N LEU C 187 2.52 -25.09 9.01
CA LEU C 187 3.62 -26.02 9.26
C LEU C 187 4.81 -25.29 9.89
N LEU C 188 5.12 -24.11 9.37
CA LEU C 188 6.21 -23.31 9.90
C LEU C 188 5.72 -21.91 10.29
N PRO C 189 5.08 -21.80 11.47
CA PRO C 189 4.56 -20.52 11.95
C PRO C 189 5.65 -19.47 12.18
N GLY C 190 6.86 -19.93 12.51
CA GLY C 190 7.98 -19.03 12.72
C GLY C 190 8.55 -18.51 11.41
N PHE C 191 8.00 -19.01 10.31
CA PHE C 191 8.44 -18.62 8.98
C PHE C 191 7.27 -18.03 8.21
N ALA C 192 6.23 -17.63 8.94
CA ALA C 192 5.01 -17.11 8.35
C ALA C 192 5.21 -15.77 7.64
N CYS C 193 5.85 -14.82 8.33
CA CYS C 193 6.06 -13.49 7.78
C CYS C 193 6.88 -13.51 6.49
N ALA C 194 7.98 -14.25 6.52
CA ALA C 194 8.84 -14.37 5.35
C ALA C 194 8.13 -15.07 4.20
N TRP C 195 7.31 -16.07 4.55
CA TRP C 195 6.54 -16.81 3.57
C TRP C 195 5.58 -15.90 2.84
N ALA C 196 5.02 -14.94 3.57
CA ALA C 196 4.11 -13.96 3.00
C ALA C 196 4.84 -13.07 1.98
N GLY C 197 6.10 -12.77 2.28
CA GLY C 197 6.92 -11.97 1.40
C GLY C 197 7.30 -12.72 0.13
N LEU C 198 7.39 -14.04 0.23
CA LEU C 198 7.72 -14.89 -0.90
C LEU C 198 6.53 -15.00 -1.86
N VAL C 199 5.33 -15.10 -1.30
CA VAL C 199 4.11 -15.17 -2.09
C VAL C 199 3.86 -13.83 -2.77
N SER C 200 4.17 -12.75 -2.05
CA SER C 200 3.95 -11.40 -2.57
C SER C 200 5.17 -10.87 -3.32
N HIS C 201 6.17 -11.72 -3.51
CA HIS C 201 7.41 -11.31 -4.15
C HIS C 201 7.21 -10.89 -5.60
N ARG C 202 7.95 -9.88 -6.02
CA ARG C 202 7.80 -9.33 -7.38
C ARG C 202 8.33 -10.27 -8.45
N ALA C 203 9.09 -11.28 -8.03
CA ALA C 203 9.66 -12.24 -8.96
C ALA C 203 8.80 -13.49 -9.08
N PHE C 204 7.79 -13.59 -8.21
CA PHE C 204 6.92 -14.76 -8.19
C PHE C 204 5.48 -14.42 -8.54
N LEU C 205 4.89 -13.49 -7.81
CA LEU C 205 3.48 -13.11 -7.98
C LEU C 205 3.07 -12.70 -9.41
N PRO C 206 3.83 -11.80 -10.05
CA PRO C 206 3.40 -11.43 -11.40
C PRO C 206 3.60 -12.54 -12.43
N VAL C 207 4.62 -13.37 -12.24
CA VAL C 207 4.95 -14.38 -13.23
C VAL C 207 4.06 -15.64 -13.14
N ILE C 208 3.58 -15.94 -11.94
CA ILE C 208 2.72 -17.11 -11.76
C ILE C 208 1.34 -16.86 -12.37
N LEU C 209 0.83 -15.65 -12.21
CA LEU C 209 -0.47 -15.28 -12.77
C LEU C 209 -0.31 -14.79 -14.20
N GLY C 210 0.94 -14.75 -14.66
CA GLY C 210 1.24 -14.33 -16.01
C GLY C 210 1.33 -15.49 -16.98
N LEU C 211 1.43 -16.70 -16.43
CA LEU C 211 1.48 -17.91 -17.24
C LEU C 211 0.19 -18.06 -18.05
N PRO C 212 0.32 -18.39 -19.34
CA PRO C 212 -0.81 -18.46 -20.27
C PRO C 212 -1.84 -19.51 -19.88
N ASP C 213 -3.08 -19.32 -20.33
CA ASP C 213 -4.19 -20.25 -20.10
C ASP C 213 -4.47 -20.50 -18.61
N GLU C 214 -4.17 -19.49 -17.79
CA GLU C 214 -4.44 -19.54 -16.35
C GLU C 214 -3.83 -20.75 -15.66
N LYS C 215 -2.69 -21.21 -16.17
CA LYS C 215 -2.03 -22.39 -15.64
C LYS C 215 -1.49 -22.15 -14.23
N GLY C 216 -1.32 -20.89 -13.87
CA GLY C 216 -0.75 -20.54 -12.59
C GLY C 216 -1.75 -19.99 -11.59
N TRP C 217 -2.99 -19.81 -12.03
CA TRP C 217 -4.03 -19.26 -11.17
C TRP C 217 -4.43 -20.25 -10.07
N ALA C 218 -4.67 -21.50 -10.45
CA ALA C 218 -5.04 -22.53 -9.49
C ALA C 218 -3.96 -22.84 -8.44
N PRO C 219 -2.69 -22.99 -8.87
CA PRO C 219 -1.69 -23.23 -7.82
C PRO C 219 -1.45 -22.02 -6.93
N PHE C 220 -1.56 -20.81 -7.48
CA PHE C 220 -1.36 -19.61 -6.68
C PHE C 220 -2.49 -19.39 -5.69
N THR C 221 -3.72 -19.72 -6.10
CA THR C 221 -4.87 -19.53 -5.24
C THR C 221 -4.84 -20.50 -4.06
N LYS C 222 -4.09 -21.59 -4.22
CA LYS C 222 -3.88 -22.53 -3.12
C LYS C 222 -3.02 -21.87 -2.04
N LEU C 223 -2.00 -21.15 -2.48
CA LEU C 223 -1.11 -20.44 -1.57
C LEU C 223 -1.83 -19.28 -0.89
N LEU C 224 -2.66 -18.56 -1.65
CA LEU C 224 -3.36 -17.40 -1.13
C LEU C 224 -4.39 -17.79 -0.07
N GLU C 225 -4.97 -18.97 -0.22
CA GLU C 225 -5.91 -19.50 0.77
C GLU C 225 -5.23 -19.65 2.13
N GLN C 226 -3.97 -20.09 2.09
CA GLN C 226 -3.18 -20.24 3.31
C GLN C 226 -2.79 -18.88 3.87
N PHE C 227 -2.57 -17.92 2.98
CA PHE C 227 -2.21 -16.56 3.38
C PHE C 227 -3.40 -15.92 4.09
N LEU C 228 -4.53 -15.81 3.38
CA LEU C 228 -5.71 -15.16 3.90
C LEU C 228 -6.25 -15.87 5.15
N GLY C 229 -6.14 -17.19 5.16
CA GLY C 229 -6.61 -17.98 6.29
C GLY C 229 -5.83 -17.71 7.56
N CYS C 230 -4.53 -17.48 7.40
CA CYS C 230 -3.66 -17.25 8.55
C CYS C 230 -3.97 -15.92 9.24
N VAL C 231 -4.15 -14.86 8.45
CA VAL C 231 -4.42 -13.55 9.01
C VAL C 231 -5.86 -13.45 9.49
N GLY C 232 -6.71 -14.32 8.94
CA GLY C 232 -8.12 -14.36 9.32
C GLY C 232 -8.28 -14.85 10.74
N GLU C 233 -7.45 -15.81 11.13
CA GLU C 233 -7.48 -16.35 12.48
C GLU C 233 -6.80 -15.38 13.44
N LEU C 234 -5.87 -14.59 12.92
CA LEU C 234 -5.18 -13.58 13.72
C LEU C 234 -6.11 -12.43 14.08
N VAL C 235 -6.93 -12.00 13.13
CA VAL C 235 -7.86 -10.90 13.37
C VAL C 235 -9.15 -11.40 14.03
N LYS C 236 -9.39 -12.70 13.93
CA LYS C 236 -10.52 -13.31 14.60
C LYS C 236 -10.29 -13.23 16.11
N THR C 237 -9.04 -13.45 16.50
CA THR C 237 -8.61 -13.19 17.87
C THR C 237 -8.26 -11.71 17.97
N PHE C 238 -7.78 -11.29 19.13
CA PHE C 238 -7.51 -9.88 19.35
C PHE C 238 -6.01 -9.63 19.55
N THR C 239 -5.25 -9.80 18.48
CA THR C 239 -3.79 -9.69 18.55
C THR C 239 -3.29 -8.24 18.47
N VAL C 240 -2.37 -7.91 19.35
CA VAL C 240 -1.73 -6.60 19.35
C VAL C 240 -0.26 -6.77 18.97
N SER C 241 0.13 -8.01 18.71
CA SER C 241 1.51 -8.35 18.41
C SER C 241 1.98 -7.78 17.09
N SER C 242 3.29 -7.73 16.90
CA SER C 242 3.88 -7.25 15.66
C SER C 242 3.67 -8.27 14.54
N LEU C 243 3.52 -9.53 14.92
CA LEU C 243 3.27 -10.61 13.97
C LEU C 243 1.94 -10.40 13.25
N GLY C 244 0.88 -10.16 14.03
CA GLY C 244 -0.44 -9.95 13.47
C GLY C 244 -0.53 -8.72 12.59
N LYS C 245 0.23 -7.69 12.93
CA LYS C 245 0.23 -6.45 12.15
C LYS C 245 0.83 -6.66 10.77
N GLU C 246 2.00 -7.29 10.71
CA GLU C 246 2.67 -7.54 9.43
C GLU C 246 1.84 -8.46 8.53
N TYR C 248 -1.42 -8.95 8.62
CA TYR C 248 -2.62 -8.24 8.18
C TYR C 248 -2.27 -7.19 7.13
N HIS C 249 -1.13 -6.52 7.31
CA HIS C 249 -0.68 -5.52 6.35
C HIS C 249 -0.28 -6.15 5.02
N ALA C 250 0.42 -7.29 5.10
CA ALA C 250 0.85 -8.00 3.90
C ALA C 250 -0.35 -8.53 3.13
N ALA C 251 -1.36 -8.98 3.86
CA ALA C 251 -2.61 -9.43 3.26
C ALA C 251 -3.33 -8.24 2.64
N LEU C 252 -3.19 -7.09 3.29
CA LEU C 252 -3.83 -5.87 2.83
C LEU C 252 -3.15 -5.37 1.57
N LYS C 253 -1.83 -5.48 1.53
CA LYS C 253 -1.05 -5.00 0.37
C LYS C 253 -1.16 -5.94 -0.83
N ILE C 254 -1.19 -7.25 -0.57
CA ILE C 254 -1.25 -8.22 -1.65
C ILE C 254 -2.61 -8.21 -2.34
N LEU C 255 -3.66 -7.88 -1.60
CA LEU C 255 -5.01 -7.83 -2.15
C LEU C 255 -5.23 -6.55 -2.96
N ILE C 256 -4.58 -5.47 -2.54
CA ILE C 256 -4.66 -4.21 -3.26
C ILE C 256 -4.03 -4.34 -4.64
N VAL C 257 -2.86 -4.95 -4.71
CA VAL C 257 -2.15 -5.11 -5.98
C VAL C 257 -2.85 -6.15 -6.86
N LEU C 258 -3.51 -7.13 -6.25
CA LEU C 258 -4.24 -8.14 -7.00
C LEU C 258 -5.45 -7.54 -7.69
N GLN C 259 -6.18 -6.69 -6.97
CA GLN C 259 -7.36 -6.04 -7.53
C GLN C 259 -7.00 -5.13 -8.71
N HIS C 260 -5.85 -4.49 -8.63
CA HIS C 260 -5.42 -3.54 -9.65
C HIS C 260 -4.69 -4.20 -10.82
N ASP C 261 -3.76 -5.10 -10.51
CA ASP C 261 -2.94 -5.73 -11.54
C ASP C 261 -3.59 -6.96 -12.18
N PHE C 262 -4.31 -7.74 -11.38
CA PHE C 262 -4.96 -8.94 -11.88
C PHE C 262 -6.42 -9.02 -11.44
N PRO C 263 -7.27 -8.13 -11.96
CA PRO C 263 -8.68 -8.10 -11.53
C PRO C 263 -9.46 -9.31 -12.03
N ILE C 264 -9.04 -9.89 -13.15
CA ILE C 264 -9.73 -11.03 -13.73
C ILE C 264 -9.57 -12.29 -12.88
N TYR C 265 -8.37 -12.46 -12.32
CA TYR C 265 -8.10 -13.58 -11.43
C TYR C 265 -8.90 -13.45 -10.14
N LEU C 266 -8.93 -12.25 -9.58
CA LEU C 266 -9.64 -11.99 -8.34
C LEU C 266 -11.14 -12.17 -8.51
N ASP C 267 -11.62 -11.98 -9.74
CA ASP C 267 -13.03 -12.12 -10.06
C ASP C 267 -13.44 -13.58 -10.21
N LYS C 268 -12.56 -14.39 -10.79
CA LYS C 268 -12.87 -15.78 -11.07
C LYS C 268 -12.78 -16.66 -9.82
N PHE C 269 -11.84 -16.32 -8.94
CA PHE C 269 -11.64 -17.09 -7.71
C PHE C 269 -12.15 -16.34 -6.48
N ARG C 270 -13.13 -15.47 -6.69
CA ARG C 270 -13.65 -14.61 -5.62
C ARG C 270 -14.21 -15.39 -4.43
N VAL C 271 -15.00 -16.42 -4.71
CA VAL C 271 -15.67 -17.18 -3.67
C VAL C 271 -14.68 -17.99 -2.84
N GLN C 272 -13.76 -18.67 -3.50
CA GLN C 272 -12.76 -19.49 -2.81
C GLN C 272 -11.91 -18.65 -1.86
N LEU C 273 -11.56 -17.45 -2.29
CA LEU C 273 -10.77 -16.54 -1.46
C LEU C 273 -11.59 -16.04 -0.28
N CYS C 274 -12.86 -15.76 -0.52
CA CYS C 274 -13.76 -15.31 0.55
C CYS C 274 -13.99 -16.40 1.59
N GLN C 275 -13.85 -17.65 1.18
CA GLN C 275 -14.03 -18.78 2.09
C GLN C 275 -12.85 -18.92 3.05
N SER C 276 -11.77 -18.20 2.77
CA SER C 276 -10.59 -18.20 3.63
C SER C 276 -10.75 -17.20 4.78
N LEU C 277 -11.35 -16.06 4.47
CA LEU C 277 -11.57 -15.01 5.47
C LEU C 277 -12.84 -15.27 6.26
N PRO C 278 -12.87 -14.81 7.52
CA PRO C 278 -14.11 -14.78 8.30
C PRO C 278 -15.12 -13.86 7.64
N LEU C 279 -16.41 -14.14 7.80
CA LEU C 279 -17.44 -13.33 7.17
C LEU C 279 -17.48 -11.90 7.69
N HIS C 280 -17.15 -11.73 8.97
CA HIS C 280 -17.21 -10.41 9.59
C HIS C 280 -16.00 -9.54 9.24
N ALA C 281 -14.95 -10.15 8.69
CA ALA C 281 -13.80 -9.39 8.21
C ALA C 281 -14.17 -8.69 6.91
N THR C 282 -14.94 -7.62 7.04
CA THR C 282 -15.54 -6.95 5.87
C THR C 282 -14.52 -6.33 4.93
N GLN C 283 -13.52 -5.65 5.50
CA GLN C 283 -12.51 -4.93 4.70
C GLN C 283 -11.76 -5.85 3.73
N LEU C 284 -11.26 -6.97 4.23
CA LEU C 284 -10.52 -7.90 3.40
C LEU C 284 -11.41 -8.52 2.34
N VAL C 285 -12.63 -8.88 2.72
CA VAL C 285 -13.60 -9.44 1.79
C VAL C 285 -13.96 -8.45 0.70
N ASN C 286 -14.14 -7.19 1.11
CA ASN C 286 -14.52 -6.13 0.18
C ASN C 286 -13.47 -5.85 -0.90
N LEU C 287 -12.20 -6.04 -0.55
CA LEU C 287 -11.11 -5.85 -1.50
C LEU C 287 -11.21 -6.84 -2.66
N ILE C 288 -11.81 -8.00 -2.38
CA ILE C 288 -11.97 -9.05 -3.37
C ILE C 288 -13.23 -8.80 -4.22
N LEU C 289 -14.28 -8.33 -3.56
CA LEU C 289 -15.56 -8.12 -4.23
C LEU C 289 -15.56 -6.88 -5.11
N ALA C 290 -14.85 -5.85 -4.68
CA ALA C 290 -14.84 -4.58 -5.40
C ALA C 290 -13.97 -4.60 -6.66
N ALA C 291 -13.29 -5.72 -6.88
CA ALA C 291 -12.46 -5.88 -8.06
C ALA C 291 -13.29 -5.80 -9.34
N ILE C 292 -12.80 -5.03 -10.31
CA ILE C 292 -13.55 -4.81 -11.54
C ILE C 292 -12.70 -5.11 -12.78
N PRO C 293 -13.20 -6.01 -13.65
CA PRO C 293 -12.52 -6.36 -14.90
C PRO C 293 -12.50 -5.18 -15.88
N PRO C 294 -11.45 -5.09 -16.71
CA PRO C 294 -11.26 -3.99 -17.65
C PRO C 294 -12.26 -4.03 -18.81
N ASN C 295 -13.01 -5.12 -18.91
CA ASN C 295 -13.91 -5.33 -20.04
C ASN C 295 -15.23 -4.55 -19.95
N CYS C 296 -15.78 -4.49 -18.74
CA CYS C 296 -17.12 -3.91 -18.55
C CYS C 296 -17.21 -2.42 -18.91
N ASN C 297 -16.59 -1.57 -18.08
CA ASN C 297 -16.71 -0.12 -18.21
C ASN C 297 -18.16 0.35 -18.22
N SER C 298 -19.01 -0.36 -17.48
CA SER C 298 -20.44 -0.07 -17.46
C SER C 298 -20.89 0.51 -16.12
N LEU C 299 -19.95 1.09 -15.38
CA LEU C 299 -20.28 1.66 -14.08
C LEU C 299 -20.80 3.08 -14.18
N ALA C 300 -22.11 3.25 -14.03
CA ALA C 300 -22.72 4.56 -13.93
C ALA C 300 -23.07 4.82 -12.48
N ASP C 301 -23.19 6.09 -12.13
CA ASP C 301 -23.50 6.47 -10.75
C ASP C 301 -24.86 5.95 -10.31
N PRO C 302 -24.87 5.11 -9.25
CA PRO C 302 -26.11 4.55 -8.69
C PRO C 302 -27.00 5.64 -8.11
N PHE C 303 -26.39 6.76 -7.70
CA PHE C 303 -27.12 7.85 -7.05
C PHE C 303 -27.68 8.84 -8.06
N GLN C 304 -26.99 9.00 -9.18
CA GLN C 304 -27.34 10.01 -10.18
C GLN C 304 -28.69 9.77 -10.85
N ALA C 305 -29.54 10.79 -10.79
CA ALA C 305 -30.84 10.78 -11.48
C ALA C 305 -31.68 9.53 -11.21
N GLY C 306 -32.37 9.07 -12.26
CA GLY C 306 -33.16 7.86 -12.19
C GLY C 306 -32.63 6.82 -13.14
N LEU C 307 -31.56 6.14 -12.72
CA LEU C 307 -30.90 5.14 -13.56
C LEU C 307 -31.80 3.93 -13.84
N LYS C 308 -31.76 3.47 -15.08
CA LYS C 308 -32.48 2.26 -15.47
C LYS C 308 -31.51 1.10 -15.62
N VAL C 309 -31.59 0.15 -14.70
CA VAL C 309 -30.69 -1.00 -14.70
C VAL C 309 -30.90 -1.91 -15.90
N ASP C 310 -32.06 -1.79 -16.54
CA ASP C 310 -32.40 -2.60 -17.69
C ASP C 310 -31.64 -2.15 -18.93
N LYS C 311 -31.31 -0.87 -18.99
CA LYS C 311 -30.62 -0.29 -20.14
C LYS C 311 -29.17 -0.77 -20.22
N ILE C 312 -28.62 -1.18 -19.08
CA ILE C 312 -27.25 -1.69 -19.04
C ILE C 312 -27.18 -3.08 -19.67
N PRO C 313 -26.36 -3.22 -20.72
CA PRO C 313 -26.29 -4.49 -21.47
C PRO C 313 -25.34 -5.50 -20.84
N ASP C 314 -24.49 -5.06 -19.91
CA ASP C 314 -23.55 -5.97 -19.25
C ASP C 314 -24.23 -6.75 -18.13
N LYS C 316 -26.52 -8.76 -18.50
CA LYS C 316 -26.91 -10.06 -19.03
C LYS C 316 -25.68 -10.88 -19.42
N GLU C 317 -24.52 -10.47 -18.91
CA GLU C 317 -23.26 -11.16 -19.20
C GLU C 317 -22.75 -11.96 -18.01
N ARG C 318 -22.46 -13.24 -18.24
CA ARG C 318 -22.00 -14.13 -17.18
C ARG C 318 -20.52 -13.94 -16.87
N PRO C 319 -20.19 -13.75 -15.58
CA PRO C 319 -18.81 -13.62 -15.11
C PRO C 319 -18.12 -14.98 -15.01
N PRO C 320 -16.78 -15.00 -15.09
CA PRO C 320 -16.03 -16.25 -14.95
C PRO C 320 -16.10 -16.78 -13.51
N THR C 321 -16.12 -18.09 -13.37
CA THR C 321 -16.22 -18.70 -12.04
C THR C 321 -15.40 -19.99 -11.96
N ALA C 322 -14.46 -20.03 -11.03
CA ALA C 322 -13.63 -21.20 -10.83
C ALA C 322 -14.15 -22.05 -9.68
N PHE C 323 -15.43 -21.87 -9.36
CA PHE C 323 -16.06 -22.60 -8.26
C PHE C 323 -16.89 -23.76 -8.78
N ASP C 324 -16.36 -24.98 -8.63
CA ASP C 324 -17.08 -26.17 -9.06
C ASP C 324 -18.21 -26.47 -8.09
N SER C 325 -19.30 -25.72 -8.20
CA SER C 325 -20.44 -25.87 -7.31
C SER C 325 -21.19 -27.17 -7.58
N ALA C 326 -21.35 -27.50 -8.85
CA ALA C 326 -22.05 -28.72 -9.25
C ALA C 326 -21.27 -29.95 -8.82
N GLY C 327 -19.95 -29.88 -8.92
CA GLY C 327 -19.09 -30.99 -8.54
C GLY C 327 -19.05 -31.17 -7.04
N LEU C 328 -19.20 -30.07 -6.30
CA LEU C 328 -19.21 -30.13 -4.84
C LEU C 328 -20.51 -30.74 -4.36
N LEU C 329 -21.59 -30.48 -5.09
CA LEU C 329 -22.91 -31.00 -4.74
C LEU C 329 -23.07 -32.47 -5.10
N ARG C 330 -22.47 -32.90 -6.20
CA ARG C 330 -22.55 -34.29 -6.61
C ARG C 330 -21.81 -35.16 -5.61
N GLU C 331 -20.83 -34.57 -4.93
CA GLU C 331 -20.11 -35.24 -3.86
C GLU C 331 -21.05 -35.45 -2.68
N ALA C 332 -21.83 -34.42 -2.38
CA ALA C 332 -22.81 -34.50 -1.30
C ALA C 332 -24.06 -35.23 -1.76
N GLY C 333 -24.21 -35.36 -3.08
CA GLY C 333 -25.35 -36.04 -3.66
C GLY C 333 -26.60 -35.18 -3.71
N LEU C 334 -26.44 -33.91 -3.36
CA LEU C 334 -27.56 -32.97 -3.33
C LEU C 334 -27.74 -32.27 -4.66
N LEU C 335 -26.91 -32.63 -5.64
CA LEU C 335 -26.96 -32.02 -6.96
C LEU C 335 -28.25 -32.36 -7.70
N ASP C 336 -28.60 -33.65 -7.71
CA ASP C 336 -29.78 -34.12 -8.40
C ASP C 336 -31.07 -33.61 -7.74
N ILE C 337 -31.03 -33.48 -6.41
CA ILE C 337 -32.19 -33.02 -5.66
C ILE C 337 -32.46 -31.54 -5.93
N LEU C 338 -31.41 -30.74 -5.91
CA LEU C 338 -31.53 -29.30 -6.13
C LEU C 338 -31.98 -28.98 -7.56
N GLU C 339 -31.38 -29.66 -8.53
CA GLU C 339 -31.71 -29.45 -9.94
C GLU C 339 -33.16 -29.82 -10.22
N ARG C 340 -33.70 -30.78 -9.48
CA ARG C 340 -35.07 -31.21 -9.66
C ARG C 340 -36.06 -30.18 -9.13
N LEU C 342 -35.49 -27.02 -8.97
CA LEU C 342 -35.40 -25.84 -9.82
C LEU C 342 -36.29 -26.00 -11.05
N GLN C 343 -36.58 -27.24 -11.40
CA GLN C 343 -37.40 -27.55 -12.56
C GLN C 343 -38.86 -27.78 -12.20
N ASN C 344 -39.09 -28.61 -11.18
CA ASN C 344 -40.45 -29.01 -10.81
C ASN C 344 -41.04 -28.19 -9.67
N GLY C 345 -40.25 -27.27 -9.12
CA GLY C 345 -40.71 -26.44 -8.03
C GLY C 345 -40.25 -26.94 -6.68
N PRO C 346 -40.51 -26.15 -5.62
CA PRO C 346 -40.07 -26.46 -4.27
C PRO C 346 -40.86 -27.61 -3.63
N SER C 347 -40.17 -28.48 -2.90
CA SER C 347 -40.81 -29.58 -2.17
C SER C 347 -40.31 -29.62 -0.74
N GLU C 348 -41.22 -29.91 0.20
CA GLU C 348 -40.91 -29.90 1.62
C GLU C 348 -39.84 -30.92 2.00
N ASP C 349 -39.84 -32.06 1.33
CA ASP C 349 -38.89 -33.13 1.63
C ASP C 349 -37.49 -32.79 1.12
N GLY C 350 -37.43 -32.06 0.00
CA GLY C 350 -36.16 -31.72 -0.61
C GLY C 350 -35.38 -30.67 0.16
N VAL C 351 -36.08 -29.64 0.64
CA VAL C 351 -35.44 -28.57 1.39
C VAL C 351 -34.89 -29.06 2.72
N ALA C 352 -35.60 -30.02 3.33
CA ALA C 352 -35.20 -30.57 4.62
C ALA C 352 -33.93 -31.40 4.48
N GLN C 353 -33.79 -32.06 3.33
CA GLN C 353 -32.62 -32.88 3.07
C GLN C 353 -31.40 -31.99 2.81
N ILE C 354 -31.63 -30.84 2.20
CA ILE C 354 -30.56 -29.87 1.97
C ILE C 354 -30.18 -29.19 3.27
N ASN C 355 -31.19 -28.82 4.06
CA ASN C 355 -30.98 -28.17 5.35
C ASN C 355 -30.19 -29.04 6.32
N HIS C 356 -30.42 -30.35 6.23
CA HIS C 356 -29.74 -31.30 7.12
C HIS C 356 -28.25 -31.39 6.84
N ALA C 357 -27.87 -31.27 5.57
CA ALA C 357 -26.47 -31.35 5.18
C ALA C 357 -25.74 -30.03 5.44
N ILE C 358 -26.49 -28.93 5.39
CA ILE C 358 -25.92 -27.60 5.62
C ILE C 358 -25.45 -27.44 7.07
N ASN C 359 -26.29 -27.88 8.00
CA ASN C 359 -25.99 -27.74 9.42
C ASN C 359 -24.91 -28.69 9.93
N LYS C 360 -24.41 -29.55 9.05
CA LYS C 360 -23.33 -30.45 9.41
C LYS C 360 -22.03 -29.67 9.57
N SER C 361 -21.53 -29.61 10.80
CA SER C 361 -20.33 -28.85 11.11
C SER C 361 -19.10 -29.38 10.37
N ASP C 362 -18.24 -28.47 9.93
CA ASP C 362 -17.02 -28.84 9.21
C ASP C 362 -15.92 -29.26 10.16
N GLY C 369 -16.55 -20.75 26.27
CA GLY C 369 -15.49 -21.23 25.41
C GLY C 369 -15.89 -21.20 23.94
N TYR C 370 -14.90 -21.35 23.06
CA TYR C 370 -15.15 -21.35 21.62
C TYR C 370 -15.95 -22.57 21.19
N VAL C 371 -16.98 -22.33 20.37
CA VAL C 371 -17.83 -23.40 19.88
C VAL C 371 -17.67 -23.56 18.37
N PRO C 372 -17.86 -24.78 17.86
CA PRO C 372 -17.68 -25.03 16.42
C PRO C 372 -18.77 -24.37 15.58
N LEU C 373 -18.43 -23.98 14.36
CA LEU C 373 -19.40 -23.40 13.44
C LEU C 373 -20.48 -24.42 13.10
N GLY C 374 -21.72 -24.05 13.37
CA GLY C 374 -22.83 -24.98 13.20
C GLY C 374 -23.29 -25.15 11.77
N VAL C 375 -22.55 -24.60 10.83
CA VAL C 375 -22.91 -24.68 9.41
C VAL C 375 -21.72 -25.10 8.56
N ASN C 376 -22.01 -25.42 7.29
CA ASN C 376 -20.97 -25.70 6.32
C ASN C 376 -21.02 -24.69 5.18
N ARG C 377 -20.23 -23.64 5.31
CA ARG C 377 -20.26 -22.50 4.39
C ARG C 377 -20.04 -22.87 2.92
N ARG C 378 -19.12 -23.80 2.67
CA ARG C 378 -18.77 -24.16 1.30
C ARG C 378 -19.93 -24.79 0.54
N LEU C 379 -20.72 -25.60 1.23
CA LEU C 379 -21.86 -26.25 0.61
C LEU C 379 -22.98 -25.25 0.33
N ILE C 380 -23.06 -24.23 1.18
CA ILE C 380 -24.05 -23.17 1.01
C ILE C 380 -23.73 -22.32 -0.22
N ASP C 381 -22.45 -21.97 -0.37
CA ASP C 381 -22.00 -21.21 -1.53
C ASP C 381 -22.26 -21.99 -2.81
N ALA C 382 -22.18 -23.31 -2.72
CA ALA C 382 -22.44 -24.17 -3.86
C ALA C 382 -23.91 -24.13 -4.26
N VAL C 383 -24.78 -24.19 -3.25
CA VAL C 383 -26.22 -24.14 -3.48
C VAL C 383 -26.65 -22.80 -4.07
N VAL C 384 -26.15 -21.72 -3.47
CA VAL C 384 -26.46 -20.37 -3.92
C VAL C 384 -26.05 -20.16 -5.38
N ALA C 385 -24.89 -20.69 -5.75
CA ALA C 385 -24.37 -20.54 -7.11
C ALA C 385 -25.22 -21.24 -8.17
N ARG C 386 -25.88 -22.32 -7.78
CA ARG C 386 -26.68 -23.10 -8.71
C ARG C 386 -27.96 -22.40 -9.15
N PHE C 387 -28.48 -21.52 -8.29
CA PHE C 387 -29.65 -20.74 -8.64
C PHE C 387 -29.32 -19.74 -9.75
N ALA C 388 -28.12 -19.17 -9.68
CA ALA C 388 -27.67 -18.22 -10.69
C ALA C 388 -27.45 -18.92 -12.02
N GLU C 389 -26.68 -20.01 -11.99
CA GLU C 389 -26.35 -20.78 -13.19
C GLU C 389 -27.60 -21.26 -13.93
N PHE C 390 -28.60 -21.72 -13.18
CA PHE C 390 -29.84 -22.19 -13.76
C PHE C 390 -30.57 -21.05 -14.46
N ALA C 391 -30.46 -19.85 -13.91
CA ALA C 391 -31.12 -18.67 -14.46
C ALA C 391 -30.45 -18.20 -15.76
N ILE C 392 -29.14 -18.42 -15.87
CA ILE C 392 -28.40 -17.99 -17.04
C ILE C 392 -28.81 -18.76 -18.29
N ASN C 393 -28.85 -20.09 -18.17
CA ASN C 393 -29.23 -20.96 -19.28
C ASN C 393 -30.68 -20.75 -19.68
N ARG C 394 -31.54 -20.58 -18.68
CA ARG C 394 -32.97 -20.40 -18.90
C ARG C 394 -33.27 -19.08 -19.59
N ALA C 395 -32.49 -18.05 -19.26
CA ALA C 395 -32.70 -16.71 -19.82
C ALA C 395 -32.48 -16.68 -21.33
N SER C 396 -31.50 -17.44 -21.80
CA SER C 396 -31.14 -17.45 -23.21
C SER C 396 -32.28 -17.94 -24.09
N SER C 397 -33.03 -18.92 -23.61
CA SER C 397 -34.15 -19.49 -24.35
C SER C 397 -35.30 -18.50 -24.47
N ARG C 398 -35.43 -17.62 -23.47
CA ARG C 398 -36.48 -16.62 -23.45
C ARG C 398 -36.24 -15.53 -24.49
N SER C 399 -37.33 -14.98 -25.02
CA SER C 399 -37.24 -13.91 -26.01
C SER C 399 -36.79 -12.61 -25.37
N ASP C 400 -37.18 -12.40 -24.11
CA ASP C 400 -36.80 -11.20 -23.38
C ASP C 400 -35.37 -11.30 -22.87
N SER C 401 -34.86 -12.52 -22.81
CA SER C 401 -33.51 -12.80 -22.31
C SER C 401 -33.26 -12.26 -20.90
N ALA C 402 -34.34 -12.13 -20.13
CA ALA C 402 -34.24 -11.63 -18.76
C ALA C 402 -33.68 -12.70 -17.83
N ILE C 403 -32.68 -12.33 -17.04
CA ILE C 403 -32.03 -13.27 -16.14
C ILE C 403 -32.97 -13.73 -15.03
N PHE C 404 -33.58 -12.77 -14.34
CA PHE C 404 -34.50 -13.08 -13.25
C PHE C 404 -35.95 -13.03 -13.71
N VAL C 405 -36.68 -14.11 -13.44
CA VAL C 405 -38.11 -14.17 -13.73
C VAL C 405 -38.90 -14.50 -12.47
N ALA C 406 -39.71 -13.54 -12.02
CA ALA C 406 -40.48 -13.71 -10.80
C ALA C 406 -41.57 -14.76 -10.95
N GLY C 407 -41.79 -15.54 -9.89
CA GLY C 407 -42.83 -16.55 -9.89
C GLY C 407 -42.39 -17.88 -10.47
N ALA C 408 -41.13 -17.95 -10.90
CA ALA C 408 -40.57 -19.17 -11.48
C ALA C 408 -40.28 -20.19 -10.38
N ASN C 409 -40.02 -21.43 -10.79
CA ASN C 409 -39.72 -22.50 -9.84
C ASN C 409 -38.41 -22.27 -9.07
N ASP C 410 -37.44 -21.65 -9.72
CA ASP C 410 -36.14 -21.43 -9.11
C ASP C 410 -36.21 -20.41 -7.96
N ILE C 411 -37.01 -19.36 -8.14
CA ILE C 411 -37.15 -18.35 -7.10
C ILE C 411 -38.05 -18.84 -5.97
N LYS C 412 -38.97 -19.74 -6.29
CA LYS C 412 -39.82 -20.38 -5.29
C LYS C 412 -38.99 -21.27 -4.39
N THR C 413 -38.07 -22.01 -5.01
CA THR C 413 -37.17 -22.89 -4.27
C THR C 413 -36.29 -22.08 -3.32
N LEU C 414 -35.76 -20.97 -3.83
CA LEU C 414 -34.92 -20.09 -3.03
C LEU C 414 -35.73 -19.41 -1.93
N GLN C 415 -37.01 -19.16 -2.20
CA GLN C 415 -37.90 -18.52 -1.25
C GLN C 415 -38.17 -19.43 -0.05
N LEU C 417 -36.38 -21.99 0.75
CA LEU C 417 -35.09 -22.41 1.31
C LEU C 417 -34.64 -21.48 2.43
N VAL C 418 -34.78 -20.17 2.21
CA VAL C 418 -34.33 -19.18 3.18
C VAL C 418 -35.22 -19.11 4.41
N THR C 419 -36.44 -19.65 4.31
CA THR C 419 -37.39 -19.60 5.41
C THR C 419 -37.29 -20.81 6.33
N GLU C 420 -37.07 -21.99 5.75
CA GLU C 420 -37.01 -23.23 6.51
C GLU C 420 -35.63 -23.49 7.10
N VAL C 421 -34.60 -22.96 6.45
CA VAL C 421 -33.22 -23.15 6.89
C VAL C 421 -32.94 -22.49 8.23
N SER C 422 -32.12 -23.15 9.05
CA SER C 422 -31.69 -22.65 10.35
C SER C 422 -31.25 -21.19 10.31
N PRO C 423 -31.58 -20.42 11.37
CA PRO C 423 -31.27 -18.99 11.45
C PRO C 423 -29.78 -18.68 11.28
N GLU C 424 -28.93 -19.53 11.85
CA GLU C 424 -27.49 -19.34 11.70
C GLU C 424 -27.07 -19.59 10.25
N ALA C 425 -27.64 -20.64 9.65
CA ALA C 425 -27.35 -20.98 8.27
C ALA C 425 -28.00 -19.98 7.31
N ARG C 426 -29.09 -19.37 7.76
CA ARG C 426 -29.77 -18.35 6.96
C ARG C 426 -28.88 -17.12 6.81
N TYR C 427 -28.13 -16.82 7.87
CA TYR C 427 -27.21 -15.69 7.86
C TYR C 427 -26.08 -15.91 6.87
N TYR C 428 -25.58 -17.14 6.81
CA TYR C 428 -24.54 -17.49 5.86
C TYR C 428 -25.11 -17.57 4.44
N LEU C 429 -26.36 -18.00 4.35
CA LEU C 429 -27.03 -18.13 3.06
C LEU C 429 -27.24 -16.77 2.41
N VAL C 430 -27.69 -15.80 3.20
CA VAL C 430 -27.93 -14.47 2.69
C VAL C 430 -26.62 -13.74 2.40
N SER C 431 -25.60 -14.02 3.21
CA SER C 431 -24.28 -13.42 3.02
C SER C 431 -23.64 -13.91 1.72
N SER C 432 -23.96 -15.14 1.35
CA SER C 432 -23.46 -15.72 0.11
C SER C 432 -24.07 -15.03 -1.11
N VAL C 434 -25.17 -11.73 -1.04
CA VAL C 434 -24.69 -10.35 -1.04
C VAL C 434 -23.27 -10.28 -1.63
N ASN C 435 -22.54 -11.38 -1.51
CA ASN C 435 -21.20 -11.45 -2.06
C ASN C 435 -21.16 -11.41 -3.59
N GLU C 436 -22.32 -11.65 -4.21
CA GLU C 436 -22.37 -11.77 -5.67
C GLU C 436 -22.67 -10.46 -6.39
N LEU C 437 -23.40 -9.57 -5.74
CA LEU C 437 -23.72 -8.29 -6.35
C LEU C 437 -22.54 -7.32 -6.31
N ARG C 438 -21.83 -7.24 -7.43
CA ARG C 438 -20.66 -6.39 -7.55
C ARG C 438 -20.77 -5.50 -8.78
N TYR C 439 -19.84 -5.63 -9.71
CA TYR C 439 -19.89 -4.90 -10.97
C TYR C 439 -21.04 -5.45 -11.82
N PRO C 440 -21.58 -4.62 -12.72
CA PRO C 440 -22.71 -5.03 -13.58
C PRO C 440 -22.46 -6.31 -14.36
N ASN C 441 -23.03 -7.41 -13.89
CA ASN C 441 -22.99 -8.69 -14.60
C ASN C 441 -24.26 -9.50 -14.37
N ALA C 442 -24.29 -10.73 -14.90
CA ALA C 442 -25.45 -11.59 -14.78
C ALA C 442 -25.69 -12.05 -13.35
N TYR C 443 -24.61 -12.29 -12.61
CA TYR C 443 -24.70 -12.72 -11.22
C TYR C 443 -25.26 -11.63 -10.31
N THR C 444 -24.81 -10.40 -10.53
CA THR C 444 -25.33 -9.26 -9.78
C THR C 444 -26.80 -9.05 -10.10
N ASN C 445 -27.13 -9.05 -11.38
CA ASN C 445 -28.49 -8.82 -11.84
C ASN C 445 -29.51 -9.79 -11.24
N TYR C 446 -29.15 -11.06 -11.17
CA TYR C 446 -30.05 -12.08 -10.64
C TYR C 446 -30.26 -11.92 -9.14
N PHE C 447 -29.16 -11.90 -8.37
CA PHE C 447 -29.26 -11.83 -6.92
C PHE C 447 -29.74 -10.48 -6.41
N SER C 448 -29.69 -9.46 -7.27
CA SER C 448 -30.21 -8.15 -6.89
C SER C 448 -31.71 -8.20 -6.77
N GLN C 449 -32.36 -8.78 -7.78
CA GLN C 449 -33.82 -8.87 -7.80
C GLN C 449 -34.33 -10.01 -6.94
N ALA C 450 -33.54 -11.08 -6.84
CA ALA C 450 -33.93 -12.25 -6.07
C ALA C 450 -33.94 -11.94 -4.58
N LEU C 451 -33.01 -11.10 -4.14
CA LEU C 451 -32.93 -10.72 -2.73
C LEU C 451 -34.08 -9.77 -2.37
N LEU C 452 -34.51 -8.98 -3.34
CA LEU C 452 -35.61 -8.05 -3.15
C LEU C 452 -36.96 -8.77 -3.20
N ASP C 453 -37.05 -9.80 -4.03
CA ASP C 453 -38.28 -10.56 -4.17
C ASP C 453 -38.59 -11.34 -2.89
N ILE C 454 -37.54 -11.90 -2.28
CA ILE C 454 -37.67 -12.58 -1.01
C ILE C 454 -38.09 -11.58 0.07
N PHE C 455 -37.50 -10.39 0.01
CA PHE C 455 -37.81 -9.33 0.94
C PHE C 455 -39.25 -8.84 0.75
N GLY C 456 -39.73 -8.91 -0.49
CA GLY C 456 -41.06 -8.43 -0.81
C GLY C 456 -42.15 -9.47 -0.69
N HIS C 457 -41.75 -10.74 -0.60
CA HIS C 457 -42.71 -11.83 -0.50
C HIS C 457 -43.36 -11.90 0.88
N ASP C 458 -44.69 -11.93 0.90
CA ASP C 458 -45.47 -12.01 2.13
C ASP C 458 -45.12 -10.88 3.10
N SER C 460 -47.22 -9.09 4.77
CA SER C 460 -48.14 -9.11 5.90
C SER C 460 -47.78 -10.18 6.92
N ASP C 461 -47.08 -11.22 6.48
CA ASP C 461 -46.72 -12.33 7.34
C ASP C 461 -45.67 -11.93 8.38
N PRO C 462 -46.00 -12.12 9.66
CA PRO C 462 -45.12 -11.78 10.79
C PRO C 462 -43.83 -12.59 10.83
N GLU C 463 -43.89 -13.84 10.41
CA GLU C 463 -42.72 -14.71 10.45
C GLU C 463 -41.68 -14.30 9.40
N GLU C 464 -42.16 -13.73 8.30
CA GLU C 464 -41.28 -13.27 7.23
C GLU C 464 -40.52 -12.03 7.65
N ASN C 465 -41.04 -11.33 8.66
CA ASN C 465 -40.42 -10.11 9.15
C ASN C 465 -39.06 -10.39 9.78
N LEU C 466 -38.95 -11.54 10.44
CA LEU C 466 -37.69 -11.94 11.07
C LEU C 466 -36.64 -12.23 10.00
N VAL C 467 -37.09 -12.69 8.84
CA VAL C 467 -36.21 -12.94 7.71
C VAL C 467 -35.76 -11.61 7.11
N ARG C 468 -36.69 -10.68 6.97
CA ARG C 468 -36.40 -9.36 6.44
C ARG C 468 -35.43 -8.60 7.33
N GLU C 469 -35.60 -8.76 8.64
CA GLU C 469 -34.73 -8.12 9.61
C GLU C 469 -33.30 -8.66 9.51
N GLN C 470 -33.19 -9.93 9.13
CA GLN C 470 -31.87 -10.55 8.99
C GLN C 470 -31.24 -10.21 7.65
N ILE C 471 -32.07 -10.03 6.62
CA ILE C 471 -31.59 -9.63 5.31
C ILE C 471 -31.03 -8.21 5.34
N VAL C 472 -31.70 -7.32 6.07
CA VAL C 472 -31.25 -5.94 6.16
C VAL C 472 -30.00 -5.80 7.01
N ARG C 473 -29.89 -6.60 8.07
CA ARG C 473 -28.76 -6.51 8.99
C ARG C 473 -27.42 -6.83 8.35
N VAL C 474 -27.40 -7.84 7.47
CA VAL C 474 -26.17 -8.21 6.78
C VAL C 474 -25.80 -7.13 5.76
N LEU C 475 -26.81 -6.37 5.32
CA LEU C 475 -26.59 -5.25 4.41
C LEU C 475 -26.03 -4.04 5.16
N LEU C 476 -26.46 -3.85 6.40
CA LEU C 476 -26.00 -2.74 7.22
C LEU C 476 -24.51 -2.85 7.51
N GLU C 477 -24.06 -4.08 7.74
CA GLU C 477 -22.68 -4.35 8.14
C GLU C 477 -21.67 -3.93 7.07
N ARG C 478 -22.04 -4.12 5.81
CA ARG C 478 -21.11 -3.92 4.70
C ARG C 478 -21.05 -2.48 4.20
N VAL C 479 -22.19 -1.79 4.24
CA VAL C 479 -22.29 -0.45 3.67
C VAL C 479 -21.93 0.65 4.67
N LEU C 480 -22.20 0.40 5.95
CA LEU C 480 -21.93 1.39 7.00
C LEU C 480 -20.44 1.68 7.16
N GLY C 481 -19.61 0.73 6.77
CA GLY C 481 -18.16 0.88 6.87
C GLY C 481 -17.63 1.98 5.96
N TYR C 482 -16.59 2.67 6.42
CA TYR C 482 -16.02 3.78 5.65
C TYR C 482 -14.97 3.31 4.65
N TRP C 483 -15.42 2.73 3.56
CA TRP C 483 -14.54 2.26 2.49
C TRP C 483 -15.35 2.15 1.21
N PRO C 484 -14.67 2.09 0.04
CA PRO C 484 -15.37 1.94 -1.23
C PRO C 484 -16.27 0.70 -1.24
N GLN C 485 -17.48 0.85 -1.77
CA GLN C 485 -18.44 -0.24 -1.80
C GLN C 485 -18.60 -0.80 -3.21
N PRO C 486 -18.99 -2.08 -3.32
CA PRO C 486 -19.29 -2.68 -4.62
C PRO C 486 -20.45 -1.96 -5.30
N TRP C 487 -20.46 -1.96 -6.63
CA TRP C 487 -21.49 -1.25 -7.40
C TRP C 487 -22.88 -1.82 -7.13
N GLY C 488 -23.01 -3.14 -7.24
CA GLY C 488 -24.29 -3.80 -7.06
C GLY C 488 -24.87 -3.66 -5.67
N LEU C 489 -24.00 -3.56 -4.68
CA LEU C 489 -24.43 -3.44 -3.29
C LEU C 489 -25.19 -2.15 -3.04
N ILE C 490 -24.71 -1.06 -3.63
CA ILE C 490 -25.38 0.23 -3.52
C ILE C 490 -26.68 0.22 -4.33
N ILE C 491 -26.63 -0.39 -5.50
CA ILE C 491 -27.80 -0.50 -6.37
C ILE C 491 -28.99 -1.14 -5.66
N THR C 492 -28.75 -2.26 -4.99
CA THR C 492 -29.81 -3.00 -4.32
C THR C 492 -30.43 -2.24 -3.17
N ILE C 493 -29.60 -1.63 -2.33
CA ILE C 493 -30.09 -0.90 -1.17
C ILE C 493 -30.93 0.31 -1.56
N LEU C 494 -30.51 1.02 -2.60
CA LEU C 494 -31.26 2.16 -3.10
C LEU C 494 -32.67 1.75 -3.56
N GLU C 495 -32.76 0.56 -4.14
CA GLU C 495 -34.06 0.02 -4.55
C GLU C 495 -34.87 -0.37 -3.33
N LEU C 496 -34.17 -0.80 -2.28
CA LEU C 496 -34.82 -1.15 -1.02
C LEU C 496 -35.31 0.12 -0.34
N LEU C 497 -34.69 1.24 -0.68
CA LEU C 497 -35.07 2.54 -0.12
C LEU C 497 -36.12 3.23 -0.98
N LYS C 498 -36.05 3.03 -2.29
CA LYS C 498 -36.92 3.72 -3.23
C LYS C 498 -38.39 3.29 -3.09
N ASN C 499 -38.63 1.99 -3.16
CA ASN C 499 -39.99 1.48 -3.05
C ASN C 499 -40.58 1.60 -1.64
N ASP C 500 -41.72 2.28 -1.55
CA ASP C 500 -42.38 2.49 -0.27
C ASP C 500 -42.99 1.20 0.27
N LYS C 501 -43.25 0.25 -0.63
CA LYS C 501 -43.86 -1.01 -0.25
C LYS C 501 -42.91 -1.84 0.61
N TYR C 502 -41.61 -1.60 0.45
CA TYR C 502 -40.60 -2.33 1.21
C TYR C 502 -40.61 -1.95 2.69
N LEU C 503 -41.02 -0.71 2.97
CA LEU C 503 -41.11 -0.20 4.33
C LEU C 503 -39.78 -0.36 5.07
N PHE C 504 -38.70 0.13 4.46
CA PHE C 504 -37.36 -0.02 4.99
C PHE C 504 -37.17 0.59 6.38
N PHE C 505 -37.75 1.77 6.58
CA PHE C 505 -37.60 2.48 7.85
C PHE C 505 -38.52 1.92 8.93
N GLU C 506 -39.59 1.26 8.49
CA GLU C 506 -40.64 0.81 9.40
C GLU C 506 -40.22 -0.38 10.27
N LEU C 507 -39.61 -1.38 9.66
CA LEU C 507 -39.29 -2.63 10.37
C LEU C 507 -38.25 -2.49 11.49
N PRO C 508 -37.06 -1.90 11.20
CA PRO C 508 -36.09 -1.78 12.29
C PRO C 508 -36.10 -0.38 12.91
N PHE C 509 -37.23 0.32 12.84
CA PHE C 509 -37.34 1.68 13.36
C PHE C 509 -36.88 1.78 14.82
N ILE C 510 -37.34 0.84 15.63
CA ILE C 510 -36.94 0.79 17.03
C ILE C 510 -35.62 0.04 17.19
N LYS C 511 -35.28 -0.76 16.18
CA LYS C 511 -34.07 -1.57 16.22
C LYS C 511 -32.84 -0.79 15.75
N ALA C 512 -33.04 0.11 14.80
CA ALA C 512 -31.92 0.88 14.25
C ALA C 512 -31.44 1.96 15.21
N THR C 513 -30.12 2.12 15.27
CA THR C 513 -29.50 3.16 16.08
C THR C 513 -29.74 4.52 15.43
N PRO C 514 -29.81 5.58 16.25
CA PRO C 514 -30.01 6.95 15.76
C PRO C 514 -28.99 7.34 14.68
N GLU C 515 -27.76 6.88 14.83
CA GLU C 515 -26.71 7.19 13.86
C GLU C 515 -26.89 6.37 12.59
N VAL C 516 -27.31 5.12 12.74
CA VAL C 516 -27.52 4.22 11.61
C VAL C 516 -28.68 4.71 10.74
N ALA C 517 -29.79 5.08 11.38
CA ALA C 517 -30.96 5.58 10.67
C ALA C 517 -30.68 6.91 10.00
N GLU C 518 -29.83 7.73 10.63
CA GLU C 518 -29.45 9.01 10.07
C GLU C 518 -28.51 8.84 8.88
N ARG C 519 -27.66 7.82 8.96
CA ARG C 519 -26.72 7.53 7.88
C ARG C 519 -27.45 6.99 6.65
N PHE C 520 -28.48 6.20 6.88
CA PHE C 520 -29.28 5.68 5.77
C PHE C 520 -30.22 6.73 5.18
N THR C 521 -30.57 7.72 6.00
CA THR C 521 -31.34 8.85 5.52
C THR C 521 -30.46 9.69 4.61
N ALA C 522 -29.15 9.62 4.86
CA ALA C 522 -28.17 10.32 4.03
C ALA C 522 -27.92 9.54 2.74
N LEU C 523 -27.92 8.22 2.85
CA LEU C 523 -27.73 7.36 1.68
C LEU C 523 -28.90 7.47 0.71
N ALA C 524 -30.11 7.49 1.26
CA ALA C 524 -31.32 7.60 0.45
C ALA C 524 -31.38 8.96 -0.26
N ARG C 525 -30.91 10.00 0.42
CA ARG C 525 -30.89 11.34 -0.15
C ARG C 525 -29.89 11.44 -1.29
N SER C 526 -28.83 10.63 -1.22
CA SER C 526 -27.80 10.60 -2.25
C SER C 526 -28.27 9.81 -3.47
N ASN D 1 -33.49 -32.66 43.84
CA ASN D 1 -34.02 -31.86 42.75
C ASN D 1 -33.01 -30.85 42.22
N LEU D 2 -33.40 -30.15 41.15
CA LEU D 2 -32.59 -29.07 40.59
C LEU D 2 -33.27 -27.75 40.90
N TYR D 3 -32.76 -27.04 41.90
CA TYR D 3 -33.41 -25.82 42.35
C TYR D 3 -32.51 -24.59 42.32
N PHE D 4 -32.92 -23.60 41.53
CA PHE D 4 -32.24 -22.31 41.49
C PHE D 4 -32.88 -21.37 42.51
N GLN D 5 -32.06 -20.77 43.36
CA GLN D 5 -32.56 -19.88 44.40
C GLN D 5 -31.59 -18.75 44.69
N GLY D 6 -32.13 -17.59 45.06
CA GLY D 6 -31.32 -16.45 45.44
C GLY D 6 -30.46 -15.92 44.32
N HIS D 7 -29.15 -15.86 44.58
CA HIS D 7 -28.19 -15.31 43.62
C HIS D 7 -28.12 -16.12 42.33
N LEU D 9 -30.44 -17.66 40.82
CA LEU D 9 -31.61 -17.40 39.99
C LEU D 9 -31.62 -15.98 39.43
N GLU D 10 -31.43 -15.00 40.32
CA GLU D 10 -31.59 -13.60 39.97
C GLU D 10 -30.39 -12.99 39.23
N ALA D 11 -29.23 -13.01 39.87
CA ALA D 11 -28.06 -12.28 39.34
C ALA D 11 -27.13 -13.12 38.50
N ALA D 12 -27.06 -14.42 38.78
CA ALA D 12 -26.13 -15.32 38.09
C ALA D 12 -26.42 -15.43 36.59
N HIS D 13 -25.35 -15.37 35.78
CA HIS D 13 -25.48 -15.45 34.34
C HIS D 13 -25.54 -16.89 33.86
N LEU D 14 -25.76 -17.08 32.56
CA LEU D 14 -25.95 -18.40 31.97
C LEU D 14 -24.74 -19.31 32.16
N LEU D 15 -23.55 -18.74 32.05
CA LEU D 15 -22.31 -19.52 32.20
C LEU D 15 -22.20 -20.08 33.62
N GLU D 16 -22.48 -19.24 34.61
CA GLU D 16 -22.43 -19.65 36.00
C GLU D 16 -23.54 -20.67 36.29
N GLN D 17 -24.71 -20.44 35.70
CA GLN D 17 -25.85 -21.33 35.88
C GLN D 17 -25.62 -22.70 35.25
N GLU D 19 -22.79 -24.09 34.79
CA GLU D 19 -21.80 -24.76 35.61
C GLU D 19 -22.46 -25.38 36.84
N TYR D 20 -23.45 -24.68 37.39
CA TYR D 20 -24.18 -25.17 38.55
C TYR D 20 -24.98 -26.42 38.22
N VAL D 21 -25.57 -26.45 37.03
CA VAL D 21 -26.35 -27.60 36.58
C VAL D 21 -25.49 -28.86 36.47
N PHE D 22 -24.33 -28.72 35.83
CA PHE D 22 -23.41 -29.84 35.66
C PHE D 22 -22.87 -30.31 37.01
N ASP D 23 -22.60 -29.37 37.90
CA ASP D 23 -22.09 -29.69 39.24
C ASP D 23 -23.13 -30.49 40.03
N GLU D 24 -24.39 -30.11 39.88
CA GLU D 24 -25.48 -30.81 40.56
C GLU D 24 -25.78 -32.15 39.89
N TRP D 25 -25.44 -32.26 38.61
CA TRP D 25 -25.61 -33.51 37.89
C TRP D 25 -24.54 -34.52 38.31
N ILE D 26 -23.35 -34.02 38.64
CA ILE D 26 -22.27 -34.87 39.11
C ILE D 26 -22.59 -35.47 40.48
N HIS D 27 -23.09 -34.62 41.38
CA HIS D 27 -23.47 -35.06 42.72
C HIS D 27 -24.55 -36.13 42.66
N LEU D 28 -25.42 -36.04 41.67
CA LEU D 28 -26.50 -37.01 41.50
C LEU D 28 -25.93 -38.36 41.06
N CYS D 29 -25.00 -38.32 40.11
CA CYS D 29 -24.39 -39.54 39.60
C CYS D 29 -23.41 -40.15 40.59
N ASN D 30 -22.83 -39.30 41.44
CA ASN D 30 -21.91 -39.76 42.47
C ASN D 30 -22.64 -40.52 43.57
N ASN D 31 -23.85 -40.10 43.88
CA ASN D 31 -24.67 -40.75 44.90
C ASN D 31 -25.28 -42.05 44.39
N PRO D 32 -25.05 -43.15 45.12
CA PRO D 32 -25.59 -44.47 44.76
C PRO D 32 -27.09 -44.56 45.06
N HIS D 33 -27.61 -43.59 45.81
CA HIS D 33 -29.02 -43.57 46.16
C HIS D 33 -29.88 -43.14 44.98
N ALA D 34 -29.24 -42.60 43.96
CA ALA D 34 -29.94 -42.14 42.76
C ALA D 34 -30.29 -43.30 41.84
N THR D 35 -31.58 -43.45 41.56
CA THR D 35 -32.05 -44.49 40.66
C THR D 35 -32.05 -44.00 39.22
N GLU D 36 -32.52 -44.84 38.30
CA GLU D 36 -32.60 -44.46 36.89
C GLU D 36 -33.70 -43.43 36.67
N ARG D 37 -34.66 -43.39 37.60
CA ARG D 37 -35.75 -42.41 37.54
C ARG D 37 -35.28 -41.05 38.04
N ALA D 38 -34.39 -41.06 39.03
CA ALA D 38 -33.84 -39.83 39.60
C ALA D 38 -33.12 -39.00 38.54
N ALA D 39 -32.43 -39.68 37.63
CA ALA D 39 -31.74 -39.02 36.53
C ALA D 39 -32.74 -38.42 35.55
N ILE D 41 -35.85 -37.39 36.32
CA ILE D 41 -36.48 -36.25 36.97
C ILE D 41 -35.58 -35.02 36.87
N PHE D 42 -34.28 -35.23 37.06
CA PHE D 42 -33.30 -34.15 36.96
C PHE D 42 -33.33 -33.55 35.56
N VAL D 43 -33.25 -34.41 34.54
CA VAL D 43 -33.27 -33.97 33.15
C VAL D 43 -34.57 -33.24 32.83
N HIS D 44 -35.68 -33.78 33.31
CA HIS D 44 -36.98 -33.17 33.08
C HIS D 44 -37.07 -31.78 33.73
N GLN D 45 -36.48 -31.64 34.91
CA GLN D 45 -36.44 -30.36 35.60
C GLN D 45 -35.60 -29.36 34.83
N LEU D 46 -34.51 -29.84 34.24
CA LEU D 46 -33.63 -29.00 33.44
C LEU D 46 -34.34 -28.50 32.19
N HIS D 47 -35.25 -29.31 31.67
CA HIS D 47 -36.01 -28.97 30.47
C HIS D 47 -37.02 -27.85 30.76
N SER D 48 -37.62 -27.89 31.94
CA SER D 48 -38.60 -26.88 32.33
C SER D 48 -37.95 -25.52 32.51
N VAL D 49 -36.79 -25.50 33.16
CA VAL D 49 -36.05 -24.27 33.41
C VAL D 49 -35.69 -23.55 32.11
N GLN D 50 -35.51 -24.32 31.05
CA GLN D 50 -35.19 -23.81 29.72
C GLN D 50 -33.84 -23.10 29.63
N LEU D 51 -32.83 -23.68 30.26
CA LEU D 51 -31.45 -23.20 30.10
C LEU D 51 -30.88 -23.78 28.81
N VAL D 52 -31.32 -24.98 28.48
CA VAL D 52 -30.86 -25.67 27.28
C VAL D 52 -32.07 -26.11 26.46
N THR D 53 -32.43 -25.30 25.46
CA THR D 53 -33.58 -25.61 24.61
C THR D 53 -33.16 -25.80 23.16
N ASN D 54 -31.92 -25.42 22.85
CA ASN D 54 -31.39 -25.57 21.50
C ASN D 54 -30.07 -26.32 21.48
N ARG D 55 -29.69 -26.83 20.32
CA ARG D 55 -28.45 -27.59 20.17
C ARG D 55 -27.24 -26.70 20.43
N ASP D 56 -27.33 -25.44 20.00
CA ASP D 56 -26.24 -24.50 20.17
C ASP D 56 -25.96 -24.23 21.65
N GLU D 57 -27.01 -24.11 22.44
CA GLU D 57 -26.87 -23.88 23.87
C GLU D 57 -26.34 -25.12 24.58
N PHE D 58 -26.69 -26.29 24.05
CA PHE D 58 -26.23 -27.56 24.63
C PHE D 58 -24.74 -27.75 24.38
N LEU D 59 -24.29 -27.42 23.17
CA LEU D 59 -22.88 -27.52 22.83
C LEU D 59 -22.05 -26.57 23.68
N LEU D 60 -22.62 -25.42 24.00
CA LEU D 60 -21.95 -24.45 24.85
C LEU D 60 -21.88 -24.96 26.28
N PHE D 61 -22.92 -25.68 26.70
CA PHE D 61 -22.96 -26.29 28.02
C PHE D 61 -21.98 -27.45 28.09
N LEU D 62 -21.92 -28.23 27.01
CA LEU D 62 -21.01 -29.36 26.92
C LEU D 62 -19.57 -28.86 26.85
N ARG D 63 -19.38 -27.71 26.21
CA ARG D 63 -18.08 -27.07 26.10
C ARG D 63 -17.51 -26.76 27.48
N HIS D 64 -18.33 -26.16 28.33
CA HIS D 64 -17.91 -25.77 29.67
C HIS D 64 -17.80 -26.99 30.58
N ALA D 65 -18.56 -28.03 30.26
CA ALA D 65 -18.56 -29.25 31.05
C ALA D 65 -17.30 -30.06 30.81
N LEU D 66 -16.82 -30.06 29.56
CA LEU D 66 -15.58 -30.74 29.21
C LEU D 66 -14.39 -30.11 29.91
N ASP D 67 -14.34 -28.78 29.92
CA ASP D 67 -13.28 -28.06 30.61
C ASP D 67 -13.27 -28.38 32.11
N LYS D 68 -14.48 -28.47 32.68
CA LYS D 68 -14.62 -28.73 34.11
C LYS D 68 -14.24 -30.17 34.46
N SER D 69 -14.58 -31.10 33.58
CA SER D 69 -14.26 -32.51 33.79
C SER D 69 -12.74 -32.72 33.84
N VAL D 70 -12.02 -31.92 33.08
CA VAL D 70 -10.56 -31.96 33.08
C VAL D 70 -10.01 -31.46 34.41
N GLU D 71 -10.57 -30.36 34.90
CA GLU D 71 -10.18 -29.80 36.19
C GLU D 71 -10.39 -30.81 37.33
N ARG D 72 -11.55 -31.47 37.30
CA ARG D 72 -11.89 -32.43 38.33
C ARG D 72 -10.96 -33.63 38.34
N PHE D 73 -10.49 -34.02 37.15
CA PHE D 73 -9.57 -35.14 37.03
C PHE D 73 -8.19 -34.78 37.59
N GLU D 74 -7.66 -33.65 37.15
CA GLU D 74 -6.35 -33.20 37.58
C GLU D 74 -6.31 -32.91 39.08
N GLN D 75 -7.42 -32.40 39.61
CA GLN D 75 -7.54 -32.16 41.05
C GLN D 75 -7.62 -33.47 41.80
N GLY D 76 -8.27 -34.46 41.20
CA GLY D 76 -8.40 -35.78 41.80
C GLY D 76 -7.07 -36.50 41.90
N ILE D 77 -6.19 -36.24 40.94
CA ILE D 77 -4.87 -36.85 40.93
C ILE D 77 -3.98 -36.26 42.01
N HIS D 78 -3.98 -34.93 42.10
CA HIS D 78 -3.20 -34.22 43.11
C HIS D 78 -3.64 -34.57 44.52
N SER D 79 -4.93 -34.88 44.67
CA SER D 79 -5.48 -35.28 45.96
C SER D 79 -5.12 -36.73 46.28
N GLY D 80 -4.69 -37.46 45.26
CA GLY D 80 -4.29 -38.84 45.43
C GLY D 80 -5.43 -39.83 45.24
N ALA D 81 -6.58 -39.33 44.82
CA ALA D 81 -7.73 -40.18 44.54
C ALA D 81 -7.43 -41.13 43.39
N SER D 82 -8.10 -42.27 43.36
CA SER D 82 -7.86 -43.28 42.33
C SER D 82 -8.20 -42.74 40.94
N ILE D 83 -7.63 -43.37 39.92
CA ILE D 83 -7.83 -42.93 38.54
C ILE D 83 -9.28 -43.14 38.09
N ALA D 84 -10.00 -44.01 38.80
CA ALA D 84 -11.39 -44.29 38.48
C ALA D 84 -12.32 -43.23 39.05
N GLU D 85 -12.03 -42.78 40.27
CA GLU D 85 -12.83 -41.76 40.93
C GLU D 85 -12.66 -40.39 40.29
N SER D 86 -11.50 -40.16 39.70
CA SER D 86 -11.22 -38.89 39.04
C SER D 86 -11.89 -38.82 37.67
N PHE D 87 -12.28 -39.98 37.15
CA PHE D 87 -12.98 -40.05 35.87
C PHE D 87 -14.48 -39.78 36.05
N GLN D 88 -14.92 -39.68 37.30
CA GLN D 88 -16.34 -39.53 37.60
C GLN D 88 -17.00 -38.35 36.90
N ALA D 89 -16.29 -37.22 36.85
CA ALA D 89 -16.83 -36.01 36.23
C ALA D 89 -17.11 -36.19 34.74
N VAL D 90 -16.13 -36.69 33.99
CA VAL D 90 -16.30 -36.90 32.56
C VAL D 90 -17.25 -38.05 32.28
N GLU D 91 -17.28 -39.04 33.18
CA GLU D 91 -18.19 -40.16 33.03
C GLU D 91 -19.64 -39.72 33.24
N ALA D 92 -19.84 -38.78 34.16
CA ALA D 92 -21.16 -38.23 34.40
C ALA D 92 -21.61 -37.41 33.20
N LEU D 93 -20.67 -36.67 32.60
CA LEU D 93 -20.95 -35.88 31.41
C LEU D 93 -21.39 -36.78 30.26
N VAL D 94 -20.69 -37.89 30.09
CA VAL D 94 -21.01 -38.85 29.05
C VAL D 94 -22.42 -39.40 29.24
N LYS D 95 -22.74 -39.80 30.47
CA LYS D 95 -24.05 -40.35 30.79
C LYS D 95 -25.18 -39.38 30.44
N LEU D 96 -24.94 -38.10 30.69
CA LEU D 96 -25.93 -37.07 30.39
C LEU D 96 -26.14 -36.92 28.88
N ILE D 97 -25.04 -37.04 28.14
CA ILE D 97 -25.08 -36.95 26.68
C ILE D 97 -25.95 -38.05 26.09
N ILE D 98 -25.84 -39.26 26.64
CA ILE D 98 -26.58 -40.41 26.15
C ILE D 98 -28.09 -40.24 26.35
N ILE D 99 -28.45 -39.58 27.45
CA ILE D 99 -29.86 -39.34 27.75
C ILE D 99 -30.49 -38.42 26.69
N PHE D 100 -29.70 -37.47 26.21
CA PHE D 100 -30.17 -36.52 25.21
C PHE D 100 -30.30 -37.14 23.81
N VAL D 101 -29.37 -38.03 23.46
CA VAL D 101 -29.41 -38.67 22.14
C VAL D 101 -30.54 -39.69 22.07
N LYS D 102 -30.88 -40.29 23.21
CA LYS D 102 -31.99 -41.23 23.28
C LYS D 102 -33.31 -40.49 23.08
N SER D 103 -33.40 -39.31 23.67
CA SER D 103 -34.60 -38.49 23.56
C SER D 103 -34.61 -37.67 22.26
N HIS D 104 -34.66 -38.37 21.13
CA HIS D 104 -34.69 -37.72 19.83
C HIS D 104 -35.59 -38.48 18.86
N GLN D 105 -35.83 -37.88 17.70
CA GLN D 105 -36.65 -38.51 16.68
C GLN D 105 -35.85 -38.76 15.41
N ASP D 106 -35.84 -40.02 14.95
CA ASP D 106 -35.12 -40.39 13.75
C ASP D 106 -36.06 -40.53 12.56
N SER D 107 -35.61 -40.09 11.39
CA SER D 107 -36.46 -40.00 10.20
C SER D 107 -36.65 -41.33 9.48
N GLU D 108 -35.61 -42.16 9.45
CA GLU D 108 -35.68 -43.46 8.76
C GLU D 108 -36.75 -44.36 9.36
N ASP D 109 -37.64 -44.85 8.51
CA ASP D 109 -38.72 -45.73 8.95
C ASP D 109 -38.53 -47.14 8.43
N LYS D 110 -39.26 -48.09 9.01
CA LYS D 110 -39.17 -49.48 8.61
C LYS D 110 -40.46 -50.23 8.96
N PRO D 112 -31.35 -38.48 7.32
CA PRO D 112 -32.28 -37.36 7.56
C PRO D 112 -32.69 -37.27 9.02
N SER D 113 -31.96 -37.96 9.89
CA SER D 113 -32.26 -37.96 11.32
C SER D 113 -31.60 -36.78 12.03
N ALA D 114 -32.21 -36.35 13.13
CA ALA D 114 -31.63 -35.29 13.95
C ALA D 114 -30.69 -35.88 14.99
N ALA D 115 -30.97 -37.12 15.39
CA ALA D 115 -30.17 -37.81 16.40
C ALA D 115 -28.77 -38.10 15.87
N VAL D 116 -28.67 -38.48 14.60
CA VAL D 116 -27.38 -38.74 13.97
C VAL D 116 -26.59 -37.44 13.86
N ALA D 117 -27.27 -36.37 13.46
CA ALA D 117 -26.63 -35.07 13.34
C ALA D 117 -26.28 -34.50 14.71
N PHE D 118 -27.04 -34.88 15.72
CA PHE D 118 -26.78 -34.44 17.09
C PHE D 118 -25.51 -35.09 17.64
N ASP D 120 -23.11 -36.24 15.87
CA ASP D 120 -22.00 -35.75 15.06
C ASP D 120 -21.44 -34.44 15.60
N SER D 121 -22.33 -33.53 15.99
CA SER D 121 -21.93 -32.22 16.49
C SER D 121 -21.27 -32.33 17.86
N ILE D 122 -21.61 -33.37 18.60
CA ILE D 122 -21.01 -33.61 19.91
C ILE D 122 -19.56 -34.09 19.76
N LEU D 123 -19.34 -34.99 18.81
CA LEU D 123 -17.99 -35.45 18.49
C LEU D 123 -17.16 -34.30 17.93
N ALA D 124 -17.78 -33.50 17.07
CA ALA D 124 -17.12 -32.35 16.46
C ALA D 124 -16.70 -31.36 17.54
N LEU D 125 -17.51 -31.27 18.60
CA LEU D 125 -17.20 -30.40 19.72
C LEU D 125 -16.02 -30.93 20.51
N GLY D 126 -16.01 -32.24 20.75
CA GLY D 126 -14.92 -32.88 21.47
C GLY D 126 -13.60 -32.70 20.74
N VAL D 127 -13.66 -32.73 19.42
CA VAL D 127 -12.48 -32.49 18.59
C VAL D 127 -11.98 -31.06 18.80
N LEU D 128 -12.90 -30.10 18.81
CA LEU D 128 -12.55 -28.69 18.96
C LEU D 128 -11.93 -28.41 20.33
N VAL D 129 -12.50 -28.99 21.38
CA VAL D 129 -12.00 -28.79 22.73
C VAL D 129 -10.62 -29.41 22.92
N ALA D 130 -10.46 -30.62 22.39
CA ALA D 130 -9.17 -31.32 22.46
C ALA D 130 -8.08 -30.52 21.75
N ASN D 131 -8.42 -29.95 20.60
CA ASN D 131 -7.50 -29.09 19.86
C ASN D 131 -7.08 -27.87 20.66
N SER D 132 -8.04 -27.28 21.37
CA SER D 132 -7.78 -26.10 22.19
C SER D 132 -6.90 -26.45 23.39
N HIS D 133 -7.17 -27.60 24.00
CA HIS D 133 -6.39 -28.06 25.14
C HIS D 133 -4.96 -28.39 24.75
N HIS D 134 -4.77 -28.79 23.50
CA HIS D 134 -3.44 -29.18 23.01
C HIS D 134 -2.61 -27.96 22.63
N VAL D 135 -3.27 -26.87 22.25
CA VAL D 135 -2.58 -25.64 21.89
C VAL D 135 -2.25 -24.83 23.14
N LYS D 136 -3.23 -24.66 24.01
CA LYS D 136 -3.05 -23.88 25.23
C LYS D 136 -2.11 -24.55 26.22
N ARG D 137 -2.05 -25.89 26.18
CA ARG D 137 -1.23 -26.65 27.10
C ARG D 137 -0.16 -27.48 26.40
N GLY D 138 1.10 -27.16 26.68
CA GLY D 138 2.21 -27.94 26.17
C GLY D 138 2.73 -28.85 27.27
N GLU D 139 2.70 -30.16 27.00
CA GLU D 139 3.10 -31.19 27.97
C GLU D 139 2.15 -31.27 29.17
N ASN D 140 1.16 -30.39 29.21
CA ASN D 140 0.13 -30.42 30.24
C ASN D 140 -1.19 -30.90 29.66
N PHE D 141 -1.16 -31.29 28.39
CA PHE D 141 -2.34 -31.83 27.74
C PHE D 141 -2.74 -33.15 28.38
N ASN D 142 -3.95 -33.20 28.92
CA ASN D 142 -4.44 -34.39 29.59
C ASN D 142 -4.98 -35.41 28.60
N GLN D 143 -4.13 -36.35 28.19
CA GLN D 143 -4.49 -37.35 27.20
C GLN D 143 -5.51 -38.34 27.77
N ARG D 144 -5.42 -38.59 29.07
CA ARG D 144 -6.26 -39.58 29.73
C ARG D 144 -7.76 -39.25 29.67
N VAL D 145 -8.11 -38.05 30.11
CA VAL D 145 -9.52 -37.66 30.23
C VAL D 145 -10.23 -37.60 28.87
N PHE D 146 -9.55 -37.08 27.86
CA PHE D 146 -10.13 -36.99 26.52
C PHE D 146 -10.32 -38.36 25.90
N TYR D 147 -9.40 -39.28 26.17
CA TYR D 147 -9.52 -40.64 25.69
C TYR D 147 -10.73 -41.32 26.31
N ARG D 148 -10.90 -41.15 27.62
CA ARG D 148 -12.02 -41.74 28.33
C ARG D 148 -13.35 -41.20 27.80
N PHE D 149 -13.35 -39.93 27.40
CA PHE D 149 -14.54 -39.28 26.87
C PHE D 149 -15.01 -39.96 25.58
N PHE D 150 -14.10 -40.13 24.63
CA PHE D 150 -14.44 -40.73 23.35
C PHE D 150 -14.61 -42.26 23.45
N ALA D 151 -13.94 -42.87 24.41
CA ALA D 151 -14.01 -44.32 24.59
C ALA D 151 -15.40 -44.74 25.08
N LEU D 152 -15.93 -44.01 26.05
CA LEU D 152 -17.25 -44.30 26.59
C LEU D 152 -18.35 -44.03 25.56
N LEU D 153 -18.11 -43.06 24.68
CA LEU D 153 -19.03 -42.76 23.61
C LEU D 153 -19.11 -43.92 22.62
N LEU D 154 -17.95 -44.45 22.25
CA LEU D 154 -17.87 -45.61 21.37
C LEU D 154 -18.60 -46.80 21.95
N HIS D 155 -18.41 -47.03 23.25
CA HIS D 155 -19.03 -48.15 23.95
C HIS D 155 -20.54 -48.03 23.98
N GLU D 156 -21.04 -46.80 24.17
CA GLU D 156 -22.47 -46.59 24.33
C GLU D 156 -23.21 -46.59 22.99
N VAL D 157 -22.54 -46.12 21.95
CA VAL D 157 -23.13 -46.15 20.60
C VAL D 157 -23.40 -47.59 20.18
N GLY D 158 -22.49 -48.49 20.55
CA GLY D 158 -22.66 -49.90 20.28
C GLY D 158 -23.87 -50.46 21.01
N LEU D 159 -24.14 -49.94 22.20
CA LEU D 159 -25.30 -50.36 22.97
C LEU D 159 -26.59 -49.84 22.34
N LEU D 160 -26.48 -48.72 21.65
CA LEU D 160 -27.64 -48.10 21.00
C LEU D 160 -27.82 -48.59 19.57
N ALA D 161 -27.28 -49.78 19.28
CA ALA D 161 -27.39 -50.36 17.94
C ALA D 161 -28.83 -50.73 17.62
N GLY D 162 -29.59 -51.13 18.63
CA GLY D 162 -30.97 -51.52 18.46
C GLY D 162 -31.89 -50.33 18.33
N HIS D 163 -31.51 -49.21 18.94
CA HIS D 163 -32.30 -47.99 18.92
C HIS D 163 -32.41 -47.42 17.51
N PHE D 164 -31.27 -47.24 16.85
CA PHE D 164 -31.23 -46.65 15.52
C PHE D 164 -31.44 -47.69 14.43
N SER D 165 -31.86 -47.24 13.26
CA SER D 165 -32.05 -48.12 12.11
C SER D 165 -30.70 -48.51 11.52
N LYS D 166 -30.74 -49.34 10.48
CA LYS D 166 -29.50 -49.78 9.82
C LYS D 166 -28.74 -48.61 9.22
N SER D 167 -29.44 -47.78 8.46
CA SER D 167 -28.82 -46.63 7.80
C SER D 167 -28.29 -45.61 8.80
N HIS D 168 -29.03 -45.42 9.89
CA HIS D 168 -28.65 -44.44 10.90
C HIS D 168 -27.42 -44.86 11.71
N TYR D 169 -27.40 -46.12 12.12
CA TYR D 169 -26.28 -46.62 12.93
C TYR D 169 -24.98 -46.61 12.15
N GLU D 170 -25.07 -46.88 10.84
CA GLU D 170 -23.90 -46.84 9.97
C GLU D 170 -23.36 -45.42 9.87
N GLN D 171 -24.26 -44.45 9.73
CA GLN D 171 -23.88 -43.05 9.63
C GLN D 171 -23.17 -42.55 10.86
N ILE D 172 -23.60 -43.03 12.03
CA ILE D 172 -22.97 -42.65 13.29
C ILE D 172 -21.52 -43.14 13.36
N ILE D 173 -21.31 -44.39 12.97
CA ILE D 173 -19.98 -44.97 12.98
C ILE D 173 -19.06 -44.27 11.98
N LEU D 174 -19.55 -44.08 10.76
CA LEU D 174 -18.78 -43.40 9.72
C LEU D 174 -18.38 -41.99 10.15
N ASN D 175 -19.32 -41.27 10.74
CA ASN D 175 -19.05 -39.94 11.25
C ASN D 175 -18.00 -39.97 12.36
N PHE D 176 -18.06 -41.00 13.20
CA PHE D 176 -17.10 -41.17 14.27
C PHE D 176 -15.70 -41.39 13.70
N ALA D 177 -15.65 -42.08 12.57
CA ALA D 177 -14.39 -42.32 11.87
C ALA D 177 -13.85 -41.03 11.29
N ALA D 178 -14.74 -40.21 10.74
CA ALA D 178 -14.36 -38.94 10.15
C ALA D 178 -13.84 -37.97 11.20
N ARG D 179 -14.53 -37.90 12.34
CA ARG D 179 -14.13 -37.02 13.43
C ARG D 179 -12.83 -37.48 14.08
N LEU D 180 -12.56 -38.78 13.99
CA LEU D 180 -11.36 -39.34 14.59
C LEU D 180 -10.12 -38.92 13.79
N PHE D 181 -10.30 -38.75 12.48
CA PHE D 181 -9.22 -38.32 11.61
C PHE D 181 -8.78 -36.90 11.93
N ASP D 182 -9.71 -36.10 12.44
CA ASP D 182 -9.43 -34.72 12.82
C ASP D 182 -8.50 -34.64 14.03
N ARG D 184 -5.89 -36.83 14.35
CA ARG D 184 -4.75 -37.64 13.95
C ARG D 184 -3.48 -37.12 14.62
N PRO D 185 -2.49 -38.01 14.85
CA PRO D 185 -1.25 -37.64 15.55
C PRO D 185 -0.47 -36.50 14.89
N ASN D 186 -0.73 -36.24 13.61
CA ASN D 186 -0.09 -35.12 12.92
C ASN D 186 -0.54 -33.77 13.45
N LEU D 187 -1.79 -33.72 13.93
CA LEU D 187 -2.36 -32.49 14.48
C LEU D 187 -2.22 -32.46 15.99
N LEU D 188 -2.49 -33.59 16.63
CA LEU D 188 -2.38 -33.71 18.08
C LEU D 188 -1.41 -34.82 18.48
N PRO D 189 -0.11 -34.51 18.45
CA PRO D 189 0.93 -35.50 18.78
C PRO D 189 0.87 -35.97 20.23
N GLY D 190 0.37 -35.12 21.12
CA GLY D 190 0.27 -35.46 22.53
C GLY D 190 -0.92 -36.36 22.83
N PHE D 191 -1.69 -36.65 21.80
CA PHE D 191 -2.88 -37.48 21.92
C PHE D 191 -2.74 -38.70 21.02
N ALA D 192 -1.50 -38.92 20.54
CA ALA D 192 -1.22 -39.98 19.58
C ALA D 192 -1.51 -41.38 20.11
N CYS D 193 -1.03 -41.66 21.33
CA CYS D 193 -1.22 -42.97 21.94
C CYS D 193 -2.70 -43.29 22.14
N ALA D 194 -3.44 -42.33 22.68
CA ALA D 194 -4.87 -42.51 22.92
C ALA D 194 -5.63 -42.64 21.62
N TRP D 195 -5.24 -41.84 20.62
CA TRP D 195 -5.88 -41.88 19.31
C TRP D 195 -5.70 -43.26 18.69
N ALA D 196 -4.54 -43.86 18.92
CA ALA D 196 -4.27 -45.21 18.46
C ALA D 196 -5.18 -46.20 19.19
N GLY D 197 -5.41 -45.96 20.47
CA GLY D 197 -6.28 -46.80 21.27
C GLY D 197 -7.74 -46.68 20.85
N LEU D 198 -8.09 -45.55 20.26
CA LEU D 198 -9.45 -45.32 19.78
C LEU D 198 -9.68 -46.04 18.45
N VAL D 199 -8.66 -46.01 17.59
CA VAL D 199 -8.74 -46.70 16.30
C VAL D 199 -8.73 -48.21 16.51
N SER D 200 -8.04 -48.65 17.56
CA SER D 200 -7.93 -50.07 17.87
C SER D 200 -9.04 -50.53 18.81
N HIS D 201 -9.95 -49.63 19.14
CA HIS D 201 -10.99 -49.92 20.13
C HIS D 201 -11.93 -51.05 19.68
N ARG D 202 -12.38 -51.84 20.65
CA ARG D 202 -13.25 -52.99 20.36
C ARG D 202 -14.66 -52.57 19.97
N ALA D 203 -14.98 -51.30 20.19
CA ALA D 203 -16.30 -50.77 19.89
C ALA D 203 -16.28 -49.97 18.58
N PHE D 204 -15.09 -49.83 18.00
CA PHE D 204 -14.94 -49.08 16.76
C PHE D 204 -14.36 -49.91 15.62
N LEU D 205 -13.25 -50.59 15.90
CA LEU D 205 -12.55 -51.36 14.88
C LEU D 205 -13.38 -52.48 14.21
N PRO D 206 -14.02 -53.36 15.02
CA PRO D 206 -14.77 -54.41 14.35
C PRO D 206 -16.05 -53.93 13.68
N VAL D 207 -16.69 -52.90 14.23
CA VAL D 207 -17.98 -52.46 13.73
C VAL D 207 -17.90 -51.71 12.40
N ILE D 208 -16.82 -50.97 12.19
CA ILE D 208 -16.67 -50.20 10.96
C ILE D 208 -16.30 -51.10 9.78
N LEU D 209 -15.51 -52.13 10.05
CA LEU D 209 -15.12 -53.09 9.03
C LEU D 209 -16.20 -54.18 8.91
N GLY D 210 -17.19 -54.11 9.79
CA GLY D 210 -18.29 -55.05 9.79
C GLY D 210 -19.49 -54.54 9.02
N LEU D 211 -19.44 -53.27 8.64
CA LEU D 211 -20.51 -52.66 7.84
C LEU D 211 -20.60 -53.33 6.48
N PRO D 212 -21.82 -53.58 5.99
CA PRO D 212 -22.05 -54.28 4.73
C PRO D 212 -21.51 -53.50 3.52
N ASP D 213 -21.17 -54.24 2.47
CA ASP D 213 -20.68 -53.65 1.22
C ASP D 213 -19.41 -52.83 1.37
N GLU D 214 -18.60 -53.18 2.37
CA GLU D 214 -17.28 -52.56 2.58
C GLU D 214 -17.36 -51.04 2.73
N LYS D 215 -18.48 -50.54 3.23
CA LYS D 215 -18.70 -49.10 3.34
C LYS D 215 -17.78 -48.44 4.36
N GLY D 216 -17.25 -49.24 5.28
CA GLY D 216 -16.40 -48.72 6.33
C GLY D 216 -14.92 -48.96 6.14
N TRP D 217 -14.58 -49.66 5.05
CA TRP D 217 -13.18 -49.98 4.77
C TRP D 217 -12.39 -48.75 4.33
N ALA D 218 -13.00 -47.94 3.46
CA ALA D 218 -12.37 -46.72 2.98
C ALA D 218 -12.13 -45.66 4.07
N PRO D 219 -13.13 -45.38 4.92
CA PRO D 219 -12.84 -44.39 5.96
C PRO D 219 -11.86 -44.90 7.01
N PHE D 220 -11.89 -46.20 7.32
CA PHE D 220 -10.99 -46.75 8.31
C PHE D 220 -9.54 -46.77 7.83
N THR D 221 -9.36 -47.08 6.55
CA THR D 221 -8.01 -47.17 5.98
C THR D 221 -7.35 -45.79 5.91
N LYS D 222 -8.17 -44.74 5.90
CA LYS D 222 -7.65 -43.37 5.96
C LYS D 222 -7.02 -43.14 7.33
N LEU D 223 -7.66 -43.66 8.37
CA LEU D 223 -7.16 -43.54 9.73
C LEU D 223 -5.92 -44.40 9.92
N LEU D 224 -5.96 -45.62 9.41
CA LEU D 224 -4.85 -46.56 9.58
C LEU D 224 -3.57 -46.07 8.92
N GLU D 225 -3.72 -45.32 7.81
CA GLU D 225 -2.57 -44.73 7.14
C GLU D 225 -1.82 -43.77 8.05
N GLN D 226 -2.57 -42.99 8.83
CA GLN D 226 -1.99 -42.06 9.77
C GLN D 226 -1.33 -42.81 10.92
N PHE D 227 -1.94 -43.93 11.30
CA PHE D 227 -1.42 -44.78 12.37
C PHE D 227 -0.05 -45.32 11.96
N LEU D 228 -0.02 -46.08 10.86
CA LEU D 228 1.20 -46.71 10.39
C LEU D 228 2.27 -45.68 10.04
N GLY D 229 1.85 -44.50 9.58
CA GLY D 229 2.78 -43.46 9.21
C GLY D 229 3.48 -42.86 10.41
N CYS D 230 2.72 -42.65 11.49
CA CYS D 230 3.27 -42.05 12.71
C CYS D 230 4.31 -42.97 13.34
N VAL D 231 4.06 -44.27 13.23
CA VAL D 231 4.99 -45.28 13.77
C VAL D 231 6.24 -45.35 12.91
N GLY D 232 6.05 -45.21 11.60
CA GLY D 232 7.14 -45.27 10.65
C GLY D 232 8.22 -44.23 10.88
N GLU D 233 7.82 -43.04 11.31
CA GLU D 233 8.78 -41.97 11.59
C GLU D 233 9.50 -42.20 12.92
N LEU D 234 8.83 -42.87 13.85
CA LEU D 234 9.40 -43.12 15.16
C LEU D 234 10.53 -44.16 15.13
N VAL D 235 10.38 -45.17 14.28
CA VAL D 235 11.37 -46.23 14.16
C VAL D 235 12.57 -45.79 13.32
N LYS D 236 12.39 -44.74 12.53
CA LYS D 236 13.49 -44.17 11.76
C LYS D 236 14.31 -43.22 12.62
N THR D 237 13.71 -42.74 13.71
CA THR D 237 14.36 -41.79 14.60
C THR D 237 15.14 -42.52 15.69
N PHE D 238 14.99 -43.84 15.73
CA PHE D 238 15.64 -44.69 16.74
C PHE D 238 15.21 -44.28 18.14
N THR D 239 13.91 -44.15 18.35
CA THR D 239 13.36 -43.68 19.61
C THR D 239 13.42 -44.74 20.71
N VAL D 240 13.76 -44.32 21.91
CA VAL D 240 13.79 -45.19 23.08
C VAL D 240 12.69 -44.77 24.04
N SER D 241 12.06 -43.65 23.73
CA SER D 241 11.00 -43.08 24.58
C SER D 241 9.81 -44.03 24.70
N SER D 242 9.02 -43.84 25.76
CA SER D 242 7.84 -44.65 26.00
C SER D 242 6.79 -44.44 24.90
N LEU D 243 6.79 -43.24 24.33
CA LEU D 243 5.88 -42.91 23.24
C LEU D 243 6.11 -43.82 22.04
N GLY D 244 7.38 -44.01 21.68
CA GLY D 244 7.73 -44.84 20.54
C GLY D 244 7.38 -46.31 20.74
N LYS D 245 7.61 -46.80 21.96
CA LYS D 245 7.35 -48.20 22.29
C LYS D 245 5.86 -48.53 22.22
N GLU D 246 5.03 -47.66 22.77
CA GLU D 246 3.59 -47.89 22.78
C GLU D 246 3.01 -47.84 21.38
N TYR D 248 4.57 -48.36 18.52
CA TYR D 248 5.04 -49.52 17.77
C TYR D 248 4.28 -50.76 18.18
N HIS D 249 4.12 -50.96 19.49
CA HIS D 249 3.38 -52.09 20.01
C HIS D 249 1.91 -52.04 19.58
N ALA D 250 1.34 -50.84 19.59
CA ALA D 250 -0.04 -50.65 19.16
C ALA D 250 -0.18 -50.98 17.67
N ALA D 251 0.83 -50.57 16.90
CA ALA D 251 0.87 -50.86 15.47
C ALA D 251 1.10 -52.36 15.28
N LEU D 252 1.85 -52.95 16.20
CA LEU D 252 2.17 -54.36 16.12
C LEU D 252 0.95 -55.21 16.47
N LYS D 253 0.16 -54.74 17.43
CA LYS D 253 -1.02 -55.47 17.87
C LYS D 253 -2.20 -55.31 16.91
N ILE D 254 -2.37 -54.11 16.38
CA ILE D 254 -3.50 -53.84 15.50
C ILE D 254 -3.39 -54.58 14.17
N LEU D 255 -2.16 -54.83 13.72
CA LEU D 255 -1.95 -55.53 12.45
C LEU D 255 -2.10 -57.04 12.62
N ILE D 256 -1.80 -57.54 13.81
CA ILE D 256 -1.99 -58.94 14.13
C ILE D 256 -3.50 -59.24 14.18
N VAL D 257 -4.24 -58.36 14.82
CA VAL D 257 -5.70 -58.48 14.89
C VAL D 257 -6.31 -58.43 13.49
N LEU D 258 -5.89 -57.45 12.70
CA LEU D 258 -6.39 -57.29 11.34
C LEU D 258 -6.12 -58.52 10.46
N GLN D 259 -4.92 -59.07 10.56
CA GLN D 259 -4.56 -60.24 9.76
C GLN D 259 -5.45 -61.44 10.11
N HIS D 260 -5.76 -61.59 11.40
CA HIS D 260 -6.55 -62.72 11.87
C HIS D 260 -8.05 -62.50 11.72
N ASP D 261 -8.52 -61.31 12.11
CA ASP D 261 -9.94 -61.03 12.13
C ASP D 261 -10.50 -60.54 10.80
N PHE D 262 -9.73 -59.69 10.10
CA PHE D 262 -10.18 -59.14 8.83
C PHE D 262 -9.11 -59.28 7.75
N PRO D 263 -8.86 -60.52 7.29
CA PRO D 263 -7.81 -60.75 6.30
C PRO D 263 -8.17 -60.21 4.92
N ILE D 264 -9.45 -60.19 4.60
CA ILE D 264 -9.91 -59.71 3.29
C ILE D 264 -9.60 -58.22 3.12
N TYR D 265 -9.84 -57.44 4.17
CA TYR D 265 -9.53 -56.02 4.16
C TYR D 265 -8.04 -55.77 3.99
N LEU D 266 -7.24 -56.54 4.72
CA LEU D 266 -5.79 -56.39 4.67
C LEU D 266 -5.22 -56.89 3.34
N ASP D 267 -6.04 -57.65 2.61
CA ASP D 267 -5.66 -58.16 1.31
C ASP D 267 -5.99 -57.14 0.21
N LYS D 268 -7.07 -56.40 0.42
CA LYS D 268 -7.57 -55.47 -0.58
C LYS D 268 -6.82 -54.13 -0.54
N PHE D 269 -6.53 -53.66 0.67
CA PHE D 269 -5.83 -52.39 0.84
C PHE D 269 -4.36 -52.60 1.19
N ARG D 270 -3.77 -53.68 0.67
CA ARG D 270 -2.41 -54.05 1.00
C ARG D 270 -1.37 -53.01 0.59
N VAL D 271 -1.49 -52.49 -0.63
CA VAL D 271 -0.51 -51.56 -1.18
C VAL D 271 -0.54 -50.20 -0.50
N GLN D 272 -1.74 -49.65 -0.30
CA GLN D 272 -1.89 -48.35 0.33
C GLN D 272 -1.31 -48.34 1.75
N LEU D 273 -1.46 -49.45 2.46
CA LEU D 273 -0.94 -49.57 3.81
C LEU D 273 0.59 -49.70 3.80
N CYS D 274 1.12 -50.38 2.78
CA CYS D 274 2.56 -50.52 2.63
C CYS D 274 3.22 -49.18 2.29
N GLN D 275 2.48 -48.33 1.59
CA GLN D 275 2.98 -47.00 1.22
C GLN D 275 3.05 -46.08 2.44
N SER D 276 2.34 -46.46 3.50
CA SER D 276 2.36 -45.70 4.75
C SER D 276 3.64 -45.98 5.50
N LEU D 277 4.12 -47.21 5.42
CA LEU D 277 5.29 -47.65 6.14
C LEU D 277 6.56 -47.51 5.30
N PRO D 278 7.71 -47.31 5.96
CA PRO D 278 9.01 -47.34 5.27
C PRO D 278 9.24 -48.74 4.70
N LEU D 279 9.93 -48.84 3.58
CA LEU D 279 10.18 -50.14 2.95
C LEU D 279 11.07 -51.03 3.82
N HIS D 280 12.03 -50.42 4.50
CA HIS D 280 12.97 -51.19 5.32
C HIS D 280 12.31 -51.72 6.60
N ALA D 281 11.17 -51.14 6.97
CA ALA D 281 10.40 -51.65 8.09
C ALA D 281 9.75 -52.98 7.68
N THR D 282 10.56 -54.02 7.62
CA THR D 282 10.14 -55.29 7.04
C THR D 282 9.07 -56.02 7.84
N GLN D 283 9.21 -56.01 9.16
CA GLN D 283 8.28 -56.72 10.04
C GLN D 283 6.84 -56.24 9.90
N LEU D 284 6.65 -54.93 9.99
CA LEU D 284 5.31 -54.33 9.90
C LEU D 284 4.69 -54.59 8.53
N VAL D 285 5.50 -54.49 7.48
CA VAL D 285 5.04 -54.75 6.13
C VAL D 285 4.68 -56.23 5.95
N ASN D 286 5.48 -57.09 6.57
CA ASN D 286 5.27 -58.53 6.48
C ASN D 286 3.96 -58.98 7.11
N LEU D 287 3.53 -58.28 8.15
CA LEU D 287 2.25 -58.57 8.81
C LEU D 287 1.08 -58.38 7.84
N ILE D 288 1.26 -57.45 6.91
CA ILE D 288 0.23 -57.15 5.92
C ILE D 288 0.28 -58.12 4.75
N LEU D 289 1.50 -58.43 4.30
CA LEU D 289 1.70 -59.29 3.13
C LEU D 289 1.36 -60.74 3.42
N ALA D 290 1.74 -61.22 4.60
CA ALA D 290 1.56 -62.63 4.95
C ALA D 290 0.11 -62.98 5.30
N ALA D 291 -0.76 -61.98 5.27
CA ALA D 291 -2.18 -62.19 5.57
C ALA D 291 -2.82 -63.09 4.52
N ILE D 292 -3.63 -64.05 4.98
CA ILE D 292 -4.26 -65.01 4.09
C ILE D 292 -5.79 -64.97 4.21
N PRO D 293 -6.47 -64.69 3.08
CA PRO D 293 -7.93 -64.66 3.00
C PRO D 293 -8.55 -66.00 3.36
N PRO D 294 -9.80 -65.99 3.84
CA PRO D 294 -10.52 -67.22 4.19
C PRO D 294 -10.85 -68.06 2.96
N ASN D 295 -10.91 -67.41 1.79
CA ASN D 295 -11.23 -68.10 0.54
C ASN D 295 -10.19 -69.15 0.19
N CYS D 296 -8.92 -68.83 0.41
CA CYS D 296 -7.84 -69.77 0.17
C CYS D 296 -7.74 -70.77 1.32
N ASN D 297 -8.62 -71.76 1.31
CA ASN D 297 -8.68 -72.75 2.38
C ASN D 297 -7.41 -73.59 2.50
N SER D 298 -6.95 -74.12 1.36
CA SER D 298 -5.79 -75.00 1.36
C SER D 298 -4.54 -74.31 0.81
N LEU D 299 -3.54 -74.14 1.65
CA LEU D 299 -2.26 -73.59 1.24
C LEU D 299 -1.23 -74.70 1.10
N ALA D 300 -0.73 -74.89 -0.12
CA ALA D 300 0.23 -75.94 -0.40
C ALA D 300 1.60 -75.66 0.20
N ASP D 301 2.17 -76.66 0.86
CA ASP D 301 3.50 -76.55 1.45
C ASP D 301 4.53 -76.31 0.35
N PRO D 302 5.29 -75.21 0.46
CA PRO D 302 6.30 -74.82 -0.53
C PRO D 302 7.51 -75.75 -0.56
N PHE D 303 7.67 -76.58 0.46
CA PHE D 303 8.82 -77.47 0.55
C PHE D 303 8.43 -78.93 0.29
N GLN D 304 7.12 -79.17 0.16
CA GLN D 304 6.61 -80.53 0.03
C GLN D 304 6.97 -81.19 -1.30
N ALA D 305 7.89 -82.16 -1.23
CA ALA D 305 8.31 -82.95 -2.39
C ALA D 305 8.73 -82.10 -3.59
N GLY D 306 8.21 -82.46 -4.76
CA GLY D 306 8.46 -81.69 -5.98
C GLY D 306 7.16 -81.16 -6.54
N LEU D 307 6.59 -80.17 -5.85
CA LEU D 307 5.28 -79.64 -6.20
C LEU D 307 5.26 -78.91 -7.54
N LYS D 308 4.11 -78.92 -8.19
CA LYS D 308 3.91 -78.19 -9.43
C LYS D 308 2.97 -77.01 -9.17
N VAL D 309 3.48 -75.80 -9.37
CA VAL D 309 2.71 -74.59 -9.08
C VAL D 309 1.53 -74.41 -10.03
N ASP D 310 1.58 -75.07 -11.18
CA ASP D 310 0.52 -74.96 -12.18
C ASP D 310 -0.71 -75.77 -11.81
N LYS D 311 -0.54 -76.73 -10.91
CA LYS D 311 -1.64 -77.60 -10.49
C LYS D 311 -2.62 -76.86 -9.59
N ILE D 312 -2.13 -75.82 -8.93
CA ILE D 312 -2.96 -75.03 -8.02
C ILE D 312 -3.99 -74.21 -8.79
N PRO D 313 -5.27 -74.43 -8.52
CA PRO D 313 -6.36 -73.70 -9.19
C PRO D 313 -6.44 -72.24 -8.76
N ASP D 314 -6.00 -71.96 -7.53
CA ASP D 314 -6.03 -70.60 -7.00
C ASP D 314 -4.95 -69.74 -7.64
N LYS D 316 -4.51 -69.01 -10.60
CA LYS D 316 -5.04 -68.20 -11.69
C LYS D 316 -6.24 -67.38 -11.23
N GLU D 317 -6.32 -67.13 -9.93
CA GLU D 317 -7.41 -66.35 -9.36
C GLU D 317 -6.97 -64.90 -9.08
N ARG D 318 -7.74 -63.94 -9.59
CA ARG D 318 -7.42 -62.53 -9.42
C ARG D 318 -7.85 -62.00 -8.06
N PRO D 319 -6.89 -61.50 -7.27
CA PRO D 319 -7.15 -60.97 -5.92
C PRO D 319 -7.78 -59.58 -5.97
N PRO D 320 -8.57 -59.24 -4.95
CA PRO D 320 -9.23 -57.93 -4.88
C PRO D 320 -8.27 -56.82 -4.48
N THR D 321 -8.38 -55.66 -5.14
CA THR D 321 -7.56 -54.51 -4.79
C THR D 321 -8.37 -53.22 -4.85
N ALA D 322 -8.18 -52.37 -3.85
CA ALA D 322 -8.89 -51.09 -3.80
C ALA D 322 -7.94 -49.96 -4.14
N PHE D 323 -6.96 -50.26 -4.98
CA PHE D 323 -5.98 -49.27 -5.42
C PHE D 323 -6.05 -49.09 -6.93
N ASP D 324 -6.76 -48.05 -7.36
CA ASP D 324 -6.92 -47.77 -8.78
C ASP D 324 -5.61 -47.27 -9.37
N SER D 325 -4.77 -48.21 -9.80
CA SER D 325 -3.47 -47.88 -10.37
C SER D 325 -3.60 -47.15 -11.71
N ALA D 326 -4.67 -47.47 -12.44
CA ALA D 326 -4.92 -46.84 -13.74
C ALA D 326 -5.36 -45.39 -13.58
N GLY D 327 -6.21 -45.14 -12.59
CA GLY D 327 -6.70 -43.79 -12.33
C GLY D 327 -5.60 -42.86 -11.85
N LEU D 328 -4.75 -43.38 -10.96
CA LEU D 328 -3.61 -42.61 -10.46
C LEU D 328 -2.65 -42.35 -11.61
N LEU D 329 -2.59 -43.30 -12.53
CA LEU D 329 -1.71 -43.18 -13.69
C LEU D 329 -2.25 -42.13 -14.67
N ARG D 330 -3.58 -42.06 -14.80
CA ARG D 330 -4.19 -41.14 -15.73
C ARG D 330 -3.93 -39.68 -15.35
N GLU D 331 -3.89 -39.41 -14.06
CA GLU D 331 -3.69 -38.05 -13.56
C GLU D 331 -2.29 -37.52 -13.90
N ALA D 332 -1.29 -38.38 -13.79
CA ALA D 332 0.09 -37.99 -14.06
C ALA D 332 0.46 -38.26 -15.51
N GLY D 333 -0.46 -38.86 -16.26
CA GLY D 333 -0.21 -39.21 -17.64
C GLY D 333 0.53 -40.53 -17.76
N LEU D 334 0.99 -40.83 -18.98
CA LEU D 334 1.73 -42.06 -19.27
C LEU D 334 0.86 -43.32 -19.13
N LEU D 335 -0.44 -43.13 -18.96
CA LEU D 335 -1.35 -44.27 -18.88
C LEU D 335 -1.60 -44.85 -20.28
N ASP D 336 -1.89 -43.97 -21.24
CA ASP D 336 -2.08 -44.38 -22.62
C ASP D 336 -0.74 -44.74 -23.25
N ILE D 337 0.34 -44.20 -22.69
CA ILE D 337 1.68 -44.48 -23.17
C ILE D 337 2.17 -45.85 -22.69
N LEU D 338 1.78 -46.22 -21.48
CA LEU D 338 2.16 -47.51 -20.93
C LEU D 338 1.47 -48.66 -21.67
N GLU D 339 0.16 -48.53 -21.85
CA GLU D 339 -0.62 -49.58 -22.50
C GLU D 339 -0.22 -49.81 -23.96
N ARG D 340 0.25 -48.75 -24.62
CA ARG D 340 0.70 -48.88 -26.00
C ARG D 340 2.06 -49.56 -26.06
N LEU D 342 2.71 -51.99 -23.80
CA LEU D 342 2.38 -53.35 -23.41
C LEU D 342 2.04 -54.18 -24.65
N GLN D 343 1.49 -53.53 -25.67
CA GLN D 343 1.09 -54.19 -26.90
C GLN D 343 2.21 -54.22 -27.94
N ASN D 344 2.79 -53.05 -28.21
CA ASN D 344 3.78 -52.93 -29.27
C ASN D 344 5.22 -53.15 -28.81
N GLY D 345 5.39 -53.46 -27.53
CA GLY D 345 6.72 -53.68 -26.98
C GLY D 345 7.33 -52.41 -26.42
N PRO D 346 8.57 -52.53 -25.90
CA PRO D 346 9.27 -51.39 -25.28
C PRO D 346 9.84 -50.43 -26.31
N SER D 347 9.71 -49.13 -26.05
CA SER D 347 10.28 -48.09 -26.90
C SER D 347 11.21 -47.20 -26.09
N GLU D 348 12.28 -46.73 -26.72
CA GLU D 348 13.29 -45.94 -26.02
C GLU D 348 12.76 -44.62 -25.49
N ASP D 349 11.80 -44.03 -26.20
CA ASP D 349 11.24 -42.74 -25.81
C ASP D 349 10.16 -42.89 -24.74
N GLY D 350 9.41 -43.99 -24.81
CA GLY D 350 8.34 -44.24 -23.86
C GLY D 350 8.83 -44.48 -22.45
N VAL D 351 9.87 -45.31 -22.32
CA VAL D 351 10.43 -45.64 -21.01
C VAL D 351 11.09 -44.41 -20.37
N ALA D 352 11.69 -43.55 -21.21
CA ALA D 352 12.35 -42.35 -20.73
C ALA D 352 11.35 -41.36 -20.13
N GLN D 353 10.16 -41.31 -20.72
CA GLN D 353 9.10 -40.45 -20.23
C GLN D 353 8.59 -40.92 -18.87
N ILE D 354 8.52 -42.24 -18.70
CA ILE D 354 8.09 -42.82 -17.44
C ILE D 354 9.09 -42.56 -16.33
N ASN D 355 10.38 -42.77 -16.64
CA ASN D 355 11.45 -42.59 -15.67
C ASN D 355 11.50 -41.17 -15.11
N HIS D 356 11.25 -40.19 -15.97
CA HIS D 356 11.28 -38.78 -15.58
C HIS D 356 10.19 -38.47 -14.53
N ALA D 357 9.00 -39.00 -14.74
CA ALA D 357 7.88 -38.76 -13.83
C ALA D 357 8.06 -39.50 -12.52
N ILE D 358 8.80 -40.60 -12.56
CA ILE D 358 9.06 -41.42 -11.37
C ILE D 358 9.96 -40.70 -10.38
N ASN D 359 11.05 -40.13 -10.87
CA ASN D 359 12.02 -39.45 -10.02
C ASN D 359 11.53 -38.10 -9.50
N LYS D 360 10.44 -37.59 -10.06
CA LYS D 360 9.88 -36.32 -9.64
C LYS D 360 9.24 -36.43 -8.26
N SER D 361 10.00 -36.08 -7.22
CA SER D 361 9.51 -36.13 -5.85
C SER D 361 10.29 -35.19 -4.95
N GLY D 369 22.20 -33.34 7.41
CA GLY D 369 22.42 -34.71 6.99
C GLY D 369 21.24 -35.29 6.23
N TYR D 370 20.03 -34.86 6.59
CA TYR D 370 18.82 -35.37 5.96
C TYR D 370 18.72 -34.95 4.49
N VAL D 371 18.28 -35.90 3.65
CA VAL D 371 18.14 -35.67 2.22
C VAL D 371 16.79 -36.21 1.75
N PRO D 372 16.03 -35.38 1.00
CA PRO D 372 14.69 -35.76 0.55
C PRO D 372 14.69 -37.00 -0.34
N LEU D 373 13.61 -37.78 -0.28
CA LEU D 373 13.47 -38.97 -1.11
C LEU D 373 13.43 -38.59 -2.58
N GLY D 374 14.19 -39.30 -3.39
CA GLY D 374 14.35 -38.95 -4.80
C GLY D 374 13.39 -39.65 -5.74
N VAL D 375 12.50 -40.48 -5.20
CA VAL D 375 11.56 -41.22 -6.04
C VAL D 375 10.12 -41.07 -5.57
N ASN D 376 9.18 -41.37 -6.45
CA ASN D 376 7.76 -41.34 -6.13
C ASN D 376 7.21 -42.76 -6.07
N ARG D 377 7.17 -43.32 -4.86
CA ARG D 377 6.72 -44.69 -4.65
C ARG D 377 5.28 -44.92 -5.10
N ARG D 378 4.45 -43.90 -4.93
CA ARG D 378 3.04 -43.97 -5.32
C ARG D 378 2.88 -44.32 -6.79
N LEU D 379 3.60 -43.60 -7.65
CA LEU D 379 3.49 -43.76 -9.09
C LEU D 379 4.11 -45.08 -9.56
N ILE D 380 5.17 -45.51 -8.89
CA ILE D 380 5.84 -46.76 -9.23
C ILE D 380 4.93 -47.96 -9.01
N ASP D 381 4.24 -47.98 -7.86
CA ASP D 381 3.31 -49.06 -7.54
C ASP D 381 2.17 -49.11 -8.55
N ALA D 382 1.84 -47.96 -9.12
CA ALA D 382 0.77 -47.87 -10.12
C ALA D 382 1.20 -48.54 -11.42
N VAL D 383 2.41 -48.25 -11.86
CA VAL D 383 2.95 -48.80 -13.10
C VAL D 383 3.09 -50.32 -13.01
N VAL D 384 3.65 -50.78 -11.91
CA VAL D 384 3.86 -52.21 -11.69
C VAL D 384 2.55 -52.99 -11.73
N ALA D 385 1.50 -52.42 -11.12
CA ALA D 385 0.21 -53.08 -11.06
C ALA D 385 -0.44 -53.23 -12.44
N ARG D 386 -0.14 -52.31 -13.34
CA ARG D 386 -0.72 -52.34 -14.69
C ARG D 386 -0.16 -53.47 -15.54
N PHE D 387 1.07 -53.87 -15.27
CA PHE D 387 1.70 -54.97 -15.98
C PHE D 387 0.95 -56.28 -15.73
N ALA D 388 0.59 -56.51 -14.47
CA ALA D 388 -0.12 -57.71 -14.08
C ALA D 388 -1.54 -57.71 -14.61
N GLU D 389 -2.25 -56.59 -14.41
CA GLU D 389 -3.65 -56.47 -14.80
C GLU D 389 -3.84 -56.68 -16.30
N PHE D 390 -2.84 -56.29 -17.08
CA PHE D 390 -2.89 -56.48 -18.52
C PHE D 390 -2.65 -57.94 -18.88
N ALA D 391 -1.98 -58.66 -17.99
CA ALA D 391 -1.67 -60.07 -18.22
C ALA D 391 -2.85 -60.96 -17.85
N ILE D 392 -3.65 -60.51 -16.89
CA ILE D 392 -4.84 -61.25 -16.47
C ILE D 392 -5.86 -61.25 -17.60
N ASN D 393 -5.90 -60.16 -18.36
CA ASN D 393 -6.83 -60.03 -19.47
C ASN D 393 -6.45 -60.91 -20.66
N ARG D 394 -5.16 -60.98 -20.97
CA ARG D 394 -4.69 -61.79 -22.08
C ARG D 394 -4.76 -63.27 -21.75
N ALA D 395 -4.77 -63.59 -20.46
CA ALA D 395 -4.82 -64.97 -20.00
C ALA D 395 -6.19 -65.58 -20.29
N SER D 396 -7.24 -64.78 -20.16
CA SER D 396 -8.59 -65.23 -20.41
C SER D 396 -8.82 -65.53 -21.89
N SER D 397 -8.15 -64.77 -22.74
CA SER D 397 -8.27 -64.95 -24.18
C SER D 397 -7.60 -66.24 -24.63
N ARG D 398 -6.44 -66.53 -24.07
CA ARG D 398 -5.67 -67.72 -24.43
C ARG D 398 -6.39 -69.00 -24.03
N SER D 399 -6.10 -70.09 -24.75
CA SER D 399 -6.75 -71.37 -24.50
C SER D 399 -6.17 -72.08 -23.27
N ASP D 400 -4.86 -71.93 -23.08
CA ASP D 400 -4.19 -72.56 -21.94
C ASP D 400 -4.47 -71.81 -20.65
N SER D 401 -5.00 -70.60 -20.79
CA SER D 401 -5.38 -69.76 -19.64
C SER D 401 -4.20 -69.46 -18.71
N ALA D 402 -3.00 -69.44 -19.27
CA ALA D 402 -1.80 -69.13 -18.50
C ALA D 402 -1.67 -67.63 -18.28
N ILE D 403 -1.44 -67.24 -17.03
CA ILE D 403 -1.31 -65.84 -16.68
C ILE D 403 -0.05 -65.23 -17.30
N PHE D 404 1.07 -65.90 -17.10
CA PHE D 404 2.35 -65.42 -17.61
C PHE D 404 2.73 -66.11 -18.91
N VAL D 405 3.11 -65.31 -19.91
CA VAL D 405 3.57 -65.86 -21.19
C VAL D 405 4.95 -65.28 -21.53
N ALA D 406 5.95 -66.15 -21.55
CA ALA D 406 7.32 -65.73 -21.83
C ALA D 406 7.48 -65.25 -23.26
N GLY D 407 8.17 -64.12 -23.43
CA GLY D 407 8.43 -63.57 -24.75
C GLY D 407 7.41 -62.53 -25.18
N ALA D 408 6.39 -62.32 -24.35
CA ALA D 408 5.35 -61.34 -24.64
C ALA D 408 5.92 -59.92 -24.62
N ASN D 409 5.21 -59.00 -25.27
CA ASN D 409 5.68 -57.62 -25.41
C ASN D 409 5.78 -56.85 -24.09
N ASP D 410 4.80 -57.04 -23.22
CA ASP D 410 4.76 -56.31 -21.96
C ASP D 410 5.85 -56.77 -20.98
N ILE D 411 6.28 -58.02 -21.13
CA ILE D 411 7.39 -58.55 -20.34
C ILE D 411 8.68 -57.88 -20.77
N LYS D 412 8.85 -57.75 -22.09
CA LYS D 412 10.02 -57.09 -22.65
C LYS D 412 9.97 -55.59 -22.35
N THR D 413 8.77 -55.07 -22.16
CA THR D 413 8.57 -53.68 -21.76
C THR D 413 9.09 -53.49 -20.33
N LEU D 414 8.72 -54.40 -19.45
CA LEU D 414 9.20 -54.39 -18.08
C LEU D 414 10.69 -54.73 -18.03
N GLN D 415 11.14 -55.49 -19.02
CA GLN D 415 12.54 -55.90 -19.11
C GLN D 415 13.46 -54.71 -19.29
N LEU D 417 12.47 -51.61 -18.74
CA LEU D 417 12.11 -50.67 -17.68
C LEU D 417 13.01 -50.81 -16.46
N VAL D 418 13.23 -52.06 -16.03
CA VAL D 418 14.04 -52.31 -14.84
C VAL D 418 15.53 -52.06 -15.08
N THR D 419 15.93 -51.97 -16.35
CA THR D 419 17.34 -51.80 -16.69
C THR D 419 17.72 -50.33 -16.91
N GLU D 420 16.78 -49.56 -17.44
CA GLU D 420 17.03 -48.15 -17.74
C GLU D 420 16.78 -47.25 -16.53
N VAL D 421 15.96 -47.73 -15.61
CA VAL D 421 15.55 -46.95 -14.44
C VAL D 421 16.69 -46.75 -13.44
N SER D 422 16.76 -45.53 -12.89
CA SER D 422 17.73 -45.17 -11.86
C SER D 422 17.84 -46.20 -10.74
N PRO D 423 19.05 -46.43 -10.24
CA PRO D 423 19.32 -47.43 -9.20
C PRO D 423 18.46 -47.27 -7.94
N GLU D 424 18.23 -46.04 -7.51
CA GLU D 424 17.38 -45.80 -6.35
C GLU D 424 15.93 -46.14 -6.68
N ALA D 425 15.49 -45.76 -7.87
CA ALA D 425 14.12 -46.03 -8.30
C ALA D 425 13.95 -47.51 -8.67
N ARG D 426 15.05 -48.17 -9.03
CA ARG D 426 15.01 -49.58 -9.37
C ARG D 426 14.75 -50.42 -8.13
N TYR D 427 15.25 -49.95 -6.99
CA TYR D 427 15.06 -50.62 -5.71
C TYR D 427 13.59 -50.59 -5.31
N TYR D 428 12.94 -49.46 -5.53
CA TYR D 428 11.52 -49.32 -5.25
C TYR D 428 10.72 -50.09 -6.28
N LEU D 429 11.23 -50.15 -7.51
CA LEU D 429 10.55 -50.84 -8.60
C LEU D 429 10.47 -52.34 -8.36
N VAL D 430 11.58 -52.92 -7.89
CA VAL D 430 11.63 -54.36 -7.64
C VAL D 430 10.87 -54.73 -6.36
N SER D 431 10.84 -53.80 -5.40
CA SER D 431 10.14 -54.04 -4.14
C SER D 431 8.63 -54.18 -4.36
N SER D 432 8.12 -53.44 -5.34
CA SER D 432 6.69 -53.50 -5.66
C SER D 432 6.31 -54.85 -6.24
N VAL D 434 7.97 -57.68 -5.55
CA VAL D 434 8.14 -58.65 -4.46
C VAL D 434 6.95 -58.57 -3.50
N ASN D 435 6.41 -57.36 -3.32
CA ASN D 435 5.27 -57.16 -2.44
C ASN D 435 4.02 -57.92 -2.88
N GLU D 436 3.98 -58.33 -4.15
CA GLU D 436 2.84 -59.07 -4.68
C GLU D 436 3.02 -60.57 -4.52
N LEU D 437 4.23 -60.97 -4.13
CA LEU D 437 4.51 -62.38 -3.88
C LEU D 437 3.99 -62.78 -2.51
N ARG D 438 2.71 -63.12 -2.45
CA ARG D 438 2.05 -63.44 -1.19
C ARG D 438 1.44 -64.84 -1.20
N TYR D 439 0.11 -64.92 -1.18
CA TYR D 439 -0.59 -66.19 -1.20
C TYR D 439 -0.93 -66.58 -2.65
N PRO D 440 -1.21 -67.87 -2.90
CA PRO D 440 -1.53 -68.35 -4.25
C PRO D 440 -2.66 -67.57 -4.93
N ASN D 441 -2.30 -66.67 -5.83
CA ASN D 441 -3.26 -65.94 -6.65
C ASN D 441 -2.67 -65.55 -8.00
N ALA D 442 -3.44 -64.80 -8.79
CA ALA D 442 -3.00 -64.39 -10.12
C ALA D 442 -1.85 -63.39 -10.03
N TYR D 443 -1.89 -62.51 -9.04
CA TYR D 443 -0.86 -61.49 -8.87
C TYR D 443 0.49 -62.10 -8.49
N THR D 444 0.47 -63.06 -7.58
CA THR D 444 1.68 -63.75 -7.18
C THR D 444 2.26 -64.57 -8.33
N ASN D 445 1.39 -65.29 -9.03
CA ASN D 445 1.80 -66.15 -10.14
C ASN D 445 2.53 -65.40 -11.25
N TYR D 446 2.00 -64.24 -11.64
CA TYR D 446 2.59 -63.46 -12.70
C TYR D 446 3.94 -62.88 -12.30
N PHE D 447 3.98 -62.19 -11.17
CA PHE D 447 5.21 -61.56 -10.70
C PHE D 447 6.28 -62.56 -10.26
N SER D 448 5.88 -63.82 -10.04
CA SER D 448 6.83 -64.85 -9.67
C SER D 448 7.67 -65.24 -10.87
N GLN D 449 7.01 -65.55 -11.99
CA GLN D 449 7.70 -65.96 -13.20
C GLN D 449 8.36 -64.77 -13.90
N ALA D 450 7.69 -63.62 -13.87
CA ALA D 450 8.20 -62.42 -14.52
C ALA D 450 9.50 -61.95 -13.88
N LEU D 451 9.60 -62.12 -12.56
CA LEU D 451 10.80 -61.75 -11.83
C LEU D 451 11.94 -62.71 -12.19
N LEU D 452 11.57 -63.98 -12.41
CA LEU D 452 12.53 -64.99 -12.80
C LEU D 452 12.93 -64.83 -14.26
N ASP D 453 12.02 -64.31 -15.07
CA ASP D 453 12.29 -64.09 -16.48
C ASP D 453 13.32 -62.98 -16.66
N ILE D 454 13.15 -61.91 -15.88
CA ILE D 454 14.09 -60.79 -15.91
C ILE D 454 15.47 -61.22 -15.41
N PHE D 455 15.47 -62.04 -14.36
CA PHE D 455 16.71 -62.50 -13.76
C PHE D 455 17.50 -63.40 -14.71
N GLY D 456 16.78 -64.14 -15.55
CA GLY D 456 17.42 -65.09 -16.45
C GLY D 456 17.78 -64.51 -17.80
N HIS D 457 17.02 -63.51 -18.24
CA HIS D 457 17.25 -62.87 -19.53
C HIS D 457 18.57 -62.11 -19.56
N ASP D 458 19.34 -62.32 -20.63
CA ASP D 458 20.64 -61.67 -20.80
C ASP D 458 21.59 -61.93 -19.63
N SER D 460 24.48 -63.20 -19.98
CA SER D 460 25.84 -63.02 -20.47
C SER D 460 26.31 -61.58 -20.31
N ASP D 461 25.35 -60.65 -20.36
CA ASP D 461 25.65 -59.23 -20.25
C ASP D 461 26.09 -58.87 -18.83
N PRO D 462 27.22 -58.15 -18.71
CA PRO D 462 27.80 -57.79 -17.41
C PRO D 462 27.01 -56.71 -16.67
N GLU D 463 26.35 -55.83 -17.40
CA GLU D 463 25.58 -54.75 -16.80
C GLU D 463 24.31 -55.27 -16.14
N GLU D 464 23.83 -56.42 -16.60
CA GLU D 464 22.65 -57.05 -16.04
C GLU D 464 22.93 -57.61 -14.66
N ASN D 465 24.20 -57.89 -14.39
CA ASN D 465 24.62 -58.41 -13.08
C ASN D 465 24.38 -57.39 -11.97
N LEU D 466 24.45 -56.11 -12.33
CA LEU D 466 24.19 -55.05 -11.37
C LEU D 466 22.70 -54.98 -11.03
N VAL D 467 21.87 -55.35 -11.99
CA VAL D 467 20.42 -55.43 -11.79
C VAL D 467 20.08 -56.67 -10.98
N ARG D 468 20.76 -57.77 -11.30
CA ARG D 468 20.55 -59.03 -10.60
C ARG D 468 20.99 -58.94 -9.14
N GLU D 469 22.03 -58.14 -8.89
CA GLU D 469 22.55 -57.95 -7.54
C GLU D 469 21.54 -57.21 -6.67
N GLN D 470 20.75 -56.34 -7.29
CA GLN D 470 19.78 -55.54 -6.54
C GLN D 470 18.50 -56.33 -6.29
N ILE D 471 18.25 -57.34 -7.11
CA ILE D 471 17.09 -58.22 -6.94
C ILE D 471 17.33 -59.22 -5.82
N VAL D 472 18.52 -59.80 -5.78
CA VAL D 472 18.86 -60.75 -4.73
C VAL D 472 19.01 -60.04 -3.38
N ARG D 473 19.46 -58.80 -3.42
CA ARG D 473 19.69 -58.01 -2.20
C ARG D 473 18.38 -57.78 -1.44
N VAL D 474 17.33 -57.40 -2.17
CA VAL D 474 16.04 -57.12 -1.56
C VAL D 474 15.33 -58.41 -1.15
N LEU D 475 15.52 -59.48 -1.91
CA LEU D 475 14.95 -60.78 -1.58
C LEU D 475 15.58 -61.31 -0.30
N LEU D 476 16.89 -61.16 -0.18
CA LEU D 476 17.61 -61.64 0.99
C LEU D 476 17.27 -60.83 2.23
N GLU D 477 16.77 -59.62 2.04
CA GLU D 477 16.43 -58.75 3.15
C GLU D 477 15.18 -59.23 3.87
N ARG D 478 14.20 -59.70 3.10
CA ARG D 478 12.91 -60.11 3.63
C ARG D 478 12.92 -61.53 4.20
N VAL D 479 13.70 -62.41 3.59
CA VAL D 479 13.70 -63.82 3.99
C VAL D 479 14.65 -64.10 5.15
N LEU D 480 15.81 -63.45 5.17
CA LEU D 480 16.79 -63.66 6.23
C LEU D 480 16.27 -63.19 7.58
N GLY D 481 15.30 -62.28 7.57
CA GLY D 481 14.68 -61.82 8.79
C GLY D 481 13.95 -62.95 9.49
N TYR D 482 14.00 -62.95 10.82
CA TYR D 482 13.41 -64.04 11.59
C TYR D 482 11.92 -63.86 11.89
N TRP D 483 11.10 -64.26 10.92
CA TRP D 483 9.65 -64.19 11.04
C TRP D 483 9.01 -65.00 9.92
N PRO D 484 7.73 -65.38 10.08
CA PRO D 484 7.01 -66.10 9.02
C PRO D 484 7.00 -65.34 7.70
N GLN D 485 7.19 -66.06 6.60
CA GLN D 485 7.29 -65.44 5.29
C GLN D 485 6.06 -65.74 4.44
N PRO D 486 5.74 -64.84 3.49
CA PRO D 486 4.64 -65.07 2.54
C PRO D 486 4.89 -66.33 1.71
N TRP D 487 3.81 -66.94 1.22
CA TRP D 487 3.90 -68.17 0.45
C TRP D 487 4.65 -67.98 -0.86
N GLY D 488 4.21 -66.99 -1.64
CA GLY D 488 4.82 -66.71 -2.93
C GLY D 488 6.29 -66.34 -2.85
N LEU D 489 6.67 -65.67 -1.76
CA LEU D 489 8.06 -65.26 -1.55
C LEU D 489 8.97 -66.48 -1.44
N ILE D 490 8.53 -67.47 -0.68
CA ILE D 490 9.30 -68.70 -0.51
C ILE D 490 9.32 -69.50 -1.81
N ILE D 491 8.18 -69.52 -2.51
CA ILE D 491 8.07 -70.24 -3.78
C ILE D 491 9.07 -69.75 -4.82
N THR D 492 9.08 -68.44 -5.05
CA THR D 492 9.93 -67.86 -6.09
C THR D 492 11.41 -67.89 -5.75
N ILE D 493 11.72 -67.90 -4.45
CA ILE D 493 13.12 -67.87 -4.02
C ILE D 493 13.72 -69.26 -4.03
N LEU D 494 12.87 -70.29 -3.98
CA LEU D 494 13.31 -71.67 -4.10
C LEU D 494 13.59 -72.01 -5.56
N GLU D 495 12.78 -71.45 -6.45
CA GLU D 495 12.96 -71.66 -7.88
C GLU D 495 14.22 -70.93 -8.34
N LEU D 496 14.59 -69.88 -7.62
CA LEU D 496 15.81 -69.14 -7.89
C LEU D 496 17.02 -69.95 -7.44
N LEU D 497 16.80 -70.82 -6.45
CA LEU D 497 17.86 -71.67 -5.93
C LEU D 497 17.94 -73.00 -6.67
N LYS D 498 16.77 -73.52 -7.05
CA LYS D 498 16.68 -74.84 -7.68
C LYS D 498 17.35 -74.89 -9.06
N ASN D 499 17.10 -73.85 -9.86
CA ASN D 499 17.67 -73.79 -11.21
C ASN D 499 19.18 -73.63 -11.23
N ASP D 500 19.85 -74.49 -11.99
CA ASP D 500 21.30 -74.44 -12.10
C ASP D 500 21.75 -73.30 -13.00
N LYS D 501 20.85 -72.83 -13.86
CA LYS D 501 21.15 -71.77 -14.80
C LYS D 501 21.32 -70.42 -14.13
N TYR D 502 20.55 -70.18 -13.07
CA TYR D 502 20.56 -68.91 -12.37
C TYR D 502 21.91 -68.64 -11.70
N LEU D 503 22.55 -69.71 -11.23
CA LEU D 503 23.84 -69.63 -10.55
C LEU D 503 23.79 -68.66 -9.37
N PHE D 504 22.87 -68.91 -8.44
CA PHE D 504 22.70 -68.07 -7.26
C PHE D 504 23.96 -68.03 -6.41
N PHE D 505 24.51 -69.20 -6.12
CA PHE D 505 25.70 -69.31 -5.28
C PHE D 505 26.93 -68.77 -6.01
N GLU D 506 26.83 -68.64 -7.32
CA GLU D 506 27.92 -68.11 -8.13
C GLU D 506 27.90 -66.58 -8.17
N LEU D 507 26.96 -65.98 -7.44
CA LEU D 507 26.89 -64.52 -7.32
C LEU D 507 28.09 -64.02 -6.54
N PRO D 508 28.79 -63.02 -7.09
CA PRO D 508 30.03 -62.49 -6.49
C PRO D 508 29.81 -61.91 -5.09
N PHE D 509 28.68 -61.25 -4.87
CA PHE D 509 28.38 -60.64 -3.58
C PHE D 509 28.11 -61.70 -2.50
N ILE D 510 27.45 -62.78 -2.89
CA ILE D 510 27.04 -63.82 -1.96
C ILE D 510 28.22 -64.49 -1.25
N LYS D 511 29.35 -64.57 -1.94
CA LYS D 511 30.54 -65.20 -1.37
C LYS D 511 31.18 -64.32 -0.31
N ALA D 512 31.10 -63.00 -0.49
CA ALA D 512 31.69 -62.06 0.44
C ALA D 512 30.95 -62.05 1.78
N THR D 513 29.66 -62.29 1.74
CA THR D 513 28.84 -62.36 2.95
C THR D 513 28.54 -63.80 3.32
N PRO D 514 29.28 -64.35 4.30
CA PRO D 514 29.21 -65.77 4.66
C PRO D 514 27.93 -66.15 5.41
N GLU D 515 27.43 -65.26 6.27
CA GLU D 515 26.28 -65.57 7.10
C GLU D 515 25.01 -65.77 6.28
N VAL D 516 24.80 -64.90 5.31
CA VAL D 516 23.61 -64.97 4.47
C VAL D 516 23.69 -66.17 3.52
N ALA D 517 24.91 -66.58 3.18
CA ALA D 517 25.11 -67.74 2.32
C ALA D 517 24.80 -69.02 3.08
N GLU D 518 24.88 -68.96 4.40
CA GLU D 518 24.59 -70.11 5.25
C GLU D 518 23.08 -70.29 5.40
N ARG D 519 22.34 -69.18 5.41
CA ARG D 519 20.89 -69.24 5.50
C ARG D 519 20.27 -69.68 4.17
N PHE D 520 20.84 -69.21 3.07
CA PHE D 520 20.34 -69.54 1.74
C PHE D 520 20.51 -71.02 1.41
N THR D 521 21.65 -71.58 1.81
CA THR D 521 21.89 -73.00 1.59
C THR D 521 21.09 -73.84 2.57
N ALA D 522 20.62 -73.20 3.65
CA ALA D 522 19.74 -73.85 4.61
C ALA D 522 18.32 -73.84 4.06
N LEU D 523 17.99 -72.78 3.35
CA LEU D 523 16.68 -72.63 2.73
C LEU D 523 16.50 -73.63 1.59
N ALA D 524 17.60 -73.94 0.91
CA ALA D 524 17.59 -74.87 -0.23
C ALA D 524 17.21 -76.28 0.19
N ARG D 525 17.44 -76.61 1.46
CA ARG D 525 17.10 -77.92 1.98
C ARG D 525 15.66 -77.94 2.51
#